data_6J0X
#
_entry.id   6J0X
#
_cell.length_a   72.284
_cell.length_b   99.669
_cell.length_c   167.057
_cell.angle_alpha   90.000
_cell.angle_beta   94.920
_cell.angle_gamma   90.000
#
_symmetry.space_group_name_H-M   'P 1 21 1'
#
loop_
_entity.id
_entity.type
_entity.pdbx_description
1 polymer 'Regulator of Ty1 transposition protein 107'
2 polymer 'Peptide from E3 ubiquitin-protein ligase substrate receptor MMS22'
3 water water
#
loop_
_entity_poly.entity_id
_entity_poly.type
_entity_poly.pdbx_seq_one_letter_code
_entity_poly.pdbx_strand_id
1 'polypeptide(L)'
;MSTSLLFEQLNFLILVAAEAELPIAHSTRKLLMDNSCNNCQIYELYNENLKDVKTDKDWFMNKFGPQTVHFVISNTINFP
FYKIVYFDLLIPVVSHTWVQDSVKTKRHLRTNMYSPNPFHLLRDCQVYISKSSFNKCEYILYSDLLHLLGGTLVNYISNR
TTHVIVQSPQDPIIATVSKLTFGSFSSSSTNKHTEKPLREWKFVYPIWILYHFKMAKPLKGELATLCELDMQDTSEEQLF
AKWEEVIGDKQTSSSQLTLHPNKTLFKNHHFAISPDLNFFTPLYWFLKGFIEDLDGKVTPLSFSDDLKSVYQAFPDIDCY
IGHSANSPILEKTKSIKPEIHVGNVSWLFYMFALQKFTPVSQCKLIHQPFHAKLFTSKELTVAYTNYFGSQRFYIQRLVE
ILGGLSTPELTRKNTHLITKSTIGKKFKVAKKWSLDPQNAIIVTNHMWLEQCYMNNSKLNPKDSRFQNFKLDDNMGWNIG
QIGMDHSSLPTPKNLSMVTYDTQSISEKPPPTN
;
A,B,C,D
2 'polypeptide(L)' SIIYEPEFNENYLWAE E,F,G,H
#
# COMPACT_ATOMS: atom_id res chain seq x y z
N SER A 2 -7.99 -22.40 -3.47
CA SER A 2 -8.46 -21.03 -3.10
C SER A 2 -9.99 -20.98 -3.07
N THR A 3 -10.57 -21.49 -1.97
CA THR A 3 -12.01 -21.61 -1.83
C THR A 3 -12.55 -20.73 -0.69
N SER A 4 -13.86 -20.54 -0.68
CA SER A 4 -14.55 -19.78 0.37
C SER A 4 -16.06 -19.98 0.27
N LEU A 5 -16.80 -19.43 1.22
CA LEU A 5 -18.28 -19.46 1.20
C LEU A 5 -18.93 -18.22 0.55
N LEU A 6 -18.12 -17.32 -0.03
CA LEU A 6 -18.58 -16.01 -0.51
C LEU A 6 -19.93 -16.01 -1.24
N PHE A 7 -20.12 -16.94 -2.18
CA PHE A 7 -21.33 -16.98 -3.01
C PHE A 7 -22.37 -18.02 -2.56
N GLU A 8 -22.36 -18.41 -1.28
CA GLU A 8 -23.29 -19.47 -0.79
C GLU A 8 -24.75 -19.14 -1.12
N GLN A 9 -25.44 -20.12 -1.68
CA GLN A 9 -26.88 -20.05 -2.01
C GLN A 9 -27.27 -19.06 -3.13
N LEU A 10 -26.28 -18.56 -3.87
CA LEU A 10 -26.51 -17.64 -4.99
C LEU A 10 -26.40 -18.41 -6.31
N ASN A 11 -27.34 -18.17 -7.21
CA ASN A 11 -27.40 -18.81 -8.51
C ASN A 11 -26.96 -17.82 -9.59
N PHE A 12 -26.18 -18.30 -10.56
CA PHE A 12 -25.62 -17.46 -11.60
C PHE A 12 -25.96 -17.98 -12.97
N LEU A 13 -26.19 -17.07 -13.90
CA LEU A 13 -26.37 -17.40 -15.30
C LEU A 13 -25.30 -16.66 -16.10
N ILE A 14 -24.38 -17.41 -16.70
CA ILE A 14 -23.33 -16.83 -17.52
C ILE A 14 -23.80 -16.90 -18.94
N LEU A 15 -23.89 -15.75 -19.62
CA LEU A 15 -24.19 -15.69 -21.05
C LEU A 15 -22.90 -15.55 -21.84
N VAL A 16 -22.73 -16.42 -22.82
CA VAL A 16 -21.55 -16.48 -23.67
C VAL A 16 -22.03 -15.98 -25.03
N ALA A 17 -21.51 -14.84 -25.46
CA ALA A 17 -21.96 -14.17 -26.67
C ALA A 17 -21.28 -14.70 -27.95
N ALA A 18 -20.12 -15.32 -27.80
CA ALA A 18 -19.35 -15.84 -28.93
C ALA A 18 -18.49 -17.02 -28.49
N GLU A 19 -18.12 -17.85 -29.46
CA GLU A 19 -17.35 -19.08 -29.22
C GLU A 19 -16.01 -18.78 -28.54
N ALA A 20 -15.41 -17.65 -28.88
CA ALA A 20 -14.12 -17.24 -28.31
C ALA A 20 -14.16 -16.84 -26.83
N GLU A 21 -15.36 -16.58 -26.31
CA GLU A 21 -15.55 -16.29 -24.87
C GLU A 21 -15.62 -17.53 -23.95
N LEU A 22 -15.68 -18.74 -24.50
CA LEU A 22 -15.73 -19.95 -23.63
C LEU A 22 -14.57 -20.02 -22.64
N PRO A 23 -13.34 -19.74 -23.09
CA PRO A 23 -12.28 -19.72 -22.08
C PRO A 23 -12.60 -18.84 -20.86
N ILE A 24 -13.13 -17.63 -21.08
CA ILE A 24 -13.46 -16.74 -19.95
C ILE A 24 -14.69 -17.22 -19.17
N ALA A 25 -15.70 -17.74 -19.88
CA ALA A 25 -16.86 -18.36 -19.24
C ALA A 25 -16.46 -19.47 -18.29
N HIS A 26 -15.57 -20.35 -18.77
CA HIS A 26 -15.01 -21.45 -17.97
C HIS A 26 -14.26 -20.94 -16.73
N SER A 27 -13.41 -19.95 -16.95
CA SER A 27 -12.70 -19.22 -15.87
C SER A 27 -13.61 -18.70 -14.77
N THR A 28 -14.66 -18.01 -15.21
CA THR A 28 -15.61 -17.38 -14.31
C THR A 28 -16.40 -18.44 -13.54
N ARG A 29 -16.80 -19.50 -14.24
CA ARG A 29 -17.54 -20.59 -13.61
C ARG A 29 -16.73 -21.28 -12.52
N LYS A 30 -15.44 -21.50 -12.81
CA LYS A 30 -14.52 -22.09 -11.83
C LYS A 30 -14.43 -21.25 -10.57
N LEU A 31 -14.26 -19.93 -10.73
CA LEU A 31 -14.24 -19.01 -9.57
C LEU A 31 -15.56 -19.02 -8.78
N LEU A 32 -16.69 -19.08 -9.48
CA LEU A 32 -17.99 -19.15 -8.81
C LEU A 32 -18.14 -20.45 -8.04
N MET A 33 -17.80 -21.57 -8.69
CA MET A 33 -17.89 -22.90 -8.07
C MET A 33 -16.91 -23.07 -6.91
N ASP A 34 -15.67 -22.63 -7.08
CA ASP A 34 -14.66 -22.67 -5.99
C ASP A 34 -15.04 -21.81 -4.79
N ASN A 35 -15.90 -20.81 -4.99
CA ASN A 35 -16.36 -19.96 -3.91
C ASN A 35 -17.85 -20.19 -3.57
N SER A 36 -18.30 -21.43 -3.80
CA SER A 36 -19.53 -22.00 -3.21
C SER A 36 -20.83 -21.47 -3.79
N CYS A 37 -20.87 -21.23 -5.10
CA CYS A 37 -22.12 -20.85 -5.73
C CYS A 37 -23.02 -22.05 -5.70
N ASN A 38 -24.33 -21.81 -5.59
CA ASN A 38 -25.29 -22.89 -5.60
C ASN A 38 -25.35 -23.44 -7.02
N ASN A 39 -26.11 -22.80 -7.90
CA ASN A 39 -26.25 -23.20 -9.30
C ASN A 39 -25.47 -22.22 -10.18
N CYS A 40 -24.85 -22.72 -11.25
CA CYS A 40 -24.22 -21.87 -12.26
C CYS A 40 -24.42 -22.35 -13.69
N GLN A 41 -25.47 -21.84 -14.33
CA GLN A 41 -25.78 -22.23 -15.70
C GLN A 41 -24.92 -21.45 -16.69
N ILE A 42 -24.59 -22.09 -17.80
CA ILE A 42 -23.94 -21.46 -18.96
C ILE A 42 -24.92 -21.59 -20.11
N TYR A 43 -25.16 -20.48 -20.79
CA TYR A 43 -26.06 -20.45 -21.93
C TYR A 43 -25.38 -19.74 -23.09
N GLU A 44 -25.20 -20.45 -24.20
CA GLU A 44 -24.55 -19.89 -25.38
C GLU A 44 -25.58 -19.21 -26.26
N LEU A 45 -25.51 -17.89 -26.36
CA LEU A 45 -26.44 -17.10 -27.16
C LEU A 45 -26.21 -17.38 -28.64
N TYR A 46 -24.93 -17.46 -29.01
CA TYR A 46 -24.51 -17.70 -30.39
C TYR A 46 -24.93 -19.05 -30.99
N ASN A 47 -25.29 -20.02 -30.13
CA ASN A 47 -25.51 -21.41 -30.53
C ASN A 47 -26.98 -21.83 -30.58
N GLU A 48 -27.91 -20.89 -30.35
CA GLU A 48 -29.34 -21.18 -30.46
C GLU A 48 -30.02 -20.01 -31.14
N ASN A 49 -30.79 -20.29 -32.20
CA ASN A 49 -31.54 -19.25 -32.89
C ASN A 49 -32.75 -18.90 -32.04
N LEU A 50 -32.65 -17.76 -31.36
CA LEU A 50 -33.75 -17.18 -30.59
C LEU A 50 -34.60 -16.25 -31.45
N LYS A 51 -34.24 -16.07 -32.72
CA LYS A 51 -35.03 -15.25 -33.62
C LYS A 51 -36.42 -15.90 -33.82
N ASP A 52 -37.45 -15.07 -33.68
CA ASP A 52 -38.87 -15.48 -33.72
C ASP A 52 -39.36 -16.33 -32.52
N VAL A 53 -38.53 -16.46 -31.48
CA VAL A 53 -38.96 -16.99 -30.19
C VAL A 53 -39.30 -15.79 -29.32
N LYS A 54 -40.46 -15.80 -28.67
CA LYS A 54 -40.81 -14.71 -27.76
C LYS A 54 -40.09 -14.94 -26.43
N THR A 55 -38.96 -14.26 -26.25
CA THR A 55 -38.13 -14.40 -25.04
C THR A 55 -38.59 -13.45 -23.92
N ASP A 56 -39.78 -13.71 -23.41
CA ASP A 56 -40.46 -12.87 -22.45
C ASP A 56 -40.24 -13.46 -21.05
N LYS A 57 -40.98 -12.96 -20.06
CA LYS A 57 -40.79 -13.40 -18.67
C LYS A 57 -41.09 -14.88 -18.41
N ASP A 58 -42.22 -15.37 -18.93
CA ASP A 58 -42.60 -16.80 -18.82
C ASP A 58 -41.49 -17.69 -19.39
N TRP A 59 -41.03 -17.38 -20.60
CA TRP A 59 -39.93 -18.11 -21.26
C TRP A 59 -38.67 -18.14 -20.39
N PHE A 60 -38.33 -17.02 -19.74
CA PHE A 60 -37.14 -16.94 -18.90
C PHE A 60 -37.26 -17.78 -17.64
N MET A 61 -38.39 -17.66 -16.94
CA MET A 61 -38.65 -18.44 -15.72
C MET A 61 -38.71 -19.95 -16.01
N ASN A 62 -39.19 -20.36 -17.18
CA ASN A 62 -39.21 -21.79 -17.56
C ASN A 62 -37.86 -22.32 -18.07
N LYS A 63 -37.14 -21.54 -18.87
CA LYS A 63 -35.81 -21.94 -19.34
C LYS A 63 -34.77 -22.01 -18.20
N PHE A 64 -34.73 -20.98 -17.36
CA PHE A 64 -33.65 -20.82 -16.38
C PHE A 64 -34.05 -21.00 -14.92
N GLY A 65 -35.34 -21.08 -14.63
CA GLY A 65 -35.85 -21.35 -13.27
C GLY A 65 -36.05 -22.85 -13.03
N PRO A 66 -36.89 -23.23 -12.06
CA PRO A 66 -37.79 -22.34 -11.29
C PRO A 66 -37.11 -21.45 -10.22
N GLN A 67 -35.92 -21.81 -9.75
CA GLN A 67 -35.19 -20.99 -8.78
C GLN A 67 -34.73 -19.68 -9.39
N THR A 68 -34.67 -18.62 -8.57
CA THR A 68 -34.31 -17.30 -9.06
C THR A 68 -32.83 -17.25 -9.46
N VAL A 69 -32.56 -16.52 -10.53
CA VAL A 69 -31.20 -16.22 -10.94
C VAL A 69 -30.86 -14.93 -10.20
N HIS A 70 -29.84 -14.98 -9.36
CA HIS A 70 -29.41 -13.80 -8.60
C HIS A 70 -28.58 -12.83 -9.44
N PHE A 71 -27.79 -13.36 -10.36
CA PHE A 71 -26.93 -12.55 -11.24
C PHE A 71 -26.84 -13.17 -12.62
N VAL A 72 -26.96 -12.32 -13.63
CA VAL A 72 -26.58 -12.67 -14.98
C VAL A 72 -25.19 -12.09 -15.21
N ILE A 73 -24.30 -12.91 -15.74
CA ILE A 73 -22.93 -12.52 -16.01
C ILE A 73 -22.78 -12.44 -17.51
N SER A 74 -22.65 -11.20 -18.01
CA SER A 74 -22.57 -10.92 -19.44
C SER A 74 -21.79 -9.62 -19.64
N ASN A 75 -20.96 -9.57 -20.70
CA ASN A 75 -20.30 -8.33 -21.11
C ASN A 75 -21.01 -7.63 -22.28
N THR A 76 -22.21 -8.10 -22.61
CA THR A 76 -23.07 -7.47 -23.61
C THR A 76 -24.50 -7.36 -23.06
N ILE A 77 -25.24 -6.36 -23.53
CA ILE A 77 -26.69 -6.28 -23.30
C ILE A 77 -27.48 -6.75 -24.53
N ASN A 78 -26.78 -7.09 -25.62
CA ASN A 78 -27.42 -7.46 -26.87
C ASN A 78 -27.88 -8.92 -26.83
N PHE A 79 -28.91 -9.17 -26.02
CA PHE A 79 -29.61 -10.44 -26.03
C PHE A 79 -31.09 -10.11 -25.81
N PRO A 80 -31.99 -10.92 -26.39
CA PRO A 80 -33.38 -10.49 -26.51
C PRO A 80 -34.23 -10.58 -25.23
N PHE A 81 -33.64 -11.08 -24.15
CA PHE A 81 -34.30 -11.10 -22.84
C PHE A 81 -33.64 -10.17 -21.81
N TYR A 82 -32.81 -9.22 -22.27
CA TYR A 82 -32.16 -8.25 -21.35
C TYR A 82 -33.17 -7.34 -20.65
N LYS A 83 -34.15 -6.85 -21.39
CA LYS A 83 -35.15 -5.93 -20.84
C LYS A 83 -36.01 -6.60 -19.77
N ILE A 84 -36.32 -7.87 -20.01
CA ILE A 84 -37.08 -8.69 -19.08
C ILE A 84 -36.27 -8.97 -17.81
N VAL A 85 -35.01 -9.31 -18.01
CA VAL A 85 -34.12 -9.59 -16.91
C VAL A 85 -33.85 -8.32 -16.07
N TYR A 86 -33.57 -7.21 -16.75
CA TYR A 86 -33.04 -6.05 -16.07
C TYR A 86 -34.19 -5.13 -15.58
N PHE A 87 -35.14 -4.82 -16.45
CA PHE A 87 -36.19 -3.84 -16.09
C PHE A 87 -37.40 -4.46 -15.41
N ASP A 88 -37.80 -5.68 -15.80
CA ASP A 88 -38.91 -6.36 -15.14
C ASP A 88 -38.47 -7.14 -13.89
N LEU A 89 -37.66 -8.17 -14.08
CA LEU A 89 -37.33 -9.09 -12.98
C LEU A 89 -36.33 -8.52 -11.96
N LEU A 90 -35.69 -7.40 -12.31
CA LEU A 90 -34.73 -6.71 -11.45
C LEU A 90 -33.52 -7.58 -11.08
N ILE A 91 -33.04 -8.34 -12.05
CA ILE A 91 -31.86 -9.17 -11.85
C ILE A 91 -30.69 -8.33 -12.35
N PRO A 92 -29.64 -8.14 -11.51
CA PRO A 92 -28.46 -7.39 -11.99
C PRO A 92 -27.72 -8.12 -13.13
N VAL A 93 -27.23 -7.36 -14.10
CA VAL A 93 -26.45 -7.89 -15.22
C VAL A 93 -25.05 -7.29 -15.09
N VAL A 94 -24.09 -8.14 -14.74
CA VAL A 94 -22.71 -7.68 -14.46
C VAL A 94 -21.67 -8.38 -15.30
N SER A 95 -20.56 -7.68 -15.51
CA SER A 95 -19.46 -8.17 -16.35
C SER A 95 -18.66 -9.23 -15.61
N HIS A 96 -17.81 -9.93 -16.37
CA HIS A 96 -16.95 -10.99 -15.82
C HIS A 96 -16.03 -10.46 -14.75
N THR A 97 -15.65 -9.19 -14.89
CA THR A 97 -14.81 -8.50 -13.92
C THR A 97 -15.44 -8.44 -12.53
N TRP A 98 -16.77 -8.38 -12.46
CA TRP A 98 -17.48 -8.38 -11.17
C TRP A 98 -17.17 -9.62 -10.36
N VAL A 99 -17.12 -10.77 -11.01
CA VAL A 99 -16.78 -12.03 -10.35
C VAL A 99 -15.33 -11.99 -9.86
N GLN A 100 -14.42 -11.60 -10.75
CA GLN A 100 -13.00 -11.55 -10.41
C GLN A 100 -12.72 -10.60 -9.25
N ASP A 101 -13.30 -9.40 -9.31
CA ASP A 101 -13.14 -8.40 -8.24
C ASP A 101 -13.82 -8.84 -6.94
N SER A 102 -14.97 -9.51 -7.04
CA SER A 102 -15.70 -9.99 -5.85
C SER A 102 -14.93 -11.06 -5.08
N VAL A 103 -14.24 -11.94 -5.80
CA VAL A 103 -13.44 -12.98 -5.17
C VAL A 103 -12.20 -12.38 -4.51
N LYS A 104 -11.54 -11.44 -5.18
CA LYS A 104 -10.32 -10.81 -4.63
C LYS A 104 -10.57 -9.95 -3.39
N THR A 105 -11.68 -9.24 -3.35
CA THR A 105 -12.01 -8.36 -2.20
C THR A 105 -12.88 -9.04 -1.14
N LYS A 106 -13.32 -10.27 -1.41
CA LYS A 106 -14.15 -11.04 -0.51
C LYS A 106 -15.31 -10.25 0.12
N ARG A 107 -16.09 -9.61 -0.75
CA ARG A 107 -17.47 -9.21 -0.45
C ARG A 107 -18.29 -8.99 -1.71
N HIS A 108 -19.62 -9.05 -1.55
CA HIS A 108 -20.53 -8.82 -2.67
C HIS A 108 -20.45 -7.35 -3.05
N LEU A 109 -19.92 -7.08 -4.24
CA LEU A 109 -19.69 -5.72 -4.68
C LEU A 109 -20.97 -5.12 -5.23
N ARG A 110 -21.06 -3.80 -5.16
CA ARG A 110 -22.13 -3.09 -5.80
C ARG A 110 -22.08 -3.36 -7.31
N THR A 111 -23.23 -3.68 -7.88
CA THR A 111 -23.30 -4.18 -9.24
C THR A 111 -23.25 -3.08 -10.28
N ASN A 112 -23.85 -1.93 -9.97
CA ASN A 112 -23.97 -0.79 -10.88
C ASN A 112 -22.75 -0.50 -11.75
N MET A 113 -21.58 -0.44 -11.13
CA MET A 113 -20.36 -0.07 -11.84
C MET A 113 -19.86 -1.17 -12.78
N TYR A 114 -20.39 -2.38 -12.63
CA TYR A 114 -20.05 -3.50 -13.52
C TYR A 114 -21.11 -3.78 -14.59
N SER A 115 -22.07 -2.89 -14.75
CA SER A 115 -23.07 -3.03 -15.83
C SER A 115 -22.43 -2.87 -17.19
N PRO A 116 -22.76 -3.75 -18.15
CA PRO A 116 -22.26 -3.57 -19.53
C PRO A 116 -23.17 -2.73 -20.41
N ASN A 117 -24.24 -2.15 -19.85
CA ASN A 117 -25.14 -1.28 -20.63
C ASN A 117 -24.39 0.02 -20.89
N PRO A 118 -24.10 0.32 -22.14
CA PRO A 118 -23.38 1.58 -22.37
C PRO A 118 -24.22 2.87 -22.18
N PHE A 119 -25.52 2.74 -21.90
CA PHE A 119 -26.35 3.86 -21.43
C PHE A 119 -26.09 4.19 -19.97
N HIS A 120 -25.48 3.27 -19.23
CA HIS A 120 -25.23 3.51 -17.81
C HIS A 120 -24.01 4.41 -17.59
N LEU A 121 -24.12 5.63 -18.07
CA LEU A 121 -23.00 6.56 -18.12
C LEU A 121 -22.60 7.05 -16.74
N LEU A 122 -23.53 7.00 -15.78
CA LEU A 122 -23.27 7.41 -14.41
C LEU A 122 -23.09 6.24 -13.45
N ARG A 123 -22.70 5.09 -14.00
CA ARG A 123 -22.47 3.86 -13.22
C ARG A 123 -21.50 4.00 -12.04
N ASP A 124 -20.54 4.91 -12.14
CA ASP A 124 -19.55 5.17 -11.07
C ASP A 124 -20.00 6.25 -10.09
N CYS A 125 -21.24 6.72 -10.17
CA CYS A 125 -21.65 7.88 -9.38
C CYS A 125 -22.54 7.48 -8.17
N GLN A 126 -22.21 8.07 -7.02
CA GLN A 126 -23.01 7.98 -5.80
C GLN A 126 -23.53 9.38 -5.55
N VAL A 127 -24.84 9.56 -5.72
CA VAL A 127 -25.41 10.88 -5.90
C VAL A 127 -26.47 11.15 -4.83
N TYR A 128 -26.38 12.32 -4.20
CA TYR A 128 -27.34 12.73 -3.20
C TYR A 128 -28.14 13.89 -3.80
N ILE A 129 -29.47 13.74 -3.84
CA ILE A 129 -30.35 14.73 -4.42
C ILE A 129 -30.88 15.56 -3.26
N SER A 130 -30.67 16.87 -3.30
CA SER A 130 -30.96 17.72 -2.16
C SER A 130 -32.45 18.05 -2.11
N LYS A 131 -33.14 17.52 -1.11
CA LYS A 131 -34.59 17.71 -1.00
C LYS A 131 -34.98 19.16 -0.70
N SER A 132 -34.13 19.90 -0.03
CA SER A 132 -34.33 21.33 0.18
C SER A 132 -34.19 22.17 -1.09
N SER A 133 -33.58 21.63 -2.15
CA SER A 133 -33.58 22.26 -3.50
C SER A 133 -34.82 22.00 -4.36
N PHE A 134 -35.51 20.87 -4.14
CA PHE A 134 -36.53 20.41 -5.12
C PHE A 134 -37.85 20.09 -4.47
N ASN A 135 -38.95 20.34 -5.18
CA ASN A 135 -40.23 19.76 -4.79
C ASN A 135 -40.21 18.24 -5.04
N LYS A 136 -41.10 17.55 -4.34
CA LYS A 136 -41.35 16.09 -4.48
C LYS A 136 -41.30 15.49 -5.89
N CYS A 137 -41.87 16.18 -6.87
CA CYS A 137 -42.04 15.61 -8.20
C CYS A 137 -40.73 15.69 -8.97
N GLU A 138 -40.05 16.82 -8.82
CA GLU A 138 -38.69 16.99 -9.32
C GLU A 138 -37.75 15.93 -8.73
N TYR A 139 -37.83 15.73 -7.42
CA TYR A 139 -37.02 14.72 -6.74
C TYR A 139 -37.21 13.32 -7.32
N ILE A 140 -38.46 12.91 -7.49
CA ILE A 140 -38.77 11.62 -8.09
C ILE A 140 -38.20 11.53 -9.50
N LEU A 141 -38.38 12.57 -10.31
CA LEU A 141 -37.94 12.54 -11.69
C LEU A 141 -36.44 12.38 -11.81
N TYR A 142 -35.69 13.20 -11.07
CA TYR A 142 -34.23 13.17 -11.08
C TYR A 142 -33.69 11.83 -10.58
N SER A 143 -34.38 11.24 -9.60
CA SER A 143 -34.04 9.89 -9.11
C SER A 143 -34.29 8.83 -10.18
N ASP A 144 -35.39 8.95 -10.90
CA ASP A 144 -35.71 8.00 -11.96
C ASP A 144 -34.64 8.03 -13.04
N LEU A 145 -34.31 9.24 -13.52
CA LEU A 145 -33.31 9.39 -14.57
C LEU A 145 -31.91 8.94 -14.16
N LEU A 146 -31.49 9.28 -12.94
CA LEU A 146 -30.17 8.84 -12.45
C LEU A 146 -30.09 7.32 -12.39
N HIS A 147 -31.12 6.69 -11.84
CA HIS A 147 -31.19 5.23 -11.78
C HIS A 147 -31.13 4.64 -13.17
N LEU A 148 -31.84 5.26 -14.10
CA LEU A 148 -31.84 4.85 -15.50
C LEU A 148 -30.48 5.02 -16.21
N LEU A 149 -29.68 5.99 -15.74
CA LEU A 149 -28.30 6.15 -16.19
C LEU A 149 -27.29 5.31 -15.38
N GLY A 150 -27.78 4.38 -14.55
CA GLY A 150 -26.93 3.45 -13.82
C GLY A 150 -26.29 3.93 -12.53
N GLY A 151 -26.52 5.20 -12.15
CA GLY A 151 -26.00 5.71 -10.89
C GLY A 151 -26.70 5.15 -9.66
N THR A 152 -26.12 5.45 -8.51
CA THR A 152 -26.62 5.01 -7.21
C THR A 152 -27.15 6.23 -6.47
N LEU A 153 -28.34 6.10 -5.88
CA LEU A 153 -28.89 7.13 -4.98
C LEU A 153 -28.50 6.85 -3.54
N VAL A 154 -27.97 7.88 -2.87
CA VAL A 154 -27.76 7.86 -1.42
C VAL A 154 -28.60 8.95 -0.76
N ASN A 155 -29.00 8.72 0.50
CA ASN A 155 -29.79 9.68 1.30
C ASN A 155 -28.94 10.46 2.31
N TYR A 156 -27.63 10.45 2.12
CA TYR A 156 -26.66 11.03 3.05
C TYR A 156 -25.41 11.43 2.26
N ILE A 157 -24.70 12.44 2.74
CA ILE A 157 -23.41 12.81 2.15
C ILE A 157 -22.30 12.16 2.96
N SER A 158 -21.40 11.45 2.28
CA SER A 158 -20.27 10.77 2.91
C SER A 158 -19.00 11.04 2.11
N ASN A 159 -17.91 10.41 2.54
CA ASN A 159 -16.69 10.38 1.74
C ASN A 159 -16.90 9.69 0.38
N ARG A 160 -17.80 8.70 0.33
CA ARG A 160 -18.11 7.95 -0.92
C ARG A 160 -19.09 8.67 -1.89
N THR A 161 -19.73 9.76 -1.45
CA THR A 161 -20.65 10.51 -2.30
C THR A 161 -19.84 11.25 -3.33
N THR A 162 -20.19 11.13 -4.62
CA THR A 162 -19.49 11.80 -5.72
C THR A 162 -20.15 13.13 -6.15
N HIS A 163 -21.48 13.23 -6.05
CA HIS A 163 -22.22 14.39 -6.57
C HIS A 163 -23.42 14.78 -5.70
N VAL A 164 -23.59 16.09 -5.48
CA VAL A 164 -24.74 16.63 -4.78
C VAL A 164 -25.50 17.50 -5.78
N ILE A 165 -26.79 17.22 -5.95
CA ILE A 165 -27.59 17.93 -6.94
C ILE A 165 -28.29 19.07 -6.21
N VAL A 166 -28.17 20.28 -6.74
CA VAL A 166 -28.85 21.44 -6.19
C VAL A 166 -29.47 22.24 -7.34
N GLN A 167 -30.48 23.04 -7.04
CA GLN A 167 -31.17 23.86 -8.04
C GLN A 167 -30.43 25.16 -8.30
N SER A 168 -29.93 25.76 -7.22
CA SER A 168 -29.40 27.10 -7.25
C SER A 168 -28.46 27.27 -6.06
N PRO A 169 -27.69 28.38 -6.03
CA PRO A 169 -26.90 28.67 -4.84
C PRO A 169 -27.68 29.11 -3.60
N GLN A 170 -29.01 29.24 -3.67
CA GLN A 170 -29.85 29.56 -2.49
C GLN A 170 -30.21 28.35 -1.62
N ASP A 171 -29.89 27.14 -2.06
CA ASP A 171 -30.18 25.93 -1.28
C ASP A 171 -29.41 25.96 0.05
N PRO A 172 -30.12 25.94 1.20
CA PRO A 172 -29.49 25.94 2.53
C PRO A 172 -28.29 24.98 2.68
N ILE A 173 -28.36 23.81 2.07
CA ILE A 173 -27.33 22.78 2.21
C ILE A 173 -25.91 23.19 1.81
N ILE A 174 -25.76 24.11 0.86
CA ILE A 174 -24.44 24.54 0.41
C ILE A 174 -23.69 25.19 1.57
N ALA A 175 -24.37 26.12 2.25
CA ALA A 175 -23.83 26.78 3.44
C ALA A 175 -23.64 25.79 4.58
N THR A 176 -24.62 24.91 4.81
CA THR A 176 -24.59 23.96 5.93
C THR A 176 -23.49 22.90 5.82
N VAL A 177 -22.98 22.64 4.61
CA VAL A 177 -21.86 21.71 4.40
C VAL A 177 -20.49 22.43 4.30
N SER A 178 -20.50 23.71 3.94
CA SER A 178 -19.28 24.54 3.96
C SER A 178 -18.76 24.71 5.41
N LYS A 179 -19.68 24.96 6.34
CA LYS A 179 -19.39 24.96 7.78
C LYS A 179 -18.69 23.68 8.26
N LEU A 180 -19.23 22.52 7.86
CA LEU A 180 -18.70 21.21 8.30
C LEU A 180 -17.34 20.85 7.70
N THR A 181 -17.11 21.23 6.43
CA THR A 181 -15.84 21.00 5.75
C THR A 181 -15.24 22.32 5.26
N GLU A 200 -13.12 14.18 -2.32
CA GLU A 200 -14.10 15.26 -2.35
C GLU A 200 -15.14 15.05 -3.44
N TRP A 201 -16.21 15.83 -3.35
CA TRP A 201 -17.41 15.66 -4.18
C TRP A 201 -17.90 17.00 -4.72
N LYS A 202 -18.69 16.93 -5.79
CA LYS A 202 -19.06 18.09 -6.60
C LYS A 202 -20.53 18.48 -6.45
N PHE A 203 -20.78 19.77 -6.31
CA PHE A 203 -22.14 20.32 -6.40
C PHE A 203 -22.45 20.57 -7.86
N VAL A 204 -23.58 20.04 -8.34
CA VAL A 204 -24.01 20.26 -9.73
C VAL A 204 -25.50 20.54 -9.86
N TYR A 205 -25.86 21.20 -10.95
CA TYR A 205 -27.27 21.42 -11.30
C TYR A 205 -27.85 20.14 -11.90
N PRO A 206 -29.19 19.99 -11.90
CA PRO A 206 -29.76 18.76 -12.47
C PRO A 206 -29.49 18.51 -13.95
N ILE A 207 -29.18 19.56 -14.69
CA ILE A 207 -28.70 19.41 -16.07
C ILE A 207 -27.47 18.51 -16.24
N TRP A 208 -26.69 18.26 -15.19
CA TRP A 208 -25.67 17.20 -15.18
C TRP A 208 -26.28 15.82 -15.51
N ILE A 209 -27.40 15.48 -14.86
CA ILE A 209 -28.10 14.21 -15.11
C ILE A 209 -28.76 14.24 -16.49
N LEU A 210 -29.49 15.31 -16.75
CA LEU A 210 -30.30 15.45 -17.96
C LEU A 210 -29.50 15.42 -19.24
N TYR A 211 -28.32 16.02 -19.23
CA TYR A 211 -27.46 16.02 -20.41
C TYR A 211 -27.08 14.58 -20.83
N HIS A 212 -26.70 13.75 -19.86
CA HIS A 212 -26.36 12.35 -20.13
C HIS A 212 -27.55 11.57 -20.68
N PHE A 213 -28.74 11.84 -20.13
CA PHE A 213 -29.94 11.19 -20.63
C PHE A 213 -30.21 11.55 -22.07
N LYS A 214 -30.12 12.85 -22.38
CA LYS A 214 -30.51 13.36 -23.70
C LYS A 214 -29.47 13.06 -24.76
N MET A 215 -28.20 13.27 -24.44
CA MET A 215 -27.12 13.11 -25.41
C MET A 215 -26.47 11.73 -25.42
N ALA A 216 -26.58 10.99 -24.31
CA ALA A 216 -25.99 9.66 -24.19
C ALA A 216 -24.48 9.60 -24.48
N LYS A 217 -23.75 10.56 -23.95
CA LYS A 217 -22.28 10.53 -23.93
C LYS A 217 -21.80 11.21 -22.66
N PRO A 218 -20.54 10.95 -22.26
CA PRO A 218 -20.01 11.68 -21.10
C PRO A 218 -20.00 13.20 -21.30
N LEU A 219 -20.22 13.93 -20.21
CA LEU A 219 -20.39 15.37 -20.22
C LEU A 219 -19.01 15.95 -20.07
N LYS A 220 -18.58 16.75 -21.03
CA LYS A 220 -17.18 17.23 -21.08
C LYS A 220 -17.08 18.69 -21.51
N GLY A 221 -15.93 19.27 -21.21
CA GLY A 221 -15.55 20.59 -21.73
C GLY A 221 -16.36 21.72 -21.12
N GLU A 222 -16.71 22.71 -21.96
CA GLU A 222 -17.47 23.88 -21.51
C GLU A 222 -18.83 23.52 -20.92
N LEU A 223 -19.52 22.56 -21.53
CA LEU A 223 -20.84 22.16 -21.05
C LEU A 223 -20.77 21.56 -19.64
N ALA A 224 -19.73 20.77 -19.37
CA ALA A 224 -19.49 20.25 -18.02
C ALA A 224 -19.38 21.37 -16.98
N THR A 225 -18.67 22.44 -17.33
CA THR A 225 -18.50 23.61 -16.46
C THR A 225 -19.83 24.35 -16.22
N LEU A 226 -20.67 24.44 -17.24
CA LEU A 226 -21.99 25.06 -17.08
C LEU A 226 -22.94 24.31 -16.12
N CYS A 227 -22.71 23.00 -15.91
CA CYS A 227 -23.49 22.23 -14.93
C CYS A 227 -23.02 22.35 -13.47
N GLU A 228 -21.82 22.90 -13.23
CA GLU A 228 -21.30 23.08 -11.88
C GLU A 228 -22.04 24.18 -11.12
N LEU A 229 -22.23 24.00 -9.83
CA LEU A 229 -22.75 25.06 -8.97
C LEU A 229 -21.88 26.32 -9.11
N ASP A 230 -22.53 27.45 -9.40
CA ASP A 230 -21.89 28.75 -9.53
C ASP A 230 -22.58 29.67 -8.54
N MET A 231 -21.85 30.13 -7.52
CA MET A 231 -22.43 30.99 -6.47
C MET A 231 -22.88 32.37 -6.97
N GLN A 232 -22.46 32.76 -8.18
CA GLN A 232 -22.95 33.99 -8.82
C GLN A 232 -24.26 33.86 -9.61
N ASP A 233 -24.83 32.65 -9.70
CA ASP A 233 -26.16 32.46 -10.32
C ASP A 233 -27.26 32.78 -9.30
N THR A 234 -27.40 34.07 -9.02
CA THR A 234 -28.22 34.58 -7.92
C THR A 234 -29.69 34.78 -8.28
N SER A 235 -30.02 34.74 -9.57
CA SER A 235 -31.43 34.84 -10.02
C SER A 235 -31.87 33.61 -10.85
N GLU A 236 -33.17 33.50 -11.09
CA GLU A 236 -33.72 32.43 -11.96
C GLU A 236 -33.27 32.58 -13.41
N GLU A 237 -33.09 33.81 -13.87
CA GLU A 237 -32.70 34.09 -15.24
C GLU A 237 -31.37 33.45 -15.64
N GLN A 238 -30.42 33.40 -14.71
CA GLN A 238 -29.11 32.82 -14.96
C GLN A 238 -29.18 31.29 -15.02
N LEU A 239 -30.05 30.69 -14.21
CA LEU A 239 -30.31 29.27 -14.29
C LEU A 239 -30.95 28.91 -15.64
N PHE A 240 -32.01 29.62 -16.06
CA PHE A 240 -32.66 29.32 -17.35
C PHE A 240 -31.65 29.34 -18.50
N ALA A 241 -30.73 30.30 -18.46
CA ALA A 241 -29.71 30.46 -19.52
C ALA A 241 -28.73 29.30 -19.60
N LYS A 242 -28.29 28.79 -18.45
CA LYS A 242 -27.44 27.59 -18.42
C LYS A 242 -28.20 26.35 -18.89
N TRP A 243 -29.44 26.19 -18.45
CA TRP A 243 -30.30 25.10 -18.93
C TRP A 243 -30.45 25.11 -20.46
N GLU A 244 -30.65 26.29 -21.05
CA GLU A 244 -30.78 26.41 -22.51
C GLU A 244 -29.46 26.14 -23.26
N GLU A 245 -28.32 26.46 -22.65
CA GLU A 245 -27.03 26.17 -23.27
C GLU A 245 -26.69 24.67 -23.22
N VAL A 246 -27.04 24.00 -22.13
CA VAL A 246 -26.65 22.59 -21.91
C VAL A 246 -27.62 21.55 -22.51
N ILE A 247 -28.93 21.74 -22.37
CA ILE A 247 -29.91 20.78 -22.93
C ILE A 247 -30.94 21.37 -23.89
N GLY A 248 -30.80 22.65 -24.25
CA GLY A 248 -31.73 23.30 -25.15
C GLY A 248 -31.58 22.90 -26.61
N ASP A 249 -31.98 23.79 -27.51
CA ASP A 249 -31.87 23.56 -28.96
C ASP A 249 -30.41 23.37 -29.38
N LYS A 250 -29.93 22.14 -29.23
CA LYS A 250 -28.58 21.75 -29.60
C LYS A 250 -28.46 21.70 -31.12
N GLN A 251 -29.43 21.00 -31.73
CA GLN A 251 -29.47 20.68 -33.17
C GLN A 251 -28.43 19.63 -33.62
N THR A 252 -27.22 19.66 -33.06
CA THR A 252 -26.31 18.50 -33.14
C THR A 252 -26.93 17.29 -32.42
N SER A 253 -26.68 16.12 -33.00
CA SER A 253 -27.41 14.90 -32.67
C SER A 253 -27.00 14.29 -31.35
N SER A 254 -27.83 13.38 -30.87
CA SER A 254 -27.50 12.53 -29.73
C SER A 254 -26.57 11.39 -30.20
N SER A 255 -25.71 10.91 -29.30
CA SER A 255 -24.88 9.72 -29.56
C SER A 255 -25.68 8.46 -29.25
N GLN A 256 -25.13 7.31 -29.61
CA GLN A 256 -25.72 5.99 -29.29
C GLN A 256 -27.20 5.86 -29.71
N LEU A 257 -27.45 6.12 -30.98
CA LEU A 257 -28.80 6.24 -31.51
C LEU A 257 -29.58 4.94 -31.61
N THR A 258 -28.90 3.81 -31.50
CA THR A 258 -29.56 2.51 -31.62
C THR A 258 -29.86 1.86 -30.27
N LEU A 259 -29.46 2.50 -29.18
CA LEU A 259 -29.74 1.96 -27.84
C LEU A 259 -31.24 2.00 -27.57
N HIS A 260 -31.88 3.11 -27.93
CA HIS A 260 -33.33 3.28 -27.76
C HIS A 260 -33.99 3.55 -29.11
N PRO A 261 -34.02 2.55 -30.01
CA PRO A 261 -34.32 2.79 -31.43
C PRO A 261 -35.77 3.14 -31.79
N ASN A 262 -36.73 2.89 -30.90
CA ASN A 262 -38.13 3.15 -31.23
C ASN A 262 -38.48 4.61 -31.06
N LYS A 263 -38.40 5.35 -32.17
CA LYS A 263 -38.67 6.79 -32.17
C LYS A 263 -40.14 7.15 -32.38
N THR A 264 -41.01 6.15 -32.50
CA THR A 264 -42.46 6.36 -32.51
C THR A 264 -43.14 5.70 -31.31
N LEU A 265 -42.43 5.61 -30.19
CA LEU A 265 -42.89 4.88 -29.00
C LEU A 265 -44.25 5.38 -28.51
N PHE A 266 -44.45 6.70 -28.56
CA PHE A 266 -45.70 7.32 -28.12
C PHE A 266 -46.56 7.85 -29.27
N LYS A 267 -46.40 7.28 -30.47
CA LYS A 267 -47.23 7.65 -31.62
C LYS A 267 -48.72 7.39 -31.34
N ASN A 268 -49.57 8.36 -31.68
CA ASN A 268 -51.03 8.29 -31.49
C ASN A 268 -51.43 8.24 -29.99
N HIS A 269 -50.58 8.80 -29.14
CA HIS A 269 -50.88 8.94 -27.72
C HIS A 269 -50.71 10.42 -27.38
N HIS A 270 -51.56 10.91 -26.50
CA HIS A 270 -51.62 12.32 -26.16
C HIS A 270 -51.76 12.38 -24.64
N PHE A 271 -50.76 12.96 -23.97
CA PHE A 271 -50.70 12.98 -22.51
C PHE A 271 -51.24 14.28 -21.96
N ALA A 272 -52.15 14.19 -20.99
CA ALA A 272 -52.53 15.35 -20.17
C ALA A 272 -51.64 15.36 -18.93
N ILE A 273 -51.01 16.49 -18.66
CA ILE A 273 -50.04 16.61 -17.57
C ILE A 273 -50.70 17.35 -16.42
N SER A 274 -50.89 16.65 -15.31
CA SER A 274 -51.50 17.21 -14.11
C SER A 274 -50.77 18.46 -13.62
N PRO A 275 -51.52 19.43 -13.05
CA PRO A 275 -50.84 20.57 -12.44
C PRO A 275 -50.22 20.26 -11.08
N ASP A 276 -50.50 19.08 -10.52
CA ASP A 276 -49.82 18.68 -9.26
C ASP A 276 -48.31 18.40 -9.45
N LEU A 277 -47.84 18.21 -10.68
CA LEU A 277 -46.40 18.03 -10.92
C LEU A 277 -45.57 19.27 -10.57
N ASN A 278 -45.93 20.41 -11.16
CA ASN A 278 -45.32 21.70 -10.83
C ASN A 278 -43.79 21.66 -10.94
N PHE A 279 -43.30 21.50 -12.16
CA PHE A 279 -41.87 21.42 -12.43
C PHE A 279 -41.28 22.80 -12.67
N PHE A 280 -40.02 22.97 -12.28
CA PHE A 280 -39.18 24.03 -12.84
C PHE A 280 -39.45 24.09 -14.33
N THR A 281 -39.78 25.28 -14.84
CA THR A 281 -40.23 25.41 -16.23
C THR A 281 -39.29 24.72 -17.26
N PRO A 282 -37.98 24.95 -17.18
CA PRO A 282 -37.11 24.23 -18.12
C PRO A 282 -37.10 22.72 -17.94
N LEU A 283 -37.43 22.20 -16.75
CA LEU A 283 -37.65 20.76 -16.57
C LEU A 283 -38.92 20.29 -17.30
N TYR A 284 -39.98 21.07 -17.23
CA TYR A 284 -41.19 20.74 -17.98
C TYR A 284 -40.90 20.72 -19.49
N TRP A 285 -40.08 21.64 -19.97
CA TRP A 285 -39.67 21.63 -21.37
C TRP A 285 -38.91 20.36 -21.74
N PHE A 286 -37.96 19.97 -20.90
CA PHE A 286 -37.27 18.70 -21.10
C PHE A 286 -38.27 17.51 -21.20
N LEU A 287 -39.21 17.40 -20.26
CA LEU A 287 -40.20 16.31 -20.27
C LEU A 287 -41.12 16.34 -21.49
N LYS A 288 -41.56 17.55 -21.85
CA LYS A 288 -42.36 17.77 -23.05
C LYS A 288 -41.62 17.32 -24.29
N GLY A 289 -40.35 17.74 -24.38
CA GLY A 289 -39.48 17.39 -25.49
C GLY A 289 -39.20 15.90 -25.58
N PHE A 290 -39.05 15.24 -24.43
CA PHE A 290 -38.92 13.79 -24.37
C PHE A 290 -40.16 13.09 -25.00
N ILE A 291 -41.36 13.44 -24.57
CA ILE A 291 -42.57 12.84 -25.12
C ILE A 291 -42.68 13.12 -26.62
N GLU A 292 -42.48 14.37 -27.02
CA GLU A 292 -42.65 14.78 -28.43
C GLU A 292 -41.63 14.18 -29.39
N ASP A 293 -40.37 14.03 -28.97
CA ASP A 293 -39.36 13.34 -29.79
C ASP A 293 -39.68 11.84 -29.99
N LEU A 294 -40.49 11.25 -29.10
CA LEU A 294 -41.06 9.91 -29.28
C LEU A 294 -42.46 9.94 -29.93
N ASP A 295 -42.83 11.07 -30.52
CA ASP A 295 -44.03 11.22 -31.36
C ASP A 295 -45.37 11.29 -30.61
N GLY A 296 -45.32 11.48 -29.30
CA GLY A 296 -46.53 11.75 -28.54
C GLY A 296 -46.86 13.22 -28.49
N LYS A 297 -48.02 13.52 -27.93
CA LYS A 297 -48.43 14.90 -27.71
C LYS A 297 -48.63 15.19 -26.24
N VAL A 298 -48.51 16.47 -25.89
CA VAL A 298 -48.59 16.95 -24.52
C VAL A 298 -49.57 18.14 -24.44
N THR A 299 -50.52 18.06 -23.52
CA THR A 299 -51.34 19.20 -23.11
C THR A 299 -51.20 19.35 -21.59
N PRO A 300 -50.69 20.52 -21.12
CA PRO A 300 -50.64 20.77 -19.69
C PRO A 300 -52.00 21.20 -19.16
N LEU A 301 -52.43 20.59 -18.06
CA LEU A 301 -53.65 21.01 -17.34
C LEU A 301 -53.26 22.00 -16.28
N SER A 302 -54.11 23.00 -16.05
CA SER A 302 -53.93 23.92 -14.91
C SER A 302 -55.10 23.79 -13.95
N PHE A 303 -54.93 24.29 -12.73
CA PHE A 303 -56.00 24.23 -11.73
C PHE A 303 -57.26 24.98 -12.15
N SER A 304 -57.08 26.07 -12.91
CA SER A 304 -58.20 26.89 -13.39
C SER A 304 -58.97 26.33 -14.59
N ASP A 305 -58.41 25.37 -15.34
CA ASP A 305 -59.09 24.80 -16.50
C ASP A 305 -60.47 24.22 -16.14
N ASP A 306 -61.43 24.40 -17.03
CA ASP A 306 -62.67 23.63 -17.03
C ASP A 306 -62.33 22.31 -17.75
N LEU A 307 -62.31 21.21 -17.02
CA LEU A 307 -61.82 19.94 -17.57
C LEU A 307 -62.70 19.32 -18.66
N LYS A 308 -64.00 19.58 -18.60
CA LYS A 308 -64.91 19.04 -19.61
C LYS A 308 -64.54 19.57 -21.00
N SER A 309 -64.34 20.87 -21.12
CA SER A 309 -64.05 21.50 -22.42
C SER A 309 -62.62 21.26 -22.91
N VAL A 310 -61.68 21.02 -22.00
CA VAL A 310 -60.31 20.65 -22.38
C VAL A 310 -60.32 19.30 -23.10
N TYR A 311 -60.94 18.31 -22.45
CA TYR A 311 -61.04 16.96 -22.99
C TYR A 311 -62.00 16.87 -24.19
N GLN A 312 -62.94 17.81 -24.30
CA GLN A 312 -63.77 17.88 -25.50
C GLN A 312 -63.06 18.60 -26.65
N ALA A 313 -62.19 19.57 -26.35
CA ALA A 313 -61.39 20.24 -27.38
C ALA A 313 -60.24 19.40 -27.96
N PHE A 314 -59.70 18.50 -27.15
CA PHE A 314 -58.63 17.60 -27.58
C PHE A 314 -59.04 16.14 -27.26
N PRO A 315 -59.98 15.60 -28.06
CA PRO A 315 -60.54 14.25 -27.78
C PRO A 315 -59.57 13.07 -27.99
N ASP A 316 -58.45 13.30 -28.67
CA ASP A 316 -57.38 12.29 -28.71
C ASP A 316 -56.63 12.06 -27.36
N ILE A 317 -56.75 12.95 -26.38
CA ILE A 317 -56.14 12.71 -25.04
C ILE A 317 -56.55 11.33 -24.53
N ASP A 318 -55.55 10.46 -24.35
CA ASP A 318 -55.76 9.10 -23.89
C ASP A 318 -54.94 8.71 -22.63
N CYS A 319 -54.14 9.63 -22.10
CA CYS A 319 -53.25 9.38 -20.95
C CYS A 319 -53.24 10.58 -19.99
N TYR A 320 -53.30 10.30 -18.70
CA TYR A 320 -53.14 11.31 -17.66
C TYR A 320 -51.83 11.00 -16.94
N ILE A 321 -51.01 12.04 -16.73
CA ILE A 321 -49.75 11.95 -15.99
C ILE A 321 -49.85 12.83 -14.74
N GLY A 322 -49.80 12.21 -13.56
CA GLY A 322 -49.91 12.93 -12.28
C GLY A 322 -49.04 12.37 -11.17
N HIS A 323 -48.80 13.19 -10.16
CA HIS A 323 -48.05 12.76 -9.00
C HIS A 323 -48.88 11.97 -8.00
N SER A 324 -50.06 12.49 -7.66
CA SER A 324 -50.88 11.97 -6.57
C SER A 324 -52.16 11.24 -7.03
N ALA A 325 -52.43 10.07 -6.44
CA ALA A 325 -53.67 9.30 -6.72
C ALA A 325 -54.95 9.99 -6.21
N ASN A 326 -54.80 10.92 -5.26
CA ASN A 326 -55.93 11.58 -4.60
C ASN A 326 -56.23 13.00 -5.12
N SER A 327 -55.56 13.40 -6.19
CA SER A 327 -55.83 14.68 -6.85
C SER A 327 -57.28 14.78 -7.35
N PRO A 328 -57.97 15.89 -7.02
CA PRO A 328 -59.31 16.20 -7.57
C PRO A 328 -59.35 16.26 -9.11
N ILE A 329 -58.27 16.73 -9.74
CA ILE A 329 -58.13 16.75 -11.21
C ILE A 329 -58.26 15.32 -11.77
N LEU A 330 -57.58 14.38 -11.12
CA LEU A 330 -57.64 12.98 -11.52
C LEU A 330 -59.01 12.38 -11.31
N GLU A 331 -59.66 12.74 -10.20
CA GLU A 331 -61.04 12.31 -9.92
C GLU A 331 -62.03 12.83 -10.98
N LYS A 332 -61.95 14.10 -11.31
CA LYS A 332 -62.77 14.65 -12.39
C LYS A 332 -62.41 14.04 -13.76
N THR A 333 -61.11 13.90 -14.05
CA THR A 333 -60.63 13.31 -15.30
C THR A 333 -61.21 11.90 -15.52
N LYS A 334 -61.10 11.04 -14.51
CA LYS A 334 -61.64 9.66 -14.58
C LYS A 334 -63.16 9.61 -14.81
N SER A 335 -63.87 10.59 -14.25
CA SER A 335 -65.31 10.72 -14.44
C SER A 335 -65.66 11.01 -15.91
N ILE A 336 -64.95 11.97 -16.50
CA ILE A 336 -65.16 12.40 -17.89
C ILE A 336 -64.61 11.37 -18.88
N LYS A 337 -63.43 10.81 -18.58
CA LYS A 337 -62.71 9.88 -19.47
C LYS A 337 -62.44 8.53 -18.78
N PRO A 338 -63.47 7.66 -18.68
CA PRO A 338 -63.36 6.44 -17.86
C PRO A 338 -62.33 5.38 -18.32
N GLU A 339 -61.94 5.39 -19.59
CA GLU A 339 -60.94 4.43 -20.10
C GLU A 339 -59.53 5.04 -20.22
N ILE A 340 -59.31 6.23 -19.66
CA ILE A 340 -58.03 6.91 -19.77
C ILE A 340 -56.91 6.17 -19.00
N HIS A 341 -55.71 6.13 -19.56
CA HIS A 341 -54.55 5.57 -18.89
C HIS A 341 -54.09 6.51 -17.75
N VAL A 342 -53.97 5.98 -16.54
CA VAL A 342 -53.57 6.79 -15.37
C VAL A 342 -52.18 6.38 -14.87
N GLY A 343 -51.18 7.19 -15.18
CA GLY A 343 -49.79 6.90 -14.81
C GLY A 343 -49.09 8.09 -14.20
N ASN A 344 -47.85 7.86 -13.78
CA ASN A 344 -47.01 8.94 -13.24
C ASN A 344 -45.84 9.13 -14.21
N VAL A 345 -44.94 10.06 -13.91
CA VAL A 345 -43.78 10.31 -14.76
C VAL A 345 -42.87 9.07 -14.85
N SER A 346 -42.73 8.34 -13.75
CA SER A 346 -41.95 7.09 -13.72
C SER A 346 -42.43 6.06 -14.77
N TRP A 347 -43.75 6.00 -14.96
CA TRP A 347 -44.36 5.14 -15.96
C TRP A 347 -43.81 5.43 -17.36
N LEU A 348 -43.69 6.71 -17.71
CA LEU A 348 -43.20 7.10 -19.03
C LEU A 348 -41.79 6.55 -19.29
N PHE A 349 -40.91 6.72 -18.31
CA PHE A 349 -39.53 6.26 -18.41
C PHE A 349 -39.39 4.75 -18.35
N TYR A 350 -40.27 4.07 -17.63
CA TYR A 350 -40.34 2.60 -17.68
C TYR A 350 -40.75 2.12 -19.09
N MET A 351 -41.70 2.81 -19.71
CA MET A 351 -42.08 2.50 -21.09
C MET A 351 -40.91 2.73 -22.05
N PHE A 352 -40.16 3.81 -21.83
CA PHE A 352 -38.93 4.10 -22.60
C PHE A 352 -37.85 3.04 -22.42
N ALA A 353 -37.67 2.57 -21.19
CA ALA A 353 -36.80 1.43 -20.89
C ALA A 353 -37.19 0.15 -21.61
N LEU A 354 -38.46 -0.19 -21.57
CA LEU A 354 -38.95 -1.43 -22.24
C LEU A 354 -39.08 -1.28 -23.75
N GLN A 355 -39.06 -0.05 -24.27
CA GLN A 355 -39.27 0.24 -25.71
C GLN A 355 -40.61 -0.27 -26.25
N LYS A 356 -41.62 -0.25 -25.38
CA LYS A 356 -42.97 -0.60 -25.76
C LYS A 356 -43.94 0.18 -24.89
N PHE A 357 -44.96 0.76 -25.52
CA PHE A 357 -46.08 1.34 -24.79
C PHE A 357 -46.75 0.22 -24.01
N THR A 358 -46.90 0.41 -22.71
CA THR A 358 -47.34 -0.65 -21.82
C THR A 358 -48.40 -0.08 -20.88
N PRO A 359 -49.63 -0.65 -20.88
CA PRO A 359 -50.62 -0.17 -19.91
C PRO A 359 -50.15 -0.34 -18.46
N VAL A 360 -50.64 0.55 -17.61
CA VAL A 360 -50.15 0.69 -16.25
C VAL A 360 -50.41 -0.56 -15.41
N SER A 361 -51.53 -1.24 -15.66
CA SER A 361 -51.83 -2.53 -15.01
C SER A 361 -50.82 -3.64 -15.32
N GLN A 362 -50.14 -3.54 -16.46
CA GLN A 362 -49.02 -4.43 -16.81
C GLN A 362 -47.64 -3.91 -16.34
N CYS A 363 -47.61 -2.75 -15.71
CA CYS A 363 -46.39 -2.19 -15.12
C CYS A 363 -46.38 -2.50 -13.61
N LYS A 364 -45.48 -1.85 -12.86
CA LYS A 364 -45.31 -2.07 -11.42
C LYS A 364 -46.06 -1.08 -10.54
N LEU A 365 -46.27 -1.44 -9.27
CA LEU A 365 -46.98 -0.60 -8.30
C LEU A 365 -46.53 0.88 -8.34
N ILE A 366 -45.22 1.06 -8.49
CA ILE A 366 -44.59 2.38 -8.46
C ILE A 366 -44.86 3.26 -9.68
N HIS A 367 -45.54 2.73 -10.69
CA HIS A 367 -45.86 3.48 -11.89
C HIS A 367 -47.24 4.13 -11.88
N GLN A 368 -48.00 3.90 -10.81
CA GLN A 368 -49.28 4.57 -10.59
C GLN A 368 -49.03 5.84 -9.80
N PRO A 369 -49.91 6.85 -9.98
CA PRO A 369 -49.87 8.02 -9.10
C PRO A 369 -49.87 7.58 -7.64
N PHE A 370 -49.12 8.30 -6.80
CA PHE A 370 -48.80 7.78 -5.49
C PHE A 370 -49.97 7.82 -4.51
N HIS A 371 -50.10 6.75 -3.73
CA HIS A 371 -51.07 6.68 -2.64
C HIS A 371 -50.75 7.71 -1.57
N ALA A 372 -51.76 8.02 -0.76
CA ALA A 372 -51.59 8.83 0.45
C ALA A 372 -50.56 8.15 1.37
N LYS A 373 -49.83 8.93 2.14
CA LYS A 373 -48.88 8.44 3.17
C LYS A 373 -49.52 7.40 4.11
N LEU A 374 -48.98 6.18 4.12
CA LEU A 374 -49.51 5.10 4.94
C LEU A 374 -48.89 5.11 6.37
N PHE A 375 -47.56 5.11 6.43
CA PHE A 375 -46.80 5.01 7.68
C PHE A 375 -46.07 6.31 7.98
N THR A 376 -45.61 6.45 9.22
CA THR A 376 -44.60 7.44 9.62
C THR A 376 -43.20 6.78 9.76
N SER A 377 -42.17 7.61 9.93
CA SER A 377 -40.79 7.17 10.24
C SER A 377 -40.68 6.32 11.49
N LYS A 378 -41.41 6.71 12.52
CA LYS A 378 -41.40 6.03 13.82
C LYS A 378 -41.96 4.60 13.71
N GLU A 379 -42.84 4.39 12.73
CA GLU A 379 -43.41 3.07 12.44
C GLU A 379 -42.65 2.29 11.38
N LEU A 380 -41.82 2.97 10.59
CA LEU A 380 -41.19 2.38 9.40
C LEU A 380 -39.88 3.09 9.06
N THR A 381 -38.82 2.73 9.78
CA THR A 381 -37.44 3.14 9.47
C THR A 381 -36.70 1.84 9.21
N VAL A 382 -36.53 1.48 7.93
CA VAL A 382 -36.15 0.10 7.59
C VAL A 382 -34.74 -0.03 7.06
N ALA A 383 -34.08 -1.12 7.44
CA ALA A 383 -32.88 -1.60 6.79
C ALA A 383 -33.22 -2.80 5.94
N TYR A 384 -32.35 -3.10 5.00
CA TYR A 384 -32.54 -4.22 4.08
C TYR A 384 -31.23 -4.97 3.86
N THR A 385 -31.31 -6.22 3.39
CA THR A 385 -30.12 -7.04 3.11
C THR A 385 -30.34 -8.05 1.98
N ASN A 386 -29.29 -8.27 1.19
CA ASN A 386 -29.27 -9.15 0.00
C ASN A 386 -30.06 -8.61 -1.20
N TYR A 387 -30.26 -7.30 -1.26
CA TYR A 387 -30.93 -6.66 -2.39
C TYR A 387 -29.87 -5.97 -3.22
N PHE A 388 -29.77 -6.35 -4.50
CA PHE A 388 -28.73 -5.85 -5.39
C PHE A 388 -29.31 -4.94 -6.46
N GLY A 389 -28.62 -3.82 -6.70
CA GLY A 389 -28.83 -3.00 -7.89
C GLY A 389 -30.21 -2.41 -7.97
N SER A 390 -30.98 -2.78 -9.00
CA SER A 390 -32.31 -2.22 -9.18
C SER A 390 -33.29 -2.59 -8.07
N GLN A 391 -33.00 -3.67 -7.35
CA GLN A 391 -33.78 -4.06 -6.18
C GLN A 391 -33.57 -3.13 -5.00
N ARG A 392 -32.34 -2.60 -4.86
CA ARG A 392 -32.07 -1.54 -3.89
C ARG A 392 -32.89 -0.30 -4.28
N PHE A 393 -32.86 0.07 -5.55
CA PHE A 393 -33.64 1.22 -6.00
C PHE A 393 -35.13 1.02 -5.69
N TYR A 394 -35.64 -0.17 -6.01
CA TYR A 394 -37.05 -0.45 -5.91
C TYR A 394 -37.49 -0.42 -4.46
N ILE A 395 -36.70 -1.02 -3.57
CA ILE A 395 -37.08 -1.08 -2.17
C ILE A 395 -37.07 0.30 -1.51
N GLN A 396 -36.12 1.15 -1.89
CA GLN A 396 -36.08 2.52 -1.38
C GLN A 396 -37.24 3.37 -1.90
N ARG A 397 -37.58 3.25 -3.19
CA ARG A 397 -38.74 3.93 -3.72
C ARG A 397 -40.02 3.51 -2.99
N LEU A 398 -40.19 2.21 -2.75
CA LEU A 398 -41.39 1.68 -2.11
C LEU A 398 -41.58 2.19 -0.65
N VAL A 399 -40.49 2.17 0.11
CA VAL A 399 -40.45 2.64 1.50
C VAL A 399 -40.73 4.14 1.57
N GLU A 400 -40.18 4.88 0.62
CA GLU A 400 -40.43 6.31 0.45
C GLU A 400 -41.92 6.60 0.27
N ILE A 401 -42.54 5.94 -0.71
CA ILE A 401 -43.93 6.19 -1.06
C ILE A 401 -44.90 5.60 -0.05
N LEU A 402 -44.43 4.69 0.81
CA LEU A 402 -45.20 4.21 1.96
C LEU A 402 -45.24 5.21 3.10
N GLY A 403 -44.26 6.12 3.14
CA GLY A 403 -44.14 7.17 4.16
C GLY A 403 -42.99 7.02 5.15
N GLY A 404 -42.15 6.00 4.96
CA GLY A 404 -41.04 5.72 5.87
C GLY A 404 -39.66 6.13 5.36
N LEU A 405 -38.65 5.81 6.19
CA LEU A 405 -37.26 6.06 5.88
C LEU A 405 -36.56 4.72 5.64
N SER A 406 -35.59 4.67 4.73
CA SER A 406 -34.73 3.49 4.59
C SER A 406 -33.28 3.90 4.88
N THR A 407 -32.56 3.05 5.61
CA THR A 407 -31.18 3.32 6.06
C THR A 407 -30.13 2.46 5.31
N PRO A 408 -28.90 3.00 5.17
CA PRO A 408 -27.80 2.21 4.56
C PRO A 408 -27.30 1.06 5.45
N GLU A 409 -27.32 1.28 6.77
CA GLU A 409 -26.84 0.32 7.77
C GLU A 409 -27.95 -0.07 8.76
N LEU A 410 -27.72 -1.19 9.46
CA LEU A 410 -28.61 -1.69 10.50
C LEU A 410 -28.17 -1.16 11.87
N THR A 411 -28.99 -0.29 12.47
CA THR A 411 -28.76 0.19 13.85
C THR A 411 -30.02 -0.10 14.68
N ARG A 412 -29.98 0.27 15.97
CA ARG A 412 -31.13 0.09 16.88
C ARG A 412 -32.26 1.08 16.59
N LYS A 413 -31.96 2.14 15.83
CA LYS A 413 -32.98 3.06 15.30
C LYS A 413 -33.98 2.37 14.32
N ASN A 414 -33.55 1.32 13.63
CA ASN A 414 -34.37 0.63 12.64
C ASN A 414 -35.56 -0.12 13.25
N THR A 415 -36.75 0.10 12.71
CA THR A 415 -37.98 -0.58 13.13
C THR A 415 -38.15 -1.95 12.47
N HIS A 416 -37.58 -2.11 11.28
CA HIS A 416 -37.67 -3.37 10.52
C HIS A 416 -36.35 -3.68 9.81
N LEU A 417 -36.06 -4.97 9.64
CA LEU A 417 -35.11 -5.43 8.63
C LEU A 417 -35.89 -6.17 7.58
N ILE A 418 -35.67 -5.80 6.32
CA ILE A 418 -36.30 -6.47 5.18
C ILE A 418 -35.30 -7.45 4.56
N THR A 419 -35.71 -8.69 4.34
CA THR A 419 -34.80 -9.73 3.84
C THR A 419 -35.49 -10.70 2.86
N LYS A 420 -34.70 -11.18 1.91
CA LYS A 420 -35.10 -12.21 0.93
C LYS A 420 -34.88 -13.61 1.46
N SER A 421 -33.86 -13.76 2.32
CA SER A 421 -33.28 -15.06 2.68
C SER A 421 -32.69 -15.01 4.08
N THR A 422 -32.07 -16.12 4.51
CA THR A 422 -31.45 -16.23 5.84
C THR A 422 -29.93 -15.99 5.86
N ILE A 423 -29.30 -15.77 4.69
CA ILE A 423 -27.85 -15.58 4.63
C ILE A 423 -27.43 -14.18 5.09
N GLY A 424 -26.16 -14.03 5.45
CA GLY A 424 -25.58 -12.74 5.78
C GLY A 424 -25.65 -12.35 7.24
N LYS A 425 -24.88 -11.31 7.57
CA LYS A 425 -24.61 -10.88 8.95
C LYS A 425 -25.69 -9.98 9.53
N LYS A 426 -26.27 -9.11 8.69
CA LYS A 426 -27.38 -8.24 9.12
C LYS A 426 -28.60 -9.06 9.57
N PHE A 427 -28.95 -10.10 8.80
CA PHE A 427 -30.03 -11.02 9.19
C PHE A 427 -29.77 -11.70 10.52
N LYS A 428 -28.53 -12.13 10.75
CA LYS A 428 -28.17 -12.82 11.99
C LYS A 428 -28.33 -11.89 13.20
N VAL A 429 -27.77 -10.69 13.10
CA VAL A 429 -27.84 -9.69 14.17
C VAL A 429 -29.30 -9.28 14.45
N ALA A 430 -30.05 -9.02 13.38
CA ALA A 430 -31.42 -8.55 13.48
C ALA A 430 -32.35 -9.63 14.03
N LYS A 431 -32.17 -10.87 13.55
CA LYS A 431 -32.92 -12.02 14.06
C LYS A 431 -32.70 -12.23 15.56
N LYS A 432 -31.49 -11.94 16.04
CA LYS A 432 -31.19 -12.01 17.48
C LYS A 432 -31.89 -10.88 18.24
N TRP A 433 -31.87 -9.67 17.66
CA TRP A 433 -32.57 -8.53 18.26
C TRP A 433 -34.09 -8.67 18.32
N SER A 434 -34.68 -9.49 17.45
CA SER A 434 -36.12 -9.75 17.47
C SER A 434 -36.60 -10.43 18.76
N LEU A 435 -35.72 -11.20 19.39
CA LEU A 435 -36.02 -11.88 20.66
C LEU A 435 -36.16 -10.93 21.87
N ASP A 436 -35.72 -9.67 21.74
CA ASP A 436 -35.83 -8.68 22.81
C ASP A 436 -37.29 -8.44 23.26
N PRO A 437 -37.48 -7.98 24.51
CA PRO A 437 -38.84 -7.86 25.06
C PRO A 437 -39.61 -6.59 24.68
N GLN A 438 -39.00 -5.41 24.79
CA GLN A 438 -39.72 -4.13 24.61
C GLN A 438 -39.55 -3.53 23.19
N ASN A 439 -38.42 -2.87 22.90
CA ASN A 439 -38.21 -2.16 21.62
C ASN A 439 -37.75 -3.17 20.54
N ALA A 440 -38.70 -3.97 20.07
CA ALA A 440 -38.41 -5.12 19.20
C ALA A 440 -38.35 -4.73 17.73
N ILE A 441 -37.17 -4.90 17.11
CA ILE A 441 -37.04 -4.82 15.65
C ILE A 441 -37.71 -6.04 15.05
N ILE A 442 -38.32 -5.85 13.89
CA ILE A 442 -39.05 -6.92 13.22
C ILE A 442 -38.32 -7.32 11.95
N VAL A 443 -38.22 -8.62 11.74
CA VAL A 443 -37.62 -9.17 10.54
C VAL A 443 -38.75 -9.73 9.70
N THR A 444 -38.88 -9.22 8.48
CA THR A 444 -39.96 -9.61 7.57
C THR A 444 -39.44 -9.53 6.14
N ASN A 445 -40.12 -10.17 5.20
CA ASN A 445 -39.73 -10.09 3.79
C ASN A 445 -40.29 -8.86 3.04
N HIS A 446 -39.76 -8.62 1.84
CA HIS A 446 -40.16 -7.47 0.99
C HIS A 446 -41.62 -7.49 0.52
N MET A 447 -42.21 -8.68 0.46
CA MET A 447 -43.62 -8.80 0.07
C MET A 447 -44.55 -8.11 1.08
N TRP A 448 -44.13 -7.95 2.34
CA TRP A 448 -44.90 -7.14 3.30
C TRP A 448 -45.00 -5.67 2.85
N LEU A 449 -43.90 -5.11 2.32
CA LEU A 449 -43.94 -3.75 1.81
C LEU A 449 -44.87 -3.64 0.63
N GLU A 450 -44.74 -4.57 -0.31
CA GLU A 450 -45.54 -4.53 -1.52
C GLU A 450 -47.04 -4.69 -1.25
N GLN A 451 -47.41 -5.58 -0.33
CA GLN A 451 -48.83 -5.80 -0.02
C GLN A 451 -49.41 -4.66 0.82
N CYS A 452 -48.62 -4.12 1.74
CA CYS A 452 -49.00 -2.87 2.42
C CYS A 452 -49.38 -1.78 1.42
N TYR A 453 -48.50 -1.55 0.44
CA TYR A 453 -48.77 -0.51 -0.56
C TYR A 453 -49.95 -0.88 -1.47
N MET A 454 -49.99 -2.11 -1.94
CA MET A 454 -51.03 -2.50 -2.87
C MET A 454 -52.42 -2.42 -2.25
N ASN A 455 -52.54 -2.84 -0.99
CA ASN A 455 -53.81 -2.83 -0.26
C ASN A 455 -54.10 -1.53 0.50
N ASN A 456 -53.10 -0.65 0.62
CA ASN A 456 -53.21 0.66 1.31
C ASN A 456 -53.61 0.49 2.79
N SER A 457 -52.85 -0.38 3.44
CA SER A 457 -53.17 -0.89 4.77
C SER A 457 -51.90 -1.29 5.51
N LYS A 458 -51.88 -1.01 6.82
CA LYS A 458 -50.79 -1.48 7.69
C LYS A 458 -51.02 -2.96 8.03
N LEU A 459 -50.54 -3.82 7.13
CA LEU A 459 -50.63 -5.26 7.35
C LEU A 459 -49.69 -5.66 8.46
N ASN A 460 -49.93 -6.86 9.00
CA ASN A 460 -49.13 -7.39 10.08
C ASN A 460 -47.93 -8.10 9.46
N PRO A 461 -46.69 -7.63 9.74
CA PRO A 461 -45.51 -8.28 9.17
C PRO A 461 -45.21 -9.70 9.68
N LYS A 462 -45.80 -10.09 10.81
CA LYS A 462 -45.59 -11.42 11.39
C LYS A 462 -46.54 -12.49 10.86
N ASP A 463 -47.48 -12.14 9.98
CA ASP A 463 -48.25 -13.14 9.25
C ASP A 463 -47.29 -14.06 8.51
N SER A 464 -47.64 -15.35 8.43
CA SER A 464 -46.72 -16.38 7.94
C SER A 464 -46.17 -16.08 6.53
N ARG A 465 -47.03 -15.58 5.64
CA ARG A 465 -46.64 -15.25 4.26
C ARG A 465 -45.48 -14.23 4.18
N PHE A 466 -45.33 -13.38 5.18
CA PHE A 466 -44.24 -12.39 5.24
C PHE A 466 -43.08 -12.80 6.15
N GLN A 467 -43.15 -13.96 6.78
CA GLN A 467 -42.01 -14.57 7.48
C GLN A 467 -41.33 -15.66 6.62
N ASN A 468 -41.82 -15.89 5.40
CA ASN A 468 -41.13 -16.74 4.43
C ASN A 468 -39.81 -16.09 3.96
N PHE A 469 -38.68 -16.75 4.28
CA PHE A 469 -37.35 -16.32 3.85
C PHE A 469 -36.68 -17.36 2.94
N LYS A 470 -37.45 -18.00 2.09
CA LYS A 470 -36.94 -18.93 1.09
C LYS A 470 -37.54 -18.50 -0.25
N LEU A 471 -37.46 -17.18 -0.52
CA LEU A 471 -38.05 -16.61 -1.71
C LEU A 471 -37.21 -16.86 -2.97
N ASP A 472 -35.93 -17.20 -2.77
CA ASP A 472 -35.04 -17.55 -3.88
C ASP A 472 -35.39 -18.88 -4.56
N ASP A 473 -36.32 -19.65 -3.99
CA ASP A 473 -36.83 -20.87 -4.65
C ASP A 473 -37.84 -20.62 -5.79
N ASN A 474 -38.36 -19.40 -5.92
CA ASN A 474 -39.28 -19.04 -6.99
C ASN A 474 -39.01 -17.60 -7.47
N MET A 475 -38.91 -17.44 -8.79
CA MET A 475 -38.57 -16.17 -9.42
C MET A 475 -39.75 -15.19 -9.40
N GLY A 476 -40.97 -15.71 -9.34
CA GLY A 476 -42.18 -14.92 -9.14
C GLY A 476 -42.27 -14.21 -7.79
N TRP A 477 -41.45 -14.61 -6.82
CA TRP A 477 -41.32 -13.89 -5.55
C TRP A 477 -40.23 -12.80 -5.55
N ASN A 478 -39.71 -12.44 -6.72
CA ASN A 478 -38.81 -11.28 -6.84
C ASN A 478 -39.56 -10.00 -6.51
N ILE A 479 -38.93 -9.15 -5.72
CA ILE A 479 -39.48 -7.83 -5.40
C ILE A 479 -39.75 -7.10 -6.71
N GLY A 480 -40.92 -6.46 -6.78
CA GLY A 480 -41.42 -5.81 -8.00
C GLY A 480 -42.52 -6.57 -8.73
N GLN A 481 -42.65 -7.87 -8.50
CA GLN A 481 -43.68 -8.70 -9.17
C GLN A 481 -45.07 -8.61 -8.55
N ILE A 482 -45.18 -8.26 -7.26
CA ILE A 482 -46.52 -8.07 -6.66
C ILE A 482 -47.19 -6.84 -7.29
N GLY A 483 -48.35 -7.07 -7.90
CA GLY A 483 -49.14 -5.99 -8.50
C GLY A 483 -49.14 -5.93 -10.02
N MET A 484 -48.35 -6.81 -10.65
CA MET A 484 -48.35 -6.97 -12.11
C MET A 484 -49.38 -8.02 -12.51
N SER B 1 -18.78 6.01 6.83
CA SER B 1 -18.72 7.22 7.72
C SER B 1 -19.33 8.48 7.06
N ILE B 2 -20.47 8.94 7.58
CA ILE B 2 -21.21 10.08 7.02
C ILE B 2 -20.52 11.44 7.26
N ILE B 3 -20.99 12.47 6.56
CA ILE B 3 -20.68 13.86 6.88
C ILE B 3 -21.97 14.53 7.35
N TYR B 4 -22.95 14.63 6.44
CA TYR B 4 -24.23 15.28 6.69
C TYR B 4 -25.37 14.35 6.32
N GLU B 5 -26.35 14.26 7.22
CA GLU B 5 -27.52 13.44 7.04
C GLU B 5 -28.71 14.35 7.38
N PRO B 6 -29.50 14.74 6.36
CA PRO B 6 -30.58 15.71 6.63
C PRO B 6 -31.66 15.14 7.53
N GLU B 7 -32.37 15.99 8.25
CA GLU B 7 -33.53 15.55 9.03
C GLU B 7 -34.61 15.12 8.04
N PHE B 8 -35.23 13.98 8.32
CA PHE B 8 -36.31 13.46 7.48
C PHE B 8 -37.54 14.35 7.57
N ASN B 9 -38.15 14.65 6.41
CA ASN B 9 -39.39 15.43 6.35
C ASN B 9 -40.53 14.45 6.10
N GLU B 10 -41.40 14.30 7.11
CA GLU B 10 -42.47 13.29 7.11
C GLU B 10 -43.46 13.42 5.95
N ASN B 11 -43.68 14.63 5.46
CA ASN B 11 -44.70 14.87 4.44
C ASN B 11 -44.14 15.50 3.15
N TYR B 12 -42.87 15.23 2.85
CA TYR B 12 -42.20 15.76 1.65
C TYR B 12 -42.88 15.29 0.36
N LEU B 13 -43.17 13.99 0.28
CA LEU B 13 -43.83 13.42 -0.90
C LEU B 13 -45.32 13.76 -1.11
N TRP B 14 -45.94 14.44 -0.14
CA TRP B 14 -47.34 14.91 -0.25
C TRP B 14 -47.56 16.44 -0.07
N ALA B 15 -46.51 17.20 0.24
CA ALA B 15 -46.63 18.67 0.47
C ALA B 15 -47.12 19.44 -0.75
N GLU B 16 -48.06 20.37 -0.53
CA GLU B 16 -48.64 21.19 -1.60
C GLU B 16 -47.94 22.53 -1.67
N SER C 2 -33.30 19.18 -48.43
CA SER C 2 -31.94 19.81 -48.34
C SER C 2 -30.85 18.87 -48.86
N THR C 3 -30.67 18.88 -50.17
CA THR C 3 -29.62 18.11 -50.85
C THR C 3 -28.30 18.87 -50.84
N SER C 4 -27.22 18.19 -51.22
CA SER C 4 -25.88 18.79 -51.35
C SER C 4 -24.93 17.85 -52.08
N LEU C 5 -23.69 18.27 -52.27
CA LEU C 5 -22.62 17.45 -52.87
C LEU C 5 -21.62 16.84 -51.85
N LEU C 6 -21.95 16.91 -50.54
CA LEU C 6 -21.00 16.60 -49.45
C LEU C 6 -20.29 15.26 -49.59
N PHE C 7 -21.05 14.21 -49.92
CA PHE C 7 -20.52 12.84 -50.01
C PHE C 7 -20.27 12.36 -51.45
N GLU C 8 -20.01 13.29 -52.36
CA GLU C 8 -19.74 12.95 -53.77
C GLU C 8 -18.65 11.89 -53.89
N GLN C 9 -18.92 10.87 -54.71
CA GLN C 9 -17.96 9.81 -55.06
C GLN C 9 -17.64 8.84 -53.91
N LEU C 10 -18.44 8.86 -52.83
CA LEU C 10 -18.18 8.03 -51.64
C LEU C 10 -19.21 6.90 -51.51
N ASN C 11 -18.73 5.72 -51.11
CA ASN C 11 -19.51 4.49 -51.02
C ASN C 11 -19.63 4.10 -49.55
N PHE C 12 -20.85 3.75 -49.13
CA PHE C 12 -21.16 3.45 -47.74
C PHE C 12 -21.78 2.07 -47.60
N LEU C 13 -21.37 1.37 -46.55
CA LEU C 13 -22.00 0.14 -46.12
C LEU C 13 -22.61 0.38 -44.73
N ILE C 14 -23.94 0.46 -44.67
CA ILE C 14 -24.70 0.55 -43.41
C ILE C 14 -24.97 -0.87 -42.92
N LEU C 15 -24.45 -1.22 -41.75
CA LEU C 15 -24.73 -2.49 -41.09
C LEU C 15 -25.89 -2.30 -40.11
N VAL C 16 -26.90 -3.15 -40.23
CA VAL C 16 -28.06 -3.14 -39.33
C VAL C 16 -27.96 -4.34 -38.38
N ALA C 17 -27.70 -4.06 -37.10
CA ALA C 17 -27.47 -5.12 -36.09
C ALA C 17 -28.73 -5.86 -35.62
N ALA C 18 -29.89 -5.20 -35.69
CA ALA C 18 -31.17 -5.77 -35.24
C ALA C 18 -32.35 -5.19 -36.02
N GLU C 19 -33.47 -5.92 -36.01
CA GLU C 19 -34.65 -5.53 -36.80
C GLU C 19 -35.23 -4.17 -36.40
N ALA C 20 -35.07 -3.82 -35.12
CA ALA C 20 -35.51 -2.51 -34.59
C ALA C 20 -34.73 -1.30 -35.16
N GLU C 21 -33.53 -1.54 -35.70
CA GLU C 21 -32.69 -0.49 -36.30
C GLU C 21 -32.97 -0.15 -37.78
N LEU C 22 -33.94 -0.81 -38.43
CA LEU C 22 -34.24 -0.52 -39.84
C LEU C 22 -34.67 0.92 -40.08
N PRO C 23 -35.56 1.48 -39.24
CA PRO C 23 -35.90 2.89 -39.36
C PRO C 23 -34.68 3.83 -39.34
N ILE C 24 -33.77 3.64 -38.38
CA ILE C 24 -32.54 4.47 -38.29
C ILE C 24 -31.60 4.23 -39.50
N ALA C 25 -31.52 2.98 -39.96
CA ALA C 25 -30.75 2.66 -41.17
C ALA C 25 -31.26 3.38 -42.44
N HIS C 26 -32.58 3.31 -42.70
CA HIS C 26 -33.21 3.99 -43.85
C HIS C 26 -33.12 5.52 -43.76
N SER C 27 -33.31 6.03 -42.54
CA SER C 27 -33.08 7.44 -42.24
C SER C 27 -31.65 7.90 -42.61
N THR C 28 -30.66 7.06 -42.26
CA THR C 28 -29.24 7.33 -42.56
C THR C 28 -28.95 7.21 -44.07
N ARG C 29 -29.46 6.16 -44.70
CA ARG C 29 -29.37 5.96 -46.15
C ARG C 29 -29.89 7.15 -46.94
N LYS C 30 -31.03 7.70 -46.50
CA LYS C 30 -31.66 8.85 -47.15
C LYS C 30 -30.82 10.11 -47.00
N LEU C 31 -30.30 10.36 -45.80
CA LEU C 31 -29.38 11.49 -45.56
C LEU C 31 -28.13 11.43 -46.46
N LEU C 32 -27.56 10.24 -46.60
CA LEU C 32 -26.38 10.05 -47.44
C LEU C 32 -26.72 10.34 -48.90
N MET C 33 -27.77 9.68 -49.42
CA MET C 33 -28.17 9.82 -50.84
C MET C 33 -28.66 11.23 -51.24
N ASP C 34 -29.47 11.86 -50.39
CA ASP C 34 -29.83 13.28 -50.58
C ASP C 34 -28.59 14.14 -50.72
N ASN C 35 -27.53 13.81 -49.99
CA ASN C 35 -26.25 14.53 -50.09
C ASN C 35 -25.21 13.84 -51.02
N SER C 36 -25.70 13.17 -52.07
CA SER C 36 -24.92 12.75 -53.24
C SER C 36 -23.87 11.67 -53.01
N CYS C 37 -24.18 10.66 -52.21
CA CYS C 37 -23.30 9.50 -52.10
C CYS C 37 -23.38 8.71 -53.41
N ASN C 38 -22.26 8.11 -53.81
CA ASN C 38 -22.22 7.28 -55.01
C ASN C 38 -23.00 5.98 -54.85
N ASN C 39 -22.80 5.31 -53.71
CA ASN C 39 -23.37 4.00 -53.46
C ASN C 39 -23.63 3.83 -51.96
N CYS C 40 -24.78 3.25 -51.59
CA CYS C 40 -25.12 3.03 -50.18
C CYS C 40 -25.87 1.72 -49.99
N GLN C 41 -25.14 0.68 -49.56
CA GLN C 41 -25.74 -0.63 -49.27
C GLN C 41 -26.31 -0.67 -47.85
N ILE C 42 -27.31 -1.53 -47.65
CA ILE C 42 -27.81 -1.90 -46.33
C ILE C 42 -27.55 -3.38 -46.22
N TYR C 43 -26.92 -3.81 -45.13
CA TYR C 43 -26.64 -5.23 -44.91
C TYR C 43 -27.13 -5.61 -43.51
N GLU C 44 -27.98 -6.63 -43.45
CA GLU C 44 -28.72 -6.96 -42.24
C GLU C 44 -28.07 -8.16 -41.55
N LEU C 45 -27.30 -7.87 -40.50
CA LEU C 45 -26.51 -8.89 -39.81
C LEU C 45 -27.35 -9.97 -39.14
N TYR C 46 -28.55 -9.57 -38.71
CA TYR C 46 -29.50 -10.48 -38.04
C TYR C 46 -30.13 -11.51 -38.98
N ASN C 47 -30.36 -11.12 -40.24
CA ASN C 47 -31.00 -12.00 -41.24
C ASN C 47 -30.11 -13.13 -41.79
N GLU C 48 -28.79 -12.94 -41.80
CA GLU C 48 -27.91 -13.85 -42.52
C GLU C 48 -27.19 -14.89 -41.65
N ASN C 49 -27.12 -16.12 -42.17
CA ASN C 49 -26.32 -17.20 -41.57
C ASN C 49 -24.85 -16.96 -41.86
N LEU C 50 -24.15 -16.38 -40.88
CA LEU C 50 -22.71 -16.08 -41.01
C LEU C 50 -21.79 -16.99 -40.19
N LYS C 51 -22.35 -17.84 -39.32
CA LYS C 51 -21.57 -18.90 -38.66
C LYS C 51 -21.18 -19.96 -39.69
N ASP C 52 -19.99 -20.54 -39.53
CA ASP C 52 -19.42 -21.49 -40.50
C ASP C 52 -19.30 -20.89 -41.91
N VAL C 53 -18.88 -19.62 -41.95
CA VAL C 53 -18.49 -18.93 -43.17
C VAL C 53 -17.22 -18.16 -42.85
N LYS C 54 -16.25 -18.20 -43.76
CA LYS C 54 -14.99 -17.50 -43.55
C LYS C 54 -15.11 -16.04 -44.02
N THR C 55 -15.43 -15.13 -43.10
CA THR C 55 -15.49 -13.70 -43.41
C THR C 55 -14.09 -13.09 -43.37
N ASP C 56 -13.32 -13.35 -44.42
CA ASP C 56 -11.96 -12.85 -44.58
C ASP C 56 -11.97 -11.68 -45.60
N LYS C 57 -10.77 -11.23 -45.99
CA LYS C 57 -10.63 -10.09 -46.92
C LYS C 57 -11.28 -10.36 -48.27
N ASP C 58 -11.04 -11.54 -48.83
CA ASP C 58 -11.59 -11.90 -50.15
C ASP C 58 -13.11 -11.96 -50.09
N TRP C 59 -13.65 -12.61 -49.06
CA TRP C 59 -15.09 -12.66 -48.83
C TRP C 59 -15.73 -11.27 -48.78
N PHE C 60 -15.05 -10.33 -48.11
CA PHE C 60 -15.52 -8.94 -48.03
C PHE C 60 -15.47 -8.21 -49.37
N MET C 61 -14.38 -8.42 -50.13
CA MET C 61 -14.25 -7.79 -51.45
C MET C 61 -15.24 -8.37 -52.48
N ASN C 62 -15.52 -9.67 -52.39
CA ASN C 62 -16.54 -10.30 -53.25
C ASN C 62 -17.95 -9.85 -52.88
N LYS C 63 -18.28 -9.94 -51.58
CA LYS C 63 -19.63 -9.63 -51.09
C LYS C 63 -20.01 -8.14 -51.23
N PHE C 64 -19.08 -7.23 -50.94
CA PHE C 64 -19.36 -5.79 -50.91
C PHE C 64 -18.65 -4.94 -51.96
N GLY C 65 -17.72 -5.51 -52.72
CA GLY C 65 -16.97 -4.79 -53.77
C GLY C 65 -17.52 -5.06 -55.17
N PRO C 66 -16.72 -4.86 -56.23
CA PRO C 66 -15.30 -4.51 -56.16
C PRO C 66 -14.98 -3.06 -55.74
N GLN C 67 -15.91 -2.13 -55.99
CA GLN C 67 -15.75 -0.71 -55.61
C GLN C 67 -15.38 -0.55 -54.13
N THR C 68 -14.56 0.44 -53.82
CA THR C 68 -14.09 0.63 -52.45
C THR C 68 -15.24 1.11 -51.55
N VAL C 69 -15.46 0.40 -50.43
CA VAL C 69 -16.31 0.91 -49.35
C VAL C 69 -15.45 1.92 -48.58
N HIS C 70 -15.89 3.18 -48.58
CA HIS C 70 -15.17 4.26 -47.90
C HIS C 70 -15.46 4.32 -46.41
N PHE C 71 -16.70 4.00 -46.03
CA PHE C 71 -17.17 4.09 -44.65
C PHE C 71 -18.15 2.97 -44.37
N VAL C 72 -17.91 2.22 -43.30
CA VAL C 72 -18.92 1.31 -42.75
C VAL C 72 -19.64 2.11 -41.66
N ILE C 73 -20.96 2.23 -41.75
CA ILE C 73 -21.70 2.87 -40.67
C ILE C 73 -22.29 1.76 -39.80
N SER C 74 -21.85 1.72 -38.54
CA SER C 74 -22.34 0.76 -37.55
C SER C 74 -22.23 1.33 -36.14
N ASN C 75 -23.18 1.02 -35.27
CA ASN C 75 -23.07 1.33 -33.82
C ASN C 75 -22.60 0.12 -32.99
N THR C 76 -22.12 -0.93 -33.67
CA THR C 76 -21.52 -2.09 -33.02
C THR C 76 -20.32 -2.54 -33.82
N ILE C 77 -19.36 -3.16 -33.13
CA ILE C 77 -18.25 -3.88 -33.75
C ILE C 77 -18.48 -5.39 -33.67
N ASN C 78 -19.67 -5.83 -33.26
CA ASN C 78 -19.96 -7.26 -33.11
C ASN C 78 -20.51 -7.82 -34.41
N PHE C 79 -19.60 -7.90 -35.39
CA PHE C 79 -19.82 -8.60 -36.65
C PHE C 79 -18.46 -9.20 -37.03
N PRO C 80 -18.46 -10.37 -37.70
CA PRO C 80 -17.25 -11.19 -37.81
C PRO C 80 -16.22 -10.70 -38.85
N PHE C 81 -16.50 -9.59 -39.54
CA PHE C 81 -15.56 -8.98 -40.45
C PHE C 81 -15.08 -7.59 -40.00
N TYR C 82 -15.31 -7.22 -38.73
CA TYR C 82 -14.85 -5.90 -38.21
C TYR C 82 -13.34 -5.77 -38.25
N LYS C 83 -12.64 -6.82 -37.83
CA LYS C 83 -11.17 -6.82 -37.81
C LYS C 83 -10.60 -6.67 -39.21
N ILE C 84 -11.15 -7.43 -40.15
CA ILE C 84 -10.81 -7.34 -41.58
C ILE C 84 -10.94 -5.91 -42.09
N VAL C 85 -12.09 -5.29 -41.83
CA VAL C 85 -12.39 -3.94 -42.29
C VAL C 85 -11.51 -2.89 -41.63
N TYR C 86 -11.48 -2.93 -40.30
CA TYR C 86 -10.89 -1.86 -39.52
C TYR C 86 -9.37 -1.95 -39.47
N PHE C 87 -8.83 -3.15 -39.18
CA PHE C 87 -7.38 -3.31 -38.98
C PHE C 87 -6.56 -3.64 -40.26
N ASP C 88 -7.15 -4.39 -41.20
CA ASP C 88 -6.49 -4.74 -42.46
C ASP C 88 -6.78 -3.70 -43.54
N LEU C 89 -8.03 -3.59 -43.98
CA LEU C 89 -8.39 -2.68 -45.06
C LEU C 89 -8.32 -1.18 -44.72
N LEU C 90 -8.34 -0.84 -43.43
CA LEU C 90 -8.29 0.54 -42.95
C LEU C 90 -9.53 1.39 -43.32
N ILE C 91 -10.68 0.76 -43.40
CA ILE C 91 -11.95 1.48 -43.61
C ILE C 91 -12.48 1.94 -42.24
N PRO C 92 -12.77 3.25 -42.08
CA PRO C 92 -13.39 3.66 -40.82
C PRO C 92 -14.78 3.05 -40.59
N VAL C 93 -15.06 2.72 -39.33
CA VAL C 93 -16.37 2.31 -38.88
C VAL C 93 -16.85 3.38 -37.91
N VAL C 94 -17.95 4.04 -38.27
CA VAL C 94 -18.47 5.19 -37.52
C VAL C 94 -19.94 5.01 -37.19
N SER C 95 -20.41 5.72 -36.16
CA SER C 95 -21.80 5.61 -35.74
C SER C 95 -22.73 6.35 -36.71
N HIS C 96 -24.03 6.07 -36.60
CA HIS C 96 -25.04 6.85 -37.31
C HIS C 96 -24.92 8.36 -36.98
N THR C 97 -24.54 8.71 -35.76
CA THR C 97 -24.35 10.12 -35.40
C THR C 97 -23.32 10.84 -36.29
N TRP C 98 -22.31 10.11 -36.79
CA TRP C 98 -21.32 10.67 -37.72
C TRP C 98 -21.98 11.27 -38.98
N VAL C 99 -22.94 10.54 -39.56
CA VAL C 99 -23.60 10.96 -40.78
C VAL C 99 -24.40 12.24 -40.48
N GLN C 100 -25.15 12.21 -39.38
CA GLN C 100 -26.02 13.33 -39.00
C GLN C 100 -25.23 14.60 -38.74
N ASP C 101 -24.17 14.48 -37.95
CA ASP C 101 -23.29 15.62 -37.66
C ASP C 101 -22.48 16.08 -38.87
N SER C 102 -22.17 15.17 -39.80
CA SER C 102 -21.47 15.54 -41.04
C SER C 102 -22.30 16.49 -41.88
N VAL C 103 -23.59 16.16 -42.04
CA VAL C 103 -24.54 16.94 -42.84
C VAL C 103 -24.83 18.31 -42.21
N LYS C 104 -25.06 18.33 -40.90
CA LYS C 104 -25.40 19.59 -40.19
C LYS C 104 -24.29 20.64 -40.17
N THR C 105 -23.02 20.21 -40.14
CA THR C 105 -21.87 21.14 -40.19
C THR C 105 -21.31 21.34 -41.61
N LYS C 106 -21.70 20.47 -42.54
CA LYS C 106 -21.26 20.51 -43.94
C LYS C 106 -19.73 20.36 -44.10
N ARG C 107 -19.18 19.37 -43.41
CA ARG C 107 -17.85 18.84 -43.73
C ARG C 107 -17.69 17.38 -43.28
N HIS C 108 -16.64 16.73 -43.79
CA HIS C 108 -16.35 15.34 -43.46
C HIS C 108 -15.64 15.41 -42.10
N LEU C 109 -16.35 15.03 -41.04
CA LEU C 109 -15.82 15.14 -39.69
C LEU C 109 -14.85 14.01 -39.42
N ARG C 110 -13.90 14.28 -38.54
CA ARG C 110 -12.90 13.31 -38.10
C ARG C 110 -13.62 12.07 -37.58
N THR C 111 -13.23 10.90 -38.07
CA THR C 111 -13.99 9.66 -37.82
C THR C 111 -13.76 9.06 -36.44
N ASN C 112 -12.61 9.40 -35.83
CA ASN C 112 -12.13 8.81 -34.59
C ASN C 112 -13.16 8.79 -33.47
N MET C 113 -13.70 9.97 -33.17
CA MET C 113 -14.64 10.09 -32.05
C MET C 113 -16.02 9.50 -32.32
N TYR C 114 -16.32 9.10 -33.55
CA TYR C 114 -17.58 8.44 -33.84
C TYR C 114 -17.44 6.91 -33.94
N SER C 115 -16.28 6.39 -33.56
CA SER C 115 -16.04 4.94 -33.55
C SER C 115 -16.83 4.22 -32.45
N PRO C 116 -17.54 3.13 -32.78
CA PRO C 116 -18.28 2.36 -31.80
C PRO C 116 -17.45 1.33 -30.99
N ASN C 117 -16.18 1.14 -31.34
CA ASN C 117 -15.35 0.19 -30.62
C ASN C 117 -15.19 0.70 -29.18
N PRO C 118 -15.72 -0.03 -28.19
CA PRO C 118 -15.59 0.43 -26.80
C PRO C 118 -14.17 0.33 -26.19
N PHE C 119 -13.22 -0.26 -26.93
CA PHE C 119 -11.80 -0.13 -26.62
C PHE C 119 -11.23 1.24 -27.00
N HIS C 120 -11.94 2.02 -27.80
CA HIS C 120 -11.45 3.35 -28.20
C HIS C 120 -11.72 4.41 -27.14
N LEU C 121 -11.11 4.21 -25.97
CA LEU C 121 -11.35 5.05 -24.79
C LEU C 121 -10.80 6.46 -24.98
N LEU C 122 -9.79 6.62 -25.82
CA LEU C 122 -9.16 7.93 -26.05
C LEU C 122 -9.57 8.56 -27.38
N ARG C 123 -10.73 8.15 -27.90
CA ARG C 123 -11.26 8.63 -29.18
C ARG C 123 -11.51 10.15 -29.23
N ASP C 124 -11.76 10.77 -28.08
CA ASP C 124 -11.95 12.22 -27.97
C ASP C 124 -10.65 13.04 -27.79
N CYS C 125 -9.50 12.39 -27.75
CA CYS C 125 -8.22 13.06 -27.46
C CYS C 125 -7.39 13.35 -28.72
N GLN C 126 -6.72 14.50 -28.73
CA GLN C 126 -5.71 14.84 -29.72
C GLN C 126 -4.40 15.01 -28.99
N VAL C 127 -3.39 14.21 -29.36
CA VAL C 127 -2.23 14.02 -28.51
C VAL C 127 -0.92 14.35 -29.20
N TYR C 128 -0.15 15.22 -28.59
CA TYR C 128 1.22 15.51 -28.99
C TYR C 128 2.17 14.76 -28.06
N ILE C 129 2.99 13.89 -28.63
CA ILE C 129 3.98 13.11 -27.88
C ILE C 129 5.30 13.85 -28.02
N SER C 130 5.84 14.34 -26.91
CA SER C 130 7.04 15.17 -26.94
C SER C 130 8.24 14.35 -27.33
N LYS C 131 8.75 14.56 -28.54
CA LYS C 131 9.94 13.85 -29.02
C LYS C 131 11.21 14.11 -28.20
N SER C 132 11.30 15.29 -27.58
CA SER C 132 12.42 15.61 -26.68
C SER C 132 12.34 14.95 -25.29
N SER C 133 11.28 14.18 -25.02
CA SER C 133 11.17 13.31 -23.82
C SER C 133 11.52 11.83 -24.06
N PHE C 134 11.42 11.37 -25.30
CA PHE C 134 11.43 9.93 -25.60
C PHE C 134 12.38 9.59 -26.74
N ASN C 135 12.97 8.40 -26.67
CA ASN C 135 13.78 7.92 -27.78
C ASN C 135 12.83 7.38 -28.86
N LYS C 136 13.39 7.15 -30.04
CA LYS C 136 12.65 6.68 -31.22
C LYS C 136 11.71 5.50 -30.97
N CYS C 137 12.14 4.54 -30.14
CA CYS C 137 11.38 3.30 -29.95
C CYS C 137 10.23 3.51 -28.98
N GLU C 138 10.45 4.32 -27.96
CA GLU C 138 9.40 4.73 -27.06
C GLU C 138 8.34 5.49 -27.81
N TYR C 139 8.76 6.39 -28.70
CA TYR C 139 7.82 7.23 -29.45
C TYR C 139 6.91 6.39 -30.32
N ILE C 140 7.48 5.42 -31.03
CA ILE C 140 6.72 4.52 -31.89
C ILE C 140 5.72 3.71 -31.09
N LEU C 141 6.17 3.15 -29.96
CA LEU C 141 5.28 2.33 -29.12
C LEU C 141 4.12 3.14 -28.59
N TYR C 142 4.38 4.34 -28.06
CA TYR C 142 3.32 5.20 -27.52
C TYR C 142 2.39 5.74 -28.61
N SER C 143 2.93 5.92 -29.81
CA SER C 143 2.13 6.29 -30.98
C SER C 143 1.17 5.15 -31.32
N ASP C 144 1.70 3.93 -31.48
CA ASP C 144 0.88 2.75 -31.75
C ASP C 144 -0.27 2.53 -30.74
N LEU C 145 0.05 2.57 -29.44
CA LEU C 145 -0.95 2.30 -28.40
C LEU C 145 -2.04 3.34 -28.35
N LEU C 146 -1.67 4.61 -28.53
CA LEU C 146 -2.69 5.66 -28.60
C LEU C 146 -3.62 5.47 -29.80
N HIS C 147 -3.05 5.14 -30.96
CA HIS C 147 -3.86 4.88 -32.14
C HIS C 147 -4.78 3.64 -31.92
N LEU C 148 -4.27 2.62 -31.26
CA LEU C 148 -5.06 1.46 -30.88
C LEU C 148 -6.18 1.78 -29.84
N LEU C 149 -6.03 2.87 -29.07
CA LEU C 149 -7.07 3.37 -28.17
C LEU C 149 -7.94 4.45 -28.82
N GLY C 150 -7.76 4.66 -30.12
CA GLY C 150 -8.68 5.42 -30.94
C GLY C 150 -8.45 6.92 -30.99
N GLY C 151 -7.37 7.38 -30.35
CA GLY C 151 -7.05 8.80 -30.36
C GLY C 151 -6.28 9.20 -31.59
N THR C 152 -6.11 10.50 -31.74
CA THR C 152 -5.45 11.10 -32.89
C THR C 152 -4.11 11.68 -32.44
N LEU C 153 -3.05 11.35 -33.17
CA LEU C 153 -1.74 11.98 -33.00
C LEU C 153 -1.69 13.27 -33.80
N VAL C 154 -0.91 14.24 -33.31
CA VAL C 154 -0.58 15.45 -34.08
C VAL C 154 0.91 15.80 -33.89
N ASN C 155 1.46 16.58 -34.81
CA ASN C 155 2.87 17.02 -34.78
C ASN C 155 3.07 18.39 -34.11
N TYR C 156 2.00 18.98 -33.58
CA TYR C 156 2.00 20.38 -33.14
C TYR C 156 1.09 20.53 -31.93
N ILE C 157 1.35 21.53 -31.10
CA ILE C 157 0.47 21.88 -29.98
C ILE C 157 -0.42 23.04 -30.42
N SER C 158 -1.74 22.88 -30.26
CA SER C 158 -2.71 23.89 -30.67
C SER C 158 -3.87 23.97 -29.67
N ASN C 159 -4.84 24.82 -29.98
CA ASN C 159 -6.10 24.89 -29.22
C ASN C 159 -6.92 23.59 -29.25
N ARG C 160 -6.69 22.73 -30.25
CA ARG C 160 -7.37 21.42 -30.34
C ARG C 160 -6.64 20.28 -29.60
N THR C 161 -5.37 20.48 -29.26
CA THR C 161 -4.58 19.47 -28.56
C THR C 161 -5.12 19.31 -27.15
N THR C 162 -5.40 18.07 -26.75
CA THR C 162 -5.95 17.76 -25.42
C THR C 162 -4.89 17.31 -24.42
N HIS C 163 -3.86 16.63 -24.91
CA HIS C 163 -2.82 16.05 -24.08
C HIS C 163 -1.47 16.18 -24.73
N VAL C 164 -0.47 16.50 -23.92
CA VAL C 164 0.93 16.44 -24.29
C VAL C 164 1.55 15.37 -23.40
N ILE C 165 2.30 14.43 -24.02
CA ILE C 165 2.91 13.33 -23.28
C ILE C 165 4.36 13.65 -23.00
N VAL C 166 4.75 13.66 -21.72
CA VAL C 166 6.14 13.90 -21.32
C VAL C 166 6.61 12.80 -20.37
N GLN C 167 7.92 12.58 -20.34
CA GLN C 167 8.52 11.54 -19.51
C GLN C 167 8.69 12.03 -18.06
N SER C 168 9.10 13.29 -17.91
CA SER C 168 9.40 13.87 -16.61
C SER C 168 9.38 15.39 -16.66
N PRO C 169 9.42 16.05 -15.48
CA PRO C 169 9.57 17.52 -15.43
C PRO C 169 10.85 18.09 -16.09
N GLN C 170 11.82 17.24 -16.41
CA GLN C 170 13.06 17.66 -17.08
C GLN C 170 12.92 17.88 -18.60
N ASP C 171 11.77 17.55 -19.19
CA ASP C 171 11.51 17.79 -20.61
C ASP C 171 11.61 19.30 -20.91
N PRO C 172 12.48 19.71 -21.86
CA PRO C 172 12.57 21.13 -22.27
C PRO C 172 11.27 21.78 -22.71
N ILE C 173 10.32 20.98 -23.20
CA ILE C 173 9.08 21.51 -23.77
C ILE C 173 8.18 22.20 -22.77
N ILE C 174 8.24 21.78 -21.50
CA ILE C 174 7.43 22.39 -20.44
C ILE C 174 7.77 23.89 -20.31
N ALA C 175 9.08 24.19 -20.25
CA ALA C 175 9.59 25.57 -20.23
C ALA C 175 9.37 26.32 -21.57
N THR C 176 9.68 25.67 -22.69
CA THR C 176 9.40 26.23 -24.03
C THR C 176 7.91 26.56 -24.23
N VAL C 177 7.03 25.77 -23.63
CA VAL C 177 5.58 26.04 -23.64
C VAL C 177 5.21 27.16 -22.67
N SER C 178 5.75 27.08 -21.45
CA SER C 178 5.47 28.08 -20.39
C SER C 178 5.77 29.52 -20.82
N LYS C 179 6.89 29.71 -21.52
CA LYS C 179 7.25 31.02 -22.10
C LYS C 179 6.23 31.56 -23.10
N LEU C 180 5.55 30.67 -23.83
CA LEU C 180 4.53 31.04 -24.80
C LEU C 180 3.12 31.22 -24.20
N THR C 181 2.95 30.94 -22.91
CA THR C 181 1.69 31.22 -22.16
C THR C 181 2.00 31.66 -20.73
N GLU C 200 -8.02 24.36 -23.23
CA GLU C 200 -6.70 24.06 -22.68
C GLU C 200 -6.40 22.55 -22.67
N TRP C 201 -5.17 22.19 -22.28
CA TRP C 201 -4.66 20.81 -22.39
C TRP C 201 -3.74 20.43 -21.23
N LYS C 202 -3.63 19.13 -21.00
CA LYS C 202 -2.94 18.58 -19.85
C LYS C 202 -1.61 17.89 -20.21
N PHE C 203 -0.56 18.19 -19.45
CA PHE C 203 0.68 17.44 -19.51
C PHE C 203 0.50 16.18 -18.67
N VAL C 204 0.70 15.01 -19.26
CA VAL C 204 0.62 13.74 -18.54
C VAL C 204 1.81 12.82 -18.86
N TYR C 205 2.05 11.85 -17.96
CA TYR C 205 3.06 10.83 -18.18
C TYR C 205 2.51 9.75 -19.11
N PRO C 206 3.38 8.93 -19.71
CA PRO C 206 2.88 7.90 -20.63
C PRO C 206 1.99 6.83 -20.00
N ILE C 207 2.07 6.65 -18.69
CA ILE C 207 1.11 5.79 -17.97
C ILE C 207 -0.38 6.13 -18.17
N TRP C 208 -0.68 7.37 -18.51
CA TRP C 208 -2.03 7.77 -18.95
C TRP C 208 -2.54 6.95 -20.16
N ILE C 209 -1.66 6.67 -21.12
CA ILE C 209 -1.97 5.82 -22.26
C ILE C 209 -2.01 4.35 -21.81
N LEU C 210 -0.94 3.93 -21.15
CA LEU C 210 -0.78 2.53 -20.75
C LEU C 210 -1.88 2.04 -19.82
N TYR C 211 -2.38 2.90 -18.93
CA TYR C 211 -3.49 2.53 -18.04
C TYR C 211 -4.76 2.18 -18.83
N HIS C 212 -5.09 3.01 -19.83
CA HIS C 212 -6.26 2.75 -20.68
C HIS C 212 -6.10 1.43 -21.45
N PHE C 213 -4.89 1.17 -21.95
CA PHE C 213 -4.63 -0.08 -22.68
C PHE C 213 -4.77 -1.28 -21.76
N LYS C 214 -4.16 -1.21 -20.58
CA LYS C 214 -4.11 -2.36 -19.67
C LYS C 214 -5.44 -2.62 -18.93
N MET C 215 -6.11 -1.57 -18.47
CA MET C 215 -7.34 -1.74 -17.68
C MET C 215 -8.61 -1.67 -18.51
N ALA C 216 -8.54 -1.05 -19.69
CA ALA C 216 -9.68 -0.92 -20.60
C ALA C 216 -10.87 -0.25 -19.95
N LYS C 217 -10.61 0.78 -19.16
CA LYS C 217 -11.67 1.64 -18.62
C LYS C 217 -11.13 3.06 -18.45
N PRO C 218 -12.03 4.06 -18.33
CA PRO C 218 -11.54 5.44 -18.21
C PRO C 218 -10.72 5.65 -16.93
N LEU C 219 -9.75 6.54 -17.02
CA LEU C 219 -8.80 6.80 -15.92
C LEU C 219 -9.38 7.91 -15.05
N LYS C 220 -9.64 7.61 -13.78
CA LYS C 220 -10.27 8.56 -12.84
C LYS C 220 -9.63 8.52 -11.46
N GLY C 221 -9.91 9.55 -10.66
CA GLY C 221 -9.54 9.57 -9.24
C GLY C 221 -8.06 9.78 -8.96
N GLU C 222 -7.57 9.11 -7.90
CA GLU C 222 -6.19 9.21 -7.48
C GLU C 222 -5.20 8.73 -8.54
N LEU C 223 -5.53 7.64 -9.22
CA LEU C 223 -4.71 7.12 -10.31
C LEU C 223 -4.55 8.10 -11.50
N ALA C 224 -5.64 8.81 -11.85
CA ALA C 224 -5.58 9.90 -12.83
C ALA C 224 -4.61 11.01 -12.42
N THR C 225 -4.66 11.38 -11.14
CA THR C 225 -3.75 12.40 -10.58
C THR C 225 -2.27 11.97 -10.60
N LEU C 226 -2.02 10.68 -10.43
CA LEU C 226 -0.64 10.17 -10.48
C LEU C 226 -0.03 10.18 -11.89
N CYS C 227 -0.87 10.23 -12.92
CA CYS C 227 -0.41 10.33 -14.31
C CYS C 227 -0.14 11.77 -14.76
N GLU C 228 -0.52 12.75 -13.96
CA GLU C 228 -0.30 14.17 -14.31
C GLU C 228 1.17 14.57 -14.09
N LEU C 229 1.69 15.41 -14.99
CA LEU C 229 2.99 16.05 -14.79
C LEU C 229 2.97 16.74 -13.43
N ASP C 230 3.96 16.39 -12.60
CA ASP C 230 4.11 16.95 -11.28
C ASP C 230 5.55 17.44 -11.19
N MET C 231 5.75 18.75 -11.05
CA MET C 231 7.11 19.34 -11.07
C MET C 231 7.96 18.96 -9.83
N GLN C 232 7.34 18.43 -8.78
CA GLN C 232 8.08 17.82 -7.66
C GLN C 232 8.80 16.51 -8.01
N ASP C 233 8.42 15.84 -9.10
CA ASP C 233 9.04 14.57 -9.49
C ASP C 233 10.41 14.78 -10.12
N THR C 234 11.38 15.10 -9.27
CA THR C 234 12.71 15.48 -9.73
C THR C 234 13.64 14.28 -9.96
N SER C 235 13.38 13.18 -9.25
CA SER C 235 14.20 11.97 -9.33
C SER C 235 13.51 10.89 -10.14
N GLU C 236 14.31 9.99 -10.70
CA GLU C 236 13.77 8.81 -11.39
C GLU C 236 12.99 7.89 -10.45
N GLU C 237 13.42 7.81 -9.20
CA GLU C 237 12.74 6.98 -8.17
C GLU C 237 11.27 7.32 -8.02
N GLN C 238 10.95 8.61 -8.09
CA GLN C 238 9.55 9.08 -8.00
C GLN C 238 8.72 8.70 -9.24
N LEU C 239 9.35 8.62 -10.41
CA LEU C 239 8.68 8.14 -11.63
C LEU C 239 8.46 6.64 -11.58
N PHE C 240 9.48 5.87 -11.20
CA PHE C 240 9.31 4.42 -11.06
C PHE C 240 8.16 4.13 -10.09
N ALA C 241 8.08 4.91 -9.00
CA ALA C 241 7.01 4.77 -8.00
C ALA C 241 5.63 5.00 -8.59
N LYS C 242 5.47 6.06 -9.37
CA LYS C 242 4.18 6.35 -10.01
C LYS C 242 3.81 5.30 -11.05
N TRP C 243 4.77 4.88 -11.88
CA TRP C 243 4.57 3.79 -12.82
C TRP C 243 4.09 2.47 -12.16
N GLU C 244 4.66 2.12 -11.01
CA GLU C 244 4.30 0.88 -10.32
C GLU C 244 2.92 0.95 -9.67
N GLU C 245 2.49 2.12 -9.22
CA GLU C 245 1.15 2.27 -8.66
C GLU C 245 0.04 2.29 -9.73
N VAL C 246 0.30 2.90 -10.89
CA VAL C 246 -0.74 3.04 -11.92
C VAL C 246 -0.90 1.80 -12.79
N ILE C 247 0.21 1.19 -13.23
CA ILE C 247 0.16 -0.01 -14.08
C ILE C 247 0.94 -1.22 -13.53
N GLY C 248 1.31 -1.21 -12.25
CA GLY C 248 2.08 -2.32 -11.67
C GLY C 248 1.23 -3.53 -11.32
N ASP C 249 1.74 -4.38 -10.43
CA ASP C 249 0.97 -5.53 -9.93
C ASP C 249 -0.23 -5.02 -9.14
N LYS C 250 -1.28 -4.66 -9.89
CA LYS C 250 -2.46 -4.02 -9.33
C LYS C 250 -3.32 -4.98 -8.53
N GLN C 251 -3.21 -6.29 -8.81
CA GLN C 251 -4.04 -7.35 -8.23
C GLN C 251 -5.49 -7.33 -8.77
N THR C 252 -6.19 -6.20 -8.64
CA THR C 252 -7.52 -6.02 -9.28
C THR C 252 -7.45 -6.12 -10.82
N SER C 253 -8.59 -6.52 -11.39
CA SER C 253 -8.66 -6.99 -12.78
C SER C 253 -8.91 -5.89 -13.80
N SER C 254 -8.61 -6.23 -15.05
CA SER C 254 -8.95 -5.41 -16.20
C SER C 254 -10.48 -5.42 -16.43
N SER C 255 -10.99 -4.37 -17.06
CA SER C 255 -12.39 -4.35 -17.50
C SER C 255 -12.49 -4.86 -18.93
N GLN C 256 -13.72 -5.03 -19.41
CA GLN C 256 -13.99 -5.40 -20.79
C GLN C 256 -13.20 -6.66 -21.22
N LEU C 257 -13.30 -7.71 -20.42
CA LEU C 257 -12.50 -8.92 -20.64
C LEU C 257 -12.81 -9.69 -21.93
N THR C 258 -13.98 -9.47 -22.55
CA THR C 258 -14.30 -10.18 -23.78
C THR C 258 -13.80 -9.49 -25.04
N LEU C 259 -13.32 -8.25 -24.95
CA LEU C 259 -12.88 -7.52 -26.15
C LEU C 259 -11.71 -8.18 -26.86
N HIS C 260 -10.73 -8.64 -26.09
CA HIS C 260 -9.58 -9.35 -26.66
C HIS C 260 -9.46 -10.72 -25.95
N PRO C 261 -10.41 -11.64 -26.23
CA PRO C 261 -10.59 -12.86 -25.43
C PRO C 261 -9.48 -13.92 -25.56
N ASN C 262 -8.67 -13.86 -26.62
CA ASN C 262 -7.61 -14.85 -26.83
C ASN C 262 -6.40 -14.59 -25.92
N LYS C 263 -6.43 -15.17 -24.73
CA LYS C 263 -5.34 -15.01 -23.73
C LYS C 263 -4.17 -16.01 -23.89
N THR C 264 -4.19 -16.80 -24.96
CA THR C 264 -3.05 -17.64 -25.33
C THR C 264 -2.61 -17.31 -26.76
N LEU C 265 -2.66 -16.03 -27.09
CA LEU C 265 -2.29 -15.53 -28.43
C LEU C 265 -0.84 -15.90 -28.80
N PHE C 266 0.05 -15.84 -27.81
CA PHE C 266 1.48 -16.10 -28.01
C PHE C 266 1.97 -17.45 -27.42
N LYS C 267 1.08 -18.43 -27.31
CA LYS C 267 1.43 -19.78 -26.86
C LYS C 267 2.35 -20.44 -27.88
N ASN C 268 3.43 -21.06 -27.40
CA ASN C 268 4.52 -21.68 -28.21
C ASN C 268 5.45 -20.67 -28.89
N HIS C 269 5.38 -19.41 -28.50
CA HIS C 269 6.22 -18.37 -29.12
C HIS C 269 7.11 -17.76 -28.05
N HIS C 270 8.40 -17.67 -28.36
CA HIS C 270 9.39 -17.10 -27.46
C HIS C 270 10.13 -15.96 -28.20
N PHE C 271 9.97 -14.73 -27.72
CA PHE C 271 10.49 -13.52 -28.40
C PHE C 271 11.85 -13.09 -27.85
N ALA C 272 12.80 -12.86 -28.75
CA ALA C 272 14.06 -12.20 -28.39
C ALA C 272 13.90 -10.70 -28.62
N ILE C 273 14.18 -9.91 -27.59
CA ILE C 273 14.02 -8.45 -27.61
C ILE C 273 15.39 -7.82 -27.85
N SER C 274 15.53 -7.06 -28.92
CA SER C 274 16.79 -6.40 -29.27
C SER C 274 17.18 -5.29 -28.28
N PRO C 275 18.49 -5.10 -28.02
CA PRO C 275 18.92 -3.94 -27.21
C PRO C 275 18.79 -2.57 -27.88
N ASP C 276 18.59 -2.52 -29.20
CA ASP C 276 18.35 -1.23 -29.88
C ASP C 276 17.00 -0.57 -29.52
N LEU C 277 16.10 -1.30 -28.85
CA LEU C 277 14.85 -0.72 -28.31
C LEU C 277 15.10 0.27 -27.18
N ASN C 278 15.81 -0.17 -26.14
CA ASN C 278 16.32 0.73 -25.11
C ASN C 278 15.18 1.51 -24.42
N PHE C 279 14.19 0.77 -23.93
CA PHE C 279 13.08 1.40 -23.25
C PHE C 279 13.44 1.83 -21.82
N PHE C 280 12.81 2.92 -21.38
CA PHE C 280 12.63 3.21 -19.95
C PHE C 280 12.25 1.90 -19.28
N THR C 281 12.95 1.54 -18.23
CA THR C 281 12.87 0.17 -17.71
C THR C 281 11.45 -0.29 -17.34
N PRO C 282 10.64 0.58 -16.72
CA PRO C 282 9.23 0.19 -16.52
C PRO C 282 8.41 -0.02 -17.81
N LEU C 283 8.74 0.70 -18.89
CA LEU C 283 8.10 0.42 -20.18
C LEU C 283 8.47 -0.95 -20.73
N TYR C 284 9.72 -1.37 -20.54
CA TYR C 284 10.12 -2.72 -20.92
C TYR C 284 9.33 -3.73 -20.10
N TRP C 285 9.17 -3.48 -18.79
CA TRP C 285 8.35 -4.36 -17.96
C TRP C 285 6.91 -4.44 -18.47
N PHE C 286 6.34 -3.30 -18.84
CA PHE C 286 5.01 -3.27 -19.45
C PHE C 286 4.93 -4.16 -20.68
N LEU C 287 5.86 -3.99 -21.62
CA LEU C 287 5.90 -4.81 -22.84
C LEU C 287 6.10 -6.30 -22.52
N LYS C 288 7.04 -6.59 -21.62
CA LYS C 288 7.28 -7.94 -21.14
C LYS C 288 6.03 -8.61 -20.53
N GLY C 289 5.30 -7.86 -19.70
CA GLY C 289 4.06 -8.34 -19.08
C GLY C 289 2.94 -8.56 -20.09
N PHE C 290 2.85 -7.66 -21.06
CA PHE C 290 1.90 -7.83 -22.19
C PHE C 290 2.17 -9.14 -22.96
N ILE C 291 3.43 -9.42 -23.28
CA ILE C 291 3.81 -10.65 -23.97
C ILE C 291 3.50 -11.88 -23.12
N GLU C 292 3.95 -11.85 -21.86
CA GLU C 292 3.76 -12.99 -20.94
C GLU C 292 2.30 -13.25 -20.54
N ASP C 293 1.49 -12.21 -20.40
CA ASP C 293 0.06 -12.38 -20.10
C ASP C 293 -0.74 -12.96 -21.27
N LEU C 294 -0.12 -13.08 -22.45
CA LEU C 294 -0.70 -13.82 -23.58
C LEU C 294 0.01 -15.17 -23.79
N ASP C 295 0.60 -15.69 -22.70
CA ASP C 295 1.31 -16.97 -22.69
C ASP C 295 2.56 -17.05 -23.58
N GLY C 296 3.13 -15.89 -23.92
CA GLY C 296 4.39 -15.83 -24.64
C GLY C 296 5.53 -15.83 -23.66
N LYS C 297 6.75 -15.90 -24.20
CA LYS C 297 7.97 -15.86 -23.42
C LYS C 297 8.89 -14.80 -24.00
N VAL C 298 9.71 -14.21 -23.14
CA VAL C 298 10.56 -13.06 -23.51
C VAL C 298 11.99 -13.28 -23.01
N THR C 299 12.96 -13.17 -23.92
CA THR C 299 14.39 -13.06 -23.54
C THR C 299 14.95 -11.72 -24.04
N PRO C 300 15.52 -10.90 -23.14
CA PRO C 300 16.24 -9.71 -23.59
C PRO C 300 17.67 -10.03 -24.03
N LEU C 301 18.04 -9.55 -25.22
CA LEU C 301 19.41 -9.63 -25.72
C LEU C 301 20.12 -8.34 -25.33
N SER C 302 21.42 -8.42 -25.00
CA SER C 302 22.24 -7.23 -24.75
C SER C 302 23.42 -7.16 -25.72
N PHE C 303 24.02 -5.99 -25.85
CA PHE C 303 25.11 -5.77 -26.80
C PHE C 303 26.33 -6.66 -26.54
N SER C 304 26.66 -6.90 -25.27
CA SER C 304 27.80 -7.74 -24.88
C SER C 304 27.52 -9.27 -24.79
N ASP C 305 26.31 -9.71 -25.16
CA ASP C 305 25.97 -11.14 -25.22
C ASP C 305 26.66 -11.83 -26.38
N ASP C 306 26.93 -13.13 -26.21
CA ASP C 306 27.34 -14.00 -27.30
C ASP C 306 26.10 -14.74 -27.75
N LEU C 307 25.66 -14.44 -28.97
CA LEU C 307 24.35 -14.89 -29.45
C LEU C 307 24.26 -16.39 -29.69
N LYS C 308 25.38 -17.02 -30.07
CA LYS C 308 25.42 -18.47 -30.30
C LYS C 308 24.99 -19.25 -29.07
N SER C 309 25.51 -18.87 -27.91
CA SER C 309 25.22 -19.55 -26.65
C SER C 309 23.82 -19.25 -26.12
N VAL C 310 23.29 -18.06 -26.45
CA VAL C 310 21.93 -17.66 -26.04
C VAL C 310 20.90 -18.54 -26.77
N TYR C 311 21.03 -18.64 -28.09
CA TYR C 311 20.13 -19.44 -28.92
C TYR C 311 20.35 -20.96 -28.74
N GLN C 312 21.52 -21.33 -28.22
CA GLN C 312 21.75 -22.69 -27.68
C GLN C 312 20.98 -22.89 -26.38
N ALA C 313 21.14 -21.95 -25.45
CA ALA C 313 20.50 -22.01 -24.13
C ALA C 313 18.97 -21.95 -24.19
N PHE C 314 18.44 -21.27 -25.20
CA PHE C 314 16.99 -21.06 -25.36
C PHE C 314 16.56 -21.43 -26.79
N PRO C 315 16.51 -22.75 -27.09
CA PRO C 315 16.24 -23.20 -28.45
C PRO C 315 14.82 -22.90 -28.98
N ASP C 316 13.85 -22.67 -28.09
CA ASP C 316 12.47 -22.36 -28.50
C ASP C 316 12.24 -20.90 -28.98
N ILE C 317 13.28 -20.06 -28.97
CA ILE C 317 13.19 -18.71 -29.52
C ILE C 317 12.96 -18.74 -31.04
N ASP C 318 11.76 -18.30 -31.43
CA ASP C 318 11.31 -18.29 -32.82
C ASP C 318 10.97 -16.88 -33.34
N CYS C 319 11.25 -15.83 -32.55
CA CYS C 319 10.86 -14.46 -32.92
C CYS C 319 11.91 -13.46 -32.46
N TYR C 320 12.19 -12.47 -33.31
CA TYR C 320 13.07 -11.36 -33.00
C TYR C 320 12.23 -10.09 -33.08
N ILE C 321 12.33 -9.24 -32.07
CA ILE C 321 11.64 -7.97 -32.01
C ILE C 321 12.72 -6.92 -31.87
N GLY C 322 12.81 -6.04 -32.86
CA GLY C 322 13.82 -4.97 -32.87
C GLY C 322 13.33 -3.74 -33.59
N HIS C 323 14.04 -2.64 -33.46
CA HIS C 323 13.66 -1.37 -34.10
C HIS C 323 14.25 -1.26 -35.52
N SER C 324 15.56 -1.39 -35.62
CA SER C 324 16.28 -1.16 -36.89
C SER C 324 16.46 -2.45 -37.69
N ALA C 325 16.20 -2.38 -39.00
CA ALA C 325 16.55 -3.49 -39.93
C ALA C 325 18.05 -3.69 -40.11
N ASN C 326 18.85 -2.64 -39.87
CA ASN C 326 20.32 -2.69 -40.07
C ASN C 326 21.12 -2.94 -38.79
N SER C 327 20.52 -3.64 -37.83
CA SER C 327 21.17 -3.92 -36.55
C SER C 327 22.16 -5.05 -36.74
N PRO C 328 23.43 -4.86 -36.29
CA PRO C 328 24.40 -5.97 -36.28
C PRO C 328 23.87 -7.19 -35.51
N ILE C 329 23.06 -6.94 -34.47
CA ILE C 329 22.43 -8.01 -33.68
C ILE C 329 21.44 -8.83 -34.52
N LEU C 330 20.66 -8.17 -35.38
CA LEU C 330 19.75 -8.88 -36.29
C LEU C 330 20.51 -9.69 -37.36
N GLU C 331 21.59 -9.11 -37.91
CA GLU C 331 22.38 -9.78 -38.96
C GLU C 331 22.94 -11.12 -38.48
N LYS C 332 23.54 -11.12 -37.28
CA LYS C 332 24.02 -12.35 -36.64
C LYS C 332 22.88 -13.30 -36.26
N THR C 333 21.76 -12.75 -35.78
CA THR C 333 20.59 -13.55 -35.43
C THR C 333 20.04 -14.29 -36.66
N LYS C 334 20.01 -13.62 -37.81
CA LYS C 334 19.59 -14.28 -39.07
C LYS C 334 20.55 -15.40 -39.50
N SER C 335 21.85 -15.12 -39.40
CA SER C 335 22.91 -16.11 -39.63
C SER C 335 22.69 -17.42 -38.82
N ILE C 336 22.44 -17.28 -37.52
CA ILE C 336 22.27 -18.43 -36.61
C ILE C 336 20.89 -19.08 -36.74
N LYS C 337 19.84 -18.27 -36.80
CA LYS C 337 18.45 -18.73 -36.91
C LYS C 337 17.82 -18.16 -38.19
N PRO C 338 18.03 -18.82 -39.35
CA PRO C 338 17.50 -18.28 -40.62
C PRO C 338 15.96 -18.28 -40.80
N GLU C 339 15.24 -19.17 -40.09
CA GLU C 339 13.77 -19.23 -40.15
C GLU C 339 13.04 -18.31 -39.14
N ILE C 340 13.77 -17.48 -38.40
CA ILE C 340 13.20 -16.73 -37.29
C ILE C 340 12.24 -15.64 -37.79
N HIS C 341 11.15 -15.41 -37.07
CA HIS C 341 10.25 -14.29 -37.37
C HIS C 341 10.96 -12.97 -37.01
N VAL C 342 10.93 -12.00 -37.93
CA VAL C 342 11.61 -10.72 -37.73
C VAL C 342 10.59 -9.58 -37.76
N GLY C 343 10.28 -9.03 -36.58
CA GLY C 343 9.29 -7.98 -36.42
C GLY C 343 9.74 -6.85 -35.53
N ASN C 344 8.89 -5.83 -35.44
CA ASN C 344 9.08 -4.70 -34.52
C ASN C 344 7.97 -4.73 -33.48
N VAL C 345 7.96 -3.76 -32.57
CA VAL C 345 6.93 -3.73 -31.53
C VAL C 345 5.51 -3.49 -32.09
N SER C 346 5.40 -2.72 -33.17
CA SER C 346 4.12 -2.53 -33.89
C SER C 346 3.48 -3.86 -34.30
N TRP C 347 4.33 -4.81 -34.74
CA TRP C 347 3.89 -6.14 -35.13
C TRP C 347 3.12 -6.86 -34.02
N LEU C 348 3.68 -6.82 -32.81
CA LEU C 348 3.06 -7.42 -31.64
C LEU C 348 1.65 -6.86 -31.41
N PHE C 349 1.49 -5.55 -31.49
CA PHE C 349 0.19 -4.94 -31.24
C PHE C 349 -0.80 -5.08 -32.40
N TYR C 350 -0.30 -5.28 -33.62
CA TYR C 350 -1.12 -5.64 -34.77
C TYR C 350 -1.71 -7.05 -34.61
N MET C 351 -0.89 -8.01 -34.15
CA MET C 351 -1.35 -9.38 -33.90
C MET C 351 -2.38 -9.45 -32.77
N PHE C 352 -2.20 -8.58 -31.79
CA PHE C 352 -3.16 -8.41 -30.71
C PHE C 352 -4.51 -7.90 -31.22
N ALA C 353 -4.46 -6.88 -32.09
CA ALA C 353 -5.66 -6.34 -32.74
C ALA C 353 -6.41 -7.38 -33.57
N LEU C 354 -5.68 -8.15 -34.38
CA LEU C 354 -6.26 -9.23 -35.20
C LEU C 354 -6.67 -10.49 -34.40
N GLN C 355 -6.16 -10.62 -33.17
CA GLN C 355 -6.34 -11.81 -32.30
C GLN C 355 -5.88 -13.09 -32.97
N LYS C 356 -4.72 -13.00 -33.61
CA LYS C 356 -4.14 -14.13 -34.30
C LYS C 356 -2.66 -13.87 -34.54
N PHE C 357 -1.84 -14.87 -34.19
CA PHE C 357 -0.44 -14.86 -34.59
C PHE C 357 -0.39 -14.93 -36.10
N THR C 358 0.34 -13.97 -36.68
CA THR C 358 0.36 -13.77 -38.11
C THR C 358 1.82 -13.52 -38.49
N PRO C 359 2.37 -14.28 -39.44
CA PRO C 359 3.75 -14.01 -39.89
C PRO C 359 3.86 -12.62 -40.52
N VAL C 360 5.05 -12.07 -40.47
CA VAL C 360 5.29 -10.68 -40.81
C VAL C 360 5.02 -10.42 -42.30
N SER C 361 5.36 -11.37 -43.15
CA SER C 361 5.05 -11.27 -44.59
C SER C 361 3.55 -11.18 -44.87
N GLN C 362 2.73 -11.74 -43.97
CA GLN C 362 1.27 -11.58 -44.01
C GLN C 362 0.75 -10.28 -43.36
N CYS C 363 1.63 -9.53 -42.69
CA CYS C 363 1.29 -8.21 -42.15
C CYS C 363 1.78 -7.09 -43.10
N LYS C 364 1.79 -5.86 -42.62
CA LYS C 364 2.11 -4.69 -43.45
C LYS C 364 3.57 -4.24 -43.39
N LEU C 365 3.94 -3.31 -44.28
CA LEU C 365 5.31 -2.85 -44.41
C LEU C 365 5.88 -2.22 -43.13
N ILE C 366 4.97 -1.60 -42.36
CA ILE C 366 5.32 -0.93 -41.12
C ILE C 366 5.56 -1.86 -39.93
N HIS C 367 5.34 -3.17 -40.12
CA HIS C 367 5.56 -4.17 -39.08
C HIS C 367 6.92 -4.89 -39.15
N GLN C 368 7.75 -4.53 -40.14
CA GLN C 368 9.14 -4.99 -40.21
C GLN C 368 10.01 -3.99 -39.46
N PRO C 369 11.18 -4.43 -38.96
CA PRO C 369 12.18 -3.46 -38.50
C PRO C 369 12.48 -2.43 -39.58
N PHE C 370 12.65 -1.17 -39.19
CA PHE C 370 12.62 -0.07 -40.15
C PHE C 370 13.89 0.05 -40.98
N HIS C 371 13.72 0.34 -42.26
CA HIS C 371 14.84 0.61 -43.16
C HIS C 371 15.57 1.85 -42.70
N ALA C 372 16.74 2.09 -43.27
CA ALA C 372 17.46 3.34 -43.02
C ALA C 372 16.72 4.52 -43.67
N LYS C 373 17.15 5.73 -43.32
CA LYS C 373 16.52 6.95 -43.83
C LYS C 373 16.74 7.05 -45.35
N LEU C 374 15.65 7.10 -46.11
CA LEU C 374 15.71 7.15 -47.57
C LEU C 374 15.78 8.60 -48.07
N PHE C 375 14.81 9.42 -47.59
CA PHE C 375 14.60 10.82 -47.98
C PHE C 375 14.91 11.78 -46.85
N THR C 376 15.21 13.03 -47.20
CA THR C 376 15.24 14.17 -46.24
C THR C 376 13.89 14.87 -46.27
N SER C 377 13.61 15.73 -45.29
CA SER C 377 12.37 16.54 -45.29
C SER C 377 12.33 17.54 -46.45
N LYS C 378 13.49 18.08 -46.82
CA LYS C 378 13.59 18.95 -48.01
C LYS C 378 13.11 18.25 -49.32
N GLU C 379 13.28 16.92 -49.40
CA GLU C 379 12.77 16.11 -50.51
C GLU C 379 11.34 15.59 -50.31
N LEU C 380 10.88 15.51 -49.06
CA LEU C 380 9.65 14.80 -48.72
C LEU C 380 8.93 15.47 -47.55
N THR C 381 8.26 16.58 -47.83
CA THR C 381 7.37 17.26 -46.89
C THR C 381 5.99 17.19 -47.53
N VAL C 382 5.20 16.18 -47.14
CA VAL C 382 3.99 15.84 -47.89
C VAL C 382 2.73 16.34 -47.19
N ALA C 383 1.78 16.80 -48.00
CA ALA C 383 0.41 16.96 -47.57
C ALA C 383 -0.31 15.75 -48.12
N TYR C 384 -1.56 15.57 -47.70
CA TYR C 384 -2.40 14.48 -48.22
C TYR C 384 -3.87 14.86 -48.10
N THR C 385 -4.75 14.09 -48.73
CA THR C 385 -6.17 14.45 -48.76
C THR C 385 -7.05 13.26 -49.10
N ASN C 386 -8.27 13.26 -48.56
CA ASN C 386 -9.22 12.14 -48.63
C ASN C 386 -8.75 10.87 -47.88
N TYR C 387 -7.88 11.04 -46.88
CA TYR C 387 -7.39 9.91 -46.06
C TYR C 387 -7.97 10.05 -44.66
N PHE C 388 -8.76 9.06 -44.24
CA PHE C 388 -9.54 9.16 -42.99
C PHE C 388 -9.09 8.15 -41.93
N GLY C 389 -8.89 8.64 -40.70
CA GLY C 389 -8.72 7.80 -39.52
C GLY C 389 -7.45 6.97 -39.49
N SER C 390 -7.59 5.66 -39.66
CA SER C 390 -6.43 4.75 -39.68
C SER C 390 -5.54 4.91 -40.92
N GLN C 391 -6.12 5.31 -42.05
CA GLN C 391 -5.33 5.64 -43.24
C GLN C 391 -4.41 6.83 -42.98
N ARG C 392 -4.92 7.83 -42.26
CA ARG C 392 -4.15 8.99 -41.80
C ARG C 392 -2.97 8.58 -40.97
N PHE C 393 -3.22 7.75 -39.97
CA PHE C 393 -2.16 7.20 -39.12
C PHE C 393 -1.14 6.46 -39.99
N TYR C 394 -1.62 5.65 -40.92
CA TYR C 394 -0.75 4.81 -41.73
C TYR C 394 0.15 5.64 -42.67
N ILE C 395 -0.44 6.65 -43.32
CA ILE C 395 0.32 7.55 -44.20
C ILE C 395 1.38 8.37 -43.40
N GLN C 396 1.01 8.84 -42.22
CA GLN C 396 1.95 9.51 -41.30
C GLN C 396 3.12 8.61 -40.87
N ARG C 397 2.85 7.34 -40.64
CA ARG C 397 3.89 6.40 -40.24
C ARG C 397 4.86 6.09 -41.39
N LEU C 398 4.28 5.82 -42.57
CA LEU C 398 5.05 5.53 -43.77
C LEU C 398 6.00 6.71 -44.11
N VAL C 399 5.47 7.92 -44.13
CA VAL C 399 6.28 9.11 -44.44
C VAL C 399 7.42 9.30 -43.44
N GLU C 400 7.10 9.08 -42.18
CA GLU C 400 8.03 9.15 -41.04
C GLU C 400 9.21 8.18 -41.23
N ILE C 401 8.91 6.92 -41.50
CA ILE C 401 9.95 5.89 -41.69
C ILE C 401 10.66 5.98 -43.07
N LEU C 402 10.06 6.69 -44.02
CA LEU C 402 10.73 7.10 -45.26
C LEU C 402 11.77 8.18 -45.03
N GLY C 403 11.66 8.93 -43.95
CA GLY C 403 12.63 9.95 -43.59
C GLY C 403 12.14 11.37 -43.71
N GLY C 404 10.87 11.54 -44.08
CA GLY C 404 10.30 12.85 -44.34
C GLY C 404 9.38 13.38 -43.27
N LEU C 405 8.62 14.39 -43.65
CA LEU C 405 7.71 15.12 -42.78
C LEU C 405 6.34 15.06 -43.43
N SER C 406 5.28 15.03 -42.63
CA SER C 406 3.92 15.21 -43.13
C SER C 406 3.25 16.39 -42.43
N THR C 407 2.58 17.24 -43.19
CA THR C 407 1.85 18.41 -42.66
C THR C 407 0.32 18.17 -42.59
N PRO C 408 -0.40 18.99 -41.79
CA PRO C 408 -1.87 18.94 -41.78
C PRO C 408 -2.52 19.75 -42.91
N GLU C 409 -1.99 20.95 -43.18
CA GLU C 409 -2.46 21.81 -44.27
C GLU C 409 -1.55 21.71 -45.51
N LEU C 410 -2.11 22.09 -46.66
CA LEU C 410 -1.37 22.20 -47.92
C LEU C 410 -0.83 23.63 -48.04
N THR C 411 0.48 23.78 -47.98
CA THR C 411 1.13 25.09 -48.17
C THR C 411 2.32 24.93 -49.12
N ARG C 412 2.86 26.06 -49.57
CA ARG C 412 3.89 26.06 -50.63
C ARG C 412 5.23 25.40 -50.25
N LYS C 413 5.48 25.21 -48.96
CA LYS C 413 6.65 24.42 -48.52
C LYS C 413 6.52 22.92 -48.82
N ASN C 414 5.30 22.42 -49.06
CA ASN C 414 5.09 21.01 -49.42
C ASN C 414 5.74 20.65 -50.75
N THR C 415 6.41 19.50 -50.78
CA THR C 415 6.99 18.93 -51.99
C THR C 415 6.00 18.04 -52.72
N HIS C 416 5.00 17.53 -51.99
CA HIS C 416 4.08 16.53 -52.54
C HIS C 416 2.67 16.66 -51.97
N LEU C 417 1.69 16.26 -52.78
CA LEU C 417 0.35 15.95 -52.30
C LEU C 417 0.08 14.49 -52.65
N ILE C 418 -0.26 13.68 -51.64
CA ILE C 418 -0.62 12.29 -51.84
C ILE C 418 -2.15 12.22 -51.95
N THR C 419 -2.68 11.40 -52.86
CA THR C 419 -4.13 11.35 -53.08
C THR C 419 -4.64 10.03 -53.67
N LYS C 420 -5.80 9.60 -53.20
CA LYS C 420 -6.52 8.44 -53.73
C LYS C 420 -7.26 8.81 -55.02
N SER C 421 -7.75 10.05 -55.08
CA SER C 421 -8.73 10.46 -56.07
C SER C 421 -8.57 11.94 -56.47
N THR C 422 -9.47 12.42 -57.32
CA THR C 422 -9.46 13.80 -57.80
C THR C 422 -10.44 14.73 -57.08
N ILE C 423 -11.13 14.25 -56.04
CA ILE C 423 -12.14 15.07 -55.33
C ILE C 423 -11.49 16.07 -54.36
N GLY C 424 -12.29 16.99 -53.86
CA GLY C 424 -11.87 17.91 -52.80
C GLY C 424 -11.10 19.14 -53.26
N LYS C 425 -11.03 20.12 -52.36
CA LYS C 425 -10.36 21.40 -52.58
C LYS C 425 -8.84 21.23 -52.73
N LYS C 426 -8.21 20.50 -51.79
CA LYS C 426 -6.74 20.32 -51.77
C LYS C 426 -6.14 19.77 -53.06
N PHE C 427 -6.82 18.81 -53.67
CA PHE C 427 -6.38 18.26 -54.96
C PHE C 427 -6.41 19.31 -56.05
N LYS C 428 -7.50 20.09 -56.10
CA LYS C 428 -7.71 21.13 -57.11
C LYS C 428 -6.61 22.20 -57.06
N VAL C 429 -6.27 22.63 -55.84
CA VAL C 429 -5.23 23.65 -55.61
C VAL C 429 -3.85 23.09 -56.00
N ALA C 430 -3.59 21.85 -55.59
CA ALA C 430 -2.32 21.18 -55.83
C ALA C 430 -2.10 20.87 -57.32
N LYS C 431 -3.16 20.39 -57.99
CA LYS C 431 -3.10 20.05 -59.41
C LYS C 431 -2.77 21.27 -60.26
N LYS C 432 -3.32 22.42 -59.88
CA LYS C 432 -3.00 23.69 -60.56
C LYS C 432 -1.57 24.13 -60.23
N TRP C 433 -1.15 23.97 -58.98
CA TRP C 433 0.24 24.26 -58.57
C TRP C 433 1.28 23.35 -59.24
N SER C 434 0.89 22.14 -59.63
CA SER C 434 1.81 21.21 -60.29
C SER C 434 2.27 21.63 -61.70
N LEU C 435 1.64 22.67 -62.28
CA LEU C 435 2.07 23.26 -63.56
C LEU C 435 3.16 24.33 -63.42
N ASP C 436 3.42 24.81 -62.20
CA ASP C 436 4.35 25.93 -61.94
C ASP C 436 5.76 25.68 -62.51
N PRO C 437 6.49 26.77 -62.84
CA PRO C 437 7.82 26.59 -63.45
C PRO C 437 8.95 26.24 -62.46
N GLN C 438 9.01 26.93 -61.32
CA GLN C 438 10.16 26.84 -60.38
C GLN C 438 9.91 25.83 -59.23
N ASN C 439 9.28 26.29 -58.14
CA ASN C 439 9.05 25.45 -56.95
C ASN C 439 7.82 24.58 -57.21
N ALA C 440 8.05 23.45 -57.89
CA ALA C 440 6.97 22.62 -58.44
C ALA C 440 6.57 21.49 -57.48
N ILE C 441 5.37 21.60 -56.91
CA ILE C 441 4.77 20.51 -56.11
C ILE C 441 4.41 19.37 -57.04
N ILE C 442 4.50 18.14 -56.53
CA ILE C 442 4.16 16.95 -57.29
C ILE C 442 2.92 16.33 -56.66
N VAL C 443 1.97 15.95 -57.51
CA VAL C 443 0.81 15.19 -57.07
C VAL C 443 1.08 13.76 -57.49
N THR C 444 0.95 12.84 -56.54
CA THR C 444 1.08 11.41 -56.79
C THR C 444 0.20 10.62 -55.81
N ASN C 445 -0.04 9.34 -56.10
CA ASN C 445 -0.84 8.50 -55.22
C ASN C 445 0.01 7.88 -54.09
N HIS C 446 -0.67 7.21 -53.15
CA HIS C 446 0.00 6.60 -51.99
C HIS C 446 0.88 5.38 -52.32
N MET C 447 0.71 4.79 -53.50
CA MET C 447 1.52 3.62 -53.88
C MET C 447 2.99 3.98 -54.15
N TRP C 448 3.26 5.25 -54.46
CA TRP C 448 4.64 5.73 -54.59
C TRP C 448 5.39 5.65 -53.26
N LEU C 449 4.80 6.21 -52.21
CA LEU C 449 5.31 6.05 -50.85
C LEU C 449 5.58 4.60 -50.50
N GLU C 450 4.58 3.75 -50.73
CA GLU C 450 4.68 2.32 -50.40
C GLU C 450 5.76 1.60 -51.19
N GLN C 451 5.82 1.86 -52.50
CA GLN C 451 6.81 1.21 -53.36
C GLN C 451 8.23 1.75 -53.10
N CYS C 452 8.37 3.05 -52.85
CA CYS C 452 9.66 3.62 -52.43
C CYS C 452 10.23 2.93 -51.20
N TYR C 453 9.37 2.68 -50.21
CA TYR C 453 9.78 1.98 -48.98
C TYR C 453 10.06 0.50 -49.23
N MET C 454 9.15 -0.19 -49.92
CA MET C 454 9.32 -1.63 -50.21
C MET C 454 10.55 -1.95 -51.05
N ASN C 455 10.89 -1.08 -52.00
CA ASN C 455 12.09 -1.24 -52.86
C ASN C 455 13.33 -0.48 -52.34
N ASN C 456 13.16 0.30 -51.27
CA ASN C 456 14.24 1.10 -50.67
C ASN C 456 15.00 1.89 -51.73
N SER C 457 14.23 2.69 -52.46
CA SER C 457 14.72 3.43 -53.62
C SER C 457 13.85 4.66 -53.84
N LYS C 458 14.48 5.80 -54.13
CA LYS C 458 13.76 7.03 -54.46
C LYS C 458 13.16 6.95 -55.86
N LEU C 459 12.05 6.22 -56.00
CA LEU C 459 11.34 6.11 -57.27
C LEU C 459 10.81 7.47 -57.74
N ASN C 460 10.55 7.55 -59.05
CA ASN C 460 10.01 8.74 -59.67
C ASN C 460 8.50 8.73 -59.44
N PRO C 461 7.97 9.78 -58.79
CA PRO C 461 6.52 9.86 -58.54
C PRO C 461 5.62 10.16 -59.77
N LYS C 462 6.21 10.35 -60.95
CA LYS C 462 5.46 10.60 -62.19
C LYS C 462 5.36 9.39 -63.12
N ASP C 463 5.81 8.20 -62.69
CA ASP C 463 5.52 6.96 -63.45
C ASP C 463 4.00 6.77 -63.50
N SER C 464 3.51 6.11 -64.55
CA SER C 464 2.06 6.04 -64.79
C SER C 464 1.31 5.38 -63.62
N ARG C 465 1.85 4.28 -63.09
CA ARG C 465 1.28 3.61 -61.91
C ARG C 465 1.05 4.55 -60.71
N PHE C 466 1.91 5.55 -60.55
CA PHE C 466 1.78 6.52 -59.45
C PHE C 466 1.01 7.80 -59.78
N GLN C 467 0.51 7.91 -61.02
CA GLN C 467 -0.42 8.98 -61.40
C GLN C 467 -1.89 8.51 -61.49
N ASN C 468 -2.12 7.19 -61.39
CA ASN C 468 -3.47 6.61 -61.27
C ASN C 468 -4.25 7.16 -60.05
N PHE C 469 -5.16 8.11 -60.31
CA PHE C 469 -6.02 8.69 -59.27
C PHE C 469 -7.48 8.20 -59.32
N LYS C 470 -7.68 6.95 -59.73
CA LYS C 470 -8.99 6.30 -59.66
C LYS C 470 -8.82 4.95 -58.98
N LEU C 471 -8.32 5.04 -57.75
CA LEU C 471 -7.99 3.88 -56.93
C LEU C 471 -9.22 3.26 -56.26
N ASP C 472 -10.31 4.03 -56.20
CA ASP C 472 -11.57 3.60 -55.59
C ASP C 472 -12.32 2.53 -56.38
N ASP C 473 -11.87 2.20 -57.59
CA ASP C 473 -12.44 1.10 -58.36
C ASP C 473 -12.14 -0.29 -57.76
N ASN C 474 -11.01 -0.44 -57.07
CA ASN C 474 -10.58 -1.72 -56.50
C ASN C 474 -10.07 -1.53 -55.08
N MET C 475 -10.54 -2.38 -54.16
CA MET C 475 -10.09 -2.32 -52.76
C MET C 475 -8.67 -2.84 -52.52
N GLY C 476 -8.14 -3.63 -53.46
CA GLY C 476 -6.72 -3.99 -53.48
C GLY C 476 -5.75 -2.82 -53.47
N TRP C 477 -6.22 -1.62 -53.86
CA TRP C 477 -5.41 -0.39 -53.85
C TRP C 477 -5.56 0.50 -52.59
N ASN C 478 -6.29 0.06 -51.57
CA ASN C 478 -6.27 0.77 -50.28
C ASN C 478 -4.83 0.84 -49.78
N ILE C 479 -4.44 2.02 -49.26
CA ILE C 479 -3.14 2.17 -48.62
C ILE C 479 -2.93 1.08 -47.57
N GLY C 480 -1.73 0.52 -47.54
CA GLY C 480 -1.36 -0.55 -46.62
C GLY C 480 -1.51 -1.97 -47.16
N GLN C 481 -2.13 -2.12 -48.32
CA GLN C 481 -2.25 -3.44 -48.97
C GLN C 481 -0.98 -3.94 -49.67
N ILE C 482 -0.15 -3.02 -50.18
CA ILE C 482 1.12 -3.35 -50.83
C ILE C 482 2.07 -3.98 -49.82
N GLY C 483 2.64 -5.13 -50.17
CA GLY C 483 3.56 -5.88 -49.30
C GLY C 483 2.91 -6.88 -48.34
N MET C 484 1.72 -7.36 -48.71
CA MET C 484 0.97 -8.36 -47.94
C MET C 484 0.88 -9.60 -48.82
N ASP C 485 1.40 -10.73 -48.35
CA ASP C 485 1.55 -11.97 -49.15
C ASP C 485 2.47 -11.78 -50.36
N SER D 1 -5.55 26.98 -35.26
CA SER D 1 -4.40 27.90 -35.04
C SER D 1 -3.33 27.29 -34.12
N ILE D 2 -2.08 27.28 -34.61
CA ILE D 2 -0.96 26.63 -33.89
C ILE D 2 -0.30 27.54 -32.84
N ILE D 3 0.12 26.93 -31.73
CA ILE D 3 0.85 27.60 -30.65
C ILE D 3 2.33 27.28 -30.81
N TYR D 4 2.67 25.99 -30.71
CA TYR D 4 4.05 25.50 -30.85
C TYR D 4 4.13 24.43 -31.93
N GLU D 5 5.26 24.39 -32.62
CA GLU D 5 5.49 23.45 -33.70
C GLU D 5 6.98 23.12 -33.72
N PRO D 6 7.36 21.91 -33.23
CA PRO D 6 8.78 21.60 -33.00
C PRO D 6 9.61 21.60 -34.27
N GLU D 7 10.90 21.86 -34.13
CA GLU D 7 11.83 21.78 -35.26
C GLU D 7 12.00 20.29 -35.61
N PHE D 8 11.84 19.97 -36.89
CA PHE D 8 11.93 18.60 -37.35
C PHE D 8 13.39 18.12 -37.25
N ASN D 9 13.59 16.98 -36.59
CA ASN D 9 14.90 16.34 -36.50
C ASN D 9 15.00 15.30 -37.61
N GLU D 10 15.91 15.55 -38.55
CA GLU D 10 16.13 14.70 -39.73
C GLU D 10 16.42 13.24 -39.38
N ASN D 11 17.10 12.98 -38.27
CA ASN D 11 17.55 11.63 -37.92
C ASN D 11 17.00 11.07 -36.58
N TYR D 12 15.85 11.56 -36.12
CA TYR D 12 15.24 11.10 -34.87
C TYR D 12 14.97 9.57 -34.84
N LEU D 13 14.44 9.03 -35.93
CA LEU D 13 14.13 7.60 -36.01
C LEU D 13 15.36 6.67 -36.15
N TRP D 14 16.57 7.23 -36.28
CA TRP D 14 17.82 6.46 -36.42
C TRP D 14 18.99 6.87 -35.50
N ALA D 15 18.87 7.96 -34.73
CA ALA D 15 19.96 8.45 -33.89
C ALA D 15 20.25 7.54 -32.68
N GLU D 16 21.44 7.67 -32.11
CA GLU D 16 21.88 6.84 -30.98
C GLU D 16 22.27 7.70 -29.79
N SER E 2 40.33 -18.27 41.44
CA SER E 2 40.88 -18.94 40.22
C SER E 2 41.68 -17.98 39.34
N THR E 3 42.78 -18.46 38.78
CA THR E 3 43.70 -17.65 37.98
C THR E 3 44.09 -18.36 36.69
N SER E 4 44.58 -17.58 35.74
CA SER E 4 44.98 -18.09 34.43
C SER E 4 45.85 -17.06 33.70
N LEU E 5 46.26 -17.41 32.48
CA LEU E 5 47.03 -16.53 31.60
C LEU E 5 46.18 -15.96 30.44
N LEU E 6 44.86 -16.00 30.58
CA LEU E 6 43.95 -15.66 29.47
C LEU E 6 44.22 -14.29 28.87
N PHE E 7 44.31 -13.27 29.73
CA PHE E 7 44.49 -11.89 29.30
C PHE E 7 45.94 -11.39 29.37
N GLU E 8 46.92 -12.28 29.21
CA GLU E 8 48.32 -11.88 29.34
C GLU E 8 48.70 -10.78 28.34
N GLN E 9 49.33 -9.73 28.85
CA GLN E 9 49.94 -8.64 28.06
C GLN E 9 48.92 -7.67 27.41
N LEU E 10 47.69 -7.69 27.92
CA LEU E 10 46.59 -6.87 27.40
C LEU E 10 46.21 -5.80 28.43
N ASN E 11 45.97 -4.59 27.94
CA ASN E 11 45.65 -3.45 28.76
C ASN E 11 44.18 -3.11 28.60
N PHE E 12 43.52 -2.84 29.72
CA PHE E 12 42.09 -2.56 29.77
C PHE E 12 41.85 -1.19 30.37
N LEU E 13 40.83 -0.50 29.88
CA LEU E 13 40.36 0.77 30.42
C LEU E 13 38.91 0.55 30.83
N ILE E 14 38.61 0.58 32.12
CA ILE E 14 37.24 0.49 32.63
C ILE E 14 36.69 1.90 32.77
N LEU E 15 35.61 2.20 32.03
CA LEU E 15 34.91 3.47 32.15
C LEU E 15 33.73 3.27 33.10
N VAL E 16 33.71 4.06 34.17
CA VAL E 16 32.63 4.05 35.16
C VAL E 16 31.75 5.28 34.91
N ALA E 17 30.50 5.05 34.52
CA ALA E 17 29.58 6.12 34.13
C ALA E 17 28.89 6.82 35.30
N ALA E 18 28.67 6.09 36.40
CA ALA E 18 28.06 6.65 37.61
C ALA E 18 28.68 6.02 38.85
N GLU E 19 28.50 6.67 40.00
CA GLU E 19 29.03 6.17 41.29
C GLU E 19 28.51 4.77 41.63
N ALA E 20 27.30 4.46 41.18
CA ALA E 20 26.70 3.13 41.36
C ALA E 20 27.37 2.00 40.57
N GLU E 21 28.18 2.33 39.56
CA GLU E 21 28.94 1.34 38.79
C GLU E 21 30.30 0.92 39.43
N LEU E 22 30.73 1.57 40.51
CA LEU E 22 32.03 1.19 41.18
C LEU E 22 32.07 -0.28 41.60
N PRO E 23 30.99 -0.80 42.21
CA PRO E 23 30.98 -2.22 42.56
C PRO E 23 31.34 -3.17 41.41
N ILE E 24 30.76 -2.95 40.24
CA ILE E 24 31.06 -3.79 39.08
C ILE E 24 32.44 -3.48 38.49
N ALA E 25 32.85 -2.21 38.52
CA ALA E 25 34.21 -1.85 38.12
C ALA E 25 35.24 -2.60 38.96
N HIS E 26 35.01 -2.62 40.28
CA HIS E 26 35.84 -3.40 41.20
C HIS E 26 35.87 -4.89 40.86
N SER E 27 34.69 -5.48 40.67
CA SER E 27 34.53 -6.91 40.32
C SER E 27 35.17 -7.34 38.98
N THR E 28 35.02 -6.49 37.96
CA THR E 28 35.66 -6.70 36.66
C THR E 28 37.19 -6.60 36.75
N ARG E 29 37.68 -5.60 37.49
CA ARG E 29 39.11 -5.44 37.68
C ARG E 29 39.75 -6.66 38.34
N LYS E 30 39.08 -7.21 39.34
CA LYS E 30 39.55 -8.42 40.02
C LYS E 30 39.73 -9.56 39.02
N LEU E 31 38.71 -9.80 38.21
CA LEU E 31 38.74 -10.87 37.19
C LEU E 31 39.86 -10.67 36.16
N LEU E 32 40.04 -9.42 35.72
CA LEU E 32 41.13 -9.09 34.79
C LEU E 32 42.51 -9.37 35.42
N MET E 33 42.75 -8.82 36.62
CA MET E 33 44.01 -9.02 37.36
C MET E 33 44.24 -10.50 37.71
N ASP E 34 43.22 -11.18 38.22
CA ASP E 34 43.34 -12.62 38.50
C ASP E 34 43.70 -13.46 37.26
N ASN E 35 43.31 -13.00 36.07
CA ASN E 35 43.66 -13.70 34.83
C ASN E 35 44.75 -12.97 34.02
N SER E 36 45.74 -12.45 34.74
CA SER E 36 47.04 -11.99 34.18
C SER E 36 47.01 -10.78 33.25
N CYS E 37 46.01 -9.91 33.38
CA CYS E 37 46.01 -8.69 32.59
C CYS E 37 47.24 -7.85 32.93
N ASN E 38 47.80 -7.18 31.93
CA ASN E 38 48.96 -6.33 32.15
C ASN E 38 48.57 -5.09 32.96
N ASN E 39 47.72 -4.26 32.39
CA ASN E 39 47.30 -3.01 33.00
C ASN E 39 45.78 -2.93 33.00
N CYS E 40 45.22 -2.29 34.02
CA CYS E 40 43.79 -2.00 34.08
C CYS E 40 43.48 -0.69 34.79
N GLN E 41 43.39 0.39 34.01
CA GLN E 41 42.97 1.69 34.54
C GLN E 41 41.47 1.70 34.76
N ILE E 42 41.03 2.37 35.83
CA ILE E 42 39.63 2.74 36.04
C ILE E 42 39.56 4.25 35.86
N TYR E 43 38.57 4.70 35.10
CA TYR E 43 38.37 6.12 34.84
C TYR E 43 36.91 6.48 35.09
N GLU E 44 36.70 7.51 35.89
CA GLU E 44 35.38 7.93 36.31
C GLU E 44 34.92 9.07 35.42
N LEU E 45 33.97 8.75 34.55
CA LEU E 45 33.39 9.74 33.63
C LEU E 45 32.62 10.83 34.37
N TYR E 46 31.80 10.41 35.35
CA TYR E 46 31.03 11.32 36.21
C TYR E 46 31.84 12.27 37.09
N ASN E 47 33.05 11.86 37.48
CA ASN E 47 33.83 12.56 38.52
C ASN E 47 34.86 13.57 37.98
N GLU E 48 34.73 13.97 36.72
CA GLU E 48 35.62 15.00 36.14
C GLU E 48 34.88 15.93 35.20
N ASN E 49 35.40 17.14 35.08
CA ASN E 49 34.88 18.15 34.18
C ASN E 49 35.42 17.89 32.77
N LEU E 50 34.67 17.11 32.00
CA LEU E 50 35.01 16.84 30.59
C LEU E 50 34.27 17.76 29.61
N LYS E 51 33.33 18.55 30.12
CA LYS E 51 32.68 19.59 29.30
C LYS E 51 33.70 20.65 28.89
N ASP E 52 33.64 21.03 27.61
CA ASP E 52 34.58 21.97 26.97
C ASP E 52 36.04 21.47 26.80
N VAL E 53 36.43 20.38 27.47
CA VAL E 53 37.73 19.73 27.20
C VAL E 53 37.59 18.98 25.89
N LYS E 54 38.43 19.31 24.91
CA LYS E 54 38.42 18.61 23.63
C LYS E 54 39.05 17.22 23.81
N THR E 55 38.21 16.20 23.96
CA THR E 55 38.65 14.82 24.13
C THR E 55 38.86 14.17 22.75
N ASP E 56 39.92 14.59 22.08
CA ASP E 56 40.28 14.08 20.75
C ASP E 56 41.31 12.95 20.88
N LYS E 57 41.92 12.54 19.77
CA LYS E 57 42.86 11.43 19.78
C LYS E 57 44.08 11.70 20.68
N ASP E 58 44.69 12.87 20.52
CA ASP E 58 45.87 13.26 21.31
C ASP E 58 45.58 13.27 22.82
N TRP E 59 44.44 13.84 23.21
CA TRP E 59 43.96 13.79 24.60
C TRP E 59 43.91 12.36 25.10
N PHE E 60 43.31 11.47 24.31
CA PHE E 60 43.20 10.05 24.67
C PHE E 60 44.56 9.32 24.76
N MET E 61 45.42 9.52 23.77
CA MET E 61 46.76 8.91 23.78
C MET E 61 47.61 9.43 24.96
N ASN E 62 47.54 10.73 25.25
CA ASN E 62 48.26 11.31 26.41
C ASN E 62 47.72 10.83 27.75
N LYS E 63 46.39 10.79 27.88
CA LYS E 63 45.73 10.43 29.14
C LYS E 63 45.82 8.94 29.45
N PHE E 64 45.62 8.09 28.46
CA PHE E 64 45.53 6.64 28.70
C PHE E 64 46.67 5.81 28.15
N GLY E 65 47.56 6.43 27.38
CA GLY E 65 48.74 5.75 26.86
C GLY E 65 49.93 5.93 27.79
N PRO E 66 51.17 5.99 27.27
CA PRO E 66 51.48 5.84 25.84
C PRO E 66 51.24 4.41 25.28
N GLN E 67 51.21 3.39 26.12
CA GLN E 67 50.89 2.02 25.67
C GLN E 67 49.47 1.93 25.12
N THR E 68 49.21 0.99 24.19
CA THR E 68 47.86 0.81 23.66
C THR E 68 46.87 0.28 24.71
N VAL E 69 45.61 0.67 24.56
CA VAL E 69 44.51 0.05 25.29
C VAL E 69 43.90 -0.95 24.34
N HIS E 70 43.89 -2.23 24.73
CA HIS E 70 43.31 -3.29 23.88
C HIS E 70 41.79 -3.34 23.92
N PHE E 71 41.19 -2.98 25.06
CA PHE E 71 39.74 -3.01 25.26
C PHE E 71 39.29 -1.90 26.17
N VAL E 72 38.14 -1.33 25.86
CA VAL E 72 37.47 -0.40 26.75
C VAL E 72 36.25 -1.13 27.26
N ILE E 73 36.14 -1.21 28.58
CA ILE E 73 35.01 -1.84 29.23
C ILE E 73 34.05 -0.76 29.69
N SER E 74 32.89 -0.71 29.04
CA SER E 74 31.83 0.26 29.35
C SER E 74 30.49 -0.36 29.00
N ASN E 75 29.47 -0.07 29.81
CA ASN E 75 28.09 -0.49 29.53
C ASN E 75 27.30 0.55 28.72
N THR E 76 27.94 1.67 28.41
CA THR E 76 27.36 2.77 27.64
C THR E 76 28.38 3.29 26.61
N ILE E 77 27.88 3.83 25.51
CA ILE E 77 28.70 4.56 24.55
C ILE E 77 28.64 6.08 24.77
N ASN E 78 27.87 6.51 25.77
CA ASN E 78 27.65 7.93 26.05
C ASN E 78 28.84 8.53 26.79
N PHE E 79 29.97 8.62 26.10
CA PHE E 79 31.13 9.35 26.57
C PHE E 79 31.75 10.07 25.37
N PRO E 80 32.36 11.23 25.58
CA PRO E 80 32.68 12.11 24.45
C PRO E 80 33.91 11.71 23.63
N PHE E 81 34.53 10.58 23.95
CA PHE E 81 35.66 10.08 23.19
C PHE E 81 35.36 8.69 22.60
N TYR E 82 34.08 8.29 22.55
CA TYR E 82 33.68 6.99 21.96
C TYR E 82 34.04 6.89 20.48
N LYS E 83 33.67 7.91 19.71
CA LYS E 83 33.96 7.92 18.27
C LYS E 83 35.45 7.77 18.00
N ILE E 84 36.25 8.55 18.72
CA ILE E 84 37.72 8.50 18.68
C ILE E 84 38.24 7.10 18.98
N VAL E 85 37.75 6.52 20.05
CA VAL E 85 38.14 5.18 20.46
C VAL E 85 37.72 4.12 19.43
N TYR E 86 36.44 4.13 19.08
CA TYR E 86 35.83 3.02 18.33
C TYR E 86 36.07 3.06 16.83
N PHE E 87 35.92 4.23 16.22
CA PHE E 87 36.03 4.39 14.76
C PHE E 87 37.44 4.74 14.28
N ASP E 88 38.15 5.57 15.01
CA ASP E 88 39.51 5.99 14.64
C ASP E 88 40.56 4.98 15.13
N LEU E 89 40.78 4.89 16.45
CA LEU E 89 41.77 3.96 16.99
C LEU E 89 41.43 2.47 16.80
N LEU E 90 40.15 2.17 16.51
CA LEU E 90 39.66 0.80 16.32
C LEU E 90 39.84 -0.08 17.56
N ILE E 91 39.59 0.53 18.73
CA ILE E 91 39.69 -0.17 20.01
C ILE E 91 38.26 -0.63 20.33
N PRO E 92 38.07 -1.94 20.60
CA PRO E 92 36.74 -2.42 20.97
C PRO E 92 36.19 -1.78 22.24
N VAL E 93 34.86 -1.62 22.29
CA VAL E 93 34.14 -1.10 23.44
C VAL E 93 33.10 -2.14 23.79
N VAL E 94 33.29 -2.83 24.92
CA VAL E 94 32.44 -3.97 25.32
C VAL E 94 31.90 -3.84 26.76
N SER E 95 30.76 -4.49 27.00
CA SER E 95 30.15 -4.54 28.31
C SER E 95 30.99 -5.41 29.26
N HIS E 96 30.75 -5.21 30.56
CA HIS E 96 31.40 -6.02 31.61
C HIS E 96 31.18 -7.52 31.40
N THR E 97 30.02 -7.89 30.85
CA THR E 97 29.70 -9.30 30.55
C THR E 97 30.73 -9.98 29.63
N TRP E 98 31.45 -9.20 28.81
CA TRP E 98 32.50 -9.75 27.96
C TRP E 98 33.64 -10.33 28.80
N VAL E 99 34.02 -9.65 29.88
CA VAL E 99 35.09 -10.13 30.76
C VAL E 99 34.66 -11.41 31.47
N GLN E 100 33.47 -11.36 32.05
CA GLN E 100 32.92 -12.50 32.79
C GLN E 100 32.86 -13.74 31.89
N ASP E 101 32.11 -13.64 30.78
CA ASP E 101 31.93 -14.74 29.83
C ASP E 101 33.24 -15.24 29.20
N SER E 102 34.20 -14.34 28.95
CA SER E 102 35.52 -14.75 28.45
C SER E 102 36.32 -15.61 29.46
N VAL E 103 36.23 -15.25 30.75
CA VAL E 103 36.87 -16.05 31.82
C VAL E 103 36.18 -17.43 31.94
N LYS E 104 34.84 -17.42 31.98
CA LYS E 104 34.05 -18.66 32.05
C LYS E 104 34.30 -19.62 30.88
N THR E 105 34.45 -19.09 29.66
CA THR E 105 34.75 -19.92 28.49
C THR E 105 36.25 -20.16 28.27
N LYS E 106 37.10 -19.36 28.92
CA LYS E 106 38.57 -19.43 28.78
C LYS E 106 39.05 -19.27 27.34
N ARG E 107 38.51 -18.24 26.68
CA ARG E 107 38.98 -17.80 25.36
C ARG E 107 38.52 -16.35 25.08
N HIS E 108 39.24 -15.66 24.20
CA HIS E 108 38.92 -14.27 23.88
C HIS E 108 37.66 -14.26 23.03
N LEU E 109 36.51 -14.03 23.66
CA LEU E 109 35.24 -14.05 22.95
C LEU E 109 35.15 -12.88 21.97
N ARG E 110 34.44 -13.11 20.88
CA ARG E 110 34.19 -12.09 19.87
C ARG E 110 33.51 -10.88 20.53
N THR E 111 34.00 -9.68 20.22
CA THR E 111 33.56 -8.46 20.90
C THR E 111 32.19 -8.00 20.42
N ASN E 112 31.96 -8.13 19.11
CA ASN E 112 30.76 -7.60 18.44
C ASN E 112 29.50 -7.68 19.27
N MET E 113 29.20 -8.87 19.76
CA MET E 113 27.94 -9.12 20.49
C MET E 113 27.86 -8.49 21.89
N TYR E 114 28.99 -7.98 22.38
CA TYR E 114 29.03 -7.29 23.68
C TYR E 114 29.10 -5.77 23.55
N SER E 115 29.05 -5.26 22.32
CA SER E 115 29.00 -3.82 22.10
C SER E 115 27.72 -3.29 22.71
N PRO E 116 27.80 -2.15 23.44
CA PRO E 116 26.63 -1.48 23.98
C PRO E 116 26.15 -0.31 23.09
N ASN E 117 26.65 -0.21 21.86
CA ASN E 117 26.12 0.72 20.90
C ASN E 117 24.71 0.25 20.51
N PRO E 118 23.67 1.07 20.79
CA PRO E 118 22.32 0.69 20.32
C PRO E 118 22.15 0.68 18.78
N PHE E 119 22.98 1.38 18.03
CA PHE E 119 22.98 1.28 16.56
C PHE E 119 23.45 -0.08 16.02
N HIS E 120 24.14 -0.88 16.85
CA HIS E 120 24.68 -2.16 16.40
C HIS E 120 23.63 -3.25 16.45
N LEU E 121 22.64 -3.12 15.57
CA LEU E 121 21.46 -3.94 15.60
C LEU E 121 21.72 -5.35 15.10
N LEU E 122 22.77 -5.55 14.31
CA LEU E 122 23.13 -6.88 13.81
C LEU E 122 24.30 -7.52 14.58
N ARG E 123 24.57 -7.01 15.79
CA ARG E 123 25.63 -7.52 16.68
C ARG E 123 25.70 -9.06 16.79
N ASP E 124 24.54 -9.73 16.77
CA ASP E 124 24.49 -11.19 16.91
C ASP E 124 24.45 -11.96 15.58
N CYS E 125 24.82 -11.30 14.47
CA CYS E 125 24.72 -11.92 13.13
C CYS E 125 26.09 -12.23 12.51
N GLN E 126 26.22 -13.42 11.94
CA GLN E 126 27.36 -13.81 11.12
C GLN E 126 26.86 -13.93 9.69
N VAL E 127 27.32 -13.04 8.81
CA VAL E 127 26.69 -12.84 7.52
C VAL E 127 27.63 -13.17 6.37
N TYR E 128 27.20 -14.08 5.50
CA TYR E 128 27.90 -14.34 4.24
C TYR E 128 27.24 -13.52 3.13
N ILE E 129 28.05 -12.74 2.40
CA ILE E 129 27.58 -11.94 1.27
C ILE E 129 27.99 -12.68 0.00
N SER E 130 27.01 -13.20 -0.73
CA SER E 130 27.30 -14.01 -1.92
C SER E 130 27.87 -13.15 -3.07
N LYS E 131 29.13 -13.39 -3.41
CA LYS E 131 29.79 -12.69 -4.51
C LYS E 131 29.22 -12.97 -5.91
N SER E 132 28.54 -14.10 -6.07
CA SER E 132 27.90 -14.44 -7.34
C SER E 132 26.55 -13.71 -7.54
N SER E 133 26.10 -12.97 -6.52
CA SER E 133 24.96 -12.05 -6.62
C SER E 133 25.37 -10.62 -6.95
N PHE E 134 26.59 -10.21 -6.57
CA PHE E 134 26.96 -8.80 -6.47
C PHE E 134 28.26 -8.47 -7.19
N ASN E 135 28.31 -7.30 -7.83
CA ASN E 135 29.57 -6.76 -8.32
C ASN E 135 30.42 -6.26 -7.13
N LYS E 136 31.73 -6.18 -7.38
CA LYS E 136 32.72 -5.60 -6.46
C LYS E 136 32.24 -4.41 -5.60
N CYS E 137 31.58 -3.44 -6.22
CA CYS E 137 31.19 -2.21 -5.53
C CYS E 137 30.01 -2.43 -4.60
N GLU E 138 29.05 -3.22 -5.06
CA GLU E 138 27.93 -3.64 -4.23
C GLU E 138 28.39 -4.41 -2.97
N TYR E 139 29.34 -5.32 -3.17
CA TYR E 139 29.92 -6.11 -2.10
C TYR E 139 30.60 -5.27 -1.02
N ILE E 140 31.41 -4.31 -1.45
CA ILE E 140 32.08 -3.39 -0.52
C ILE E 140 31.08 -2.56 0.30
N LEU E 141 30.04 -2.04 -0.36
CA LEU E 141 29.04 -1.22 0.33
C LEU E 141 28.33 -2.01 1.41
N TYR E 142 27.82 -3.18 1.03
CA TYR E 142 27.05 -4.02 1.94
C TYR E 142 27.89 -4.47 3.12
N SER E 143 29.18 -4.73 2.86
CA SER E 143 30.16 -5.02 3.89
C SER E 143 30.34 -3.86 4.85
N ASP E 144 30.57 -2.66 4.33
CA ASP E 144 30.74 -1.50 5.20
C ASP E 144 29.51 -1.34 6.09
N LEU E 145 28.32 -1.43 5.51
CA LEU E 145 27.10 -1.20 6.27
C LEU E 145 26.80 -2.29 7.31
N LEU E 146 27.12 -3.54 7.00
CA LEU E 146 26.99 -4.61 7.99
C LEU E 146 27.92 -4.38 9.18
N HIS E 147 29.20 -4.11 8.89
CA HIS E 147 30.17 -3.73 9.93
C HIS E 147 29.71 -2.53 10.75
N LEU E 148 29.13 -1.54 10.07
CA LEU E 148 28.58 -0.36 10.77
C LEU E 148 27.40 -0.71 11.68
N LEU E 149 26.65 -1.76 11.33
CA LEU E 149 25.58 -2.28 12.17
C LEU E 149 26.04 -3.33 13.18
N GLY E 150 27.36 -3.50 13.30
CA GLY E 150 27.94 -4.38 14.30
C GLY E 150 27.98 -5.84 13.97
N GLY E 151 27.57 -6.23 12.76
CA GLY E 151 27.63 -7.63 12.35
C GLY E 151 29.04 -8.10 12.05
N THR E 152 29.19 -9.42 11.91
CA THR E 152 30.44 -10.06 11.54
C THR E 152 30.35 -10.60 10.12
N LEU E 153 31.39 -10.36 9.33
CA LEU E 153 31.51 -10.89 7.98
C LEU E 153 32.25 -12.20 8.03
N VAL E 154 31.78 -13.17 7.25
CA VAL E 154 32.50 -14.42 7.02
C VAL E 154 32.53 -14.72 5.52
N ASN E 155 33.61 -15.38 5.08
CA ASN E 155 33.75 -15.80 3.69
C ASN E 155 33.56 -17.31 3.54
N TYR E 156 32.52 -17.83 4.20
CA TYR E 156 32.14 -19.24 4.15
C TYR E 156 30.77 -19.38 4.82
N ILE E 157 29.97 -20.35 4.38
CA ILE E 157 28.70 -20.68 5.04
C ILE E 157 28.94 -21.85 5.99
N SER E 158 28.38 -21.77 7.20
CA SER E 158 28.67 -22.73 8.26
C SER E 158 27.48 -22.90 9.22
N ASN E 159 27.72 -23.63 10.31
CA ASN E 159 26.76 -23.84 11.39
C ASN E 159 26.42 -22.51 12.10
N ARG E 160 27.42 -21.63 12.22
CA ARG E 160 27.27 -20.34 12.91
C ARG E 160 26.73 -19.20 12.03
N THR E 161 26.75 -19.36 10.71
CA THR E 161 26.16 -18.39 9.78
C THR E 161 24.67 -18.19 10.05
N THR E 162 24.25 -16.95 10.28
CA THR E 162 22.83 -16.64 10.50
C THR E 162 22.07 -16.18 9.25
N HIS E 163 22.77 -15.53 8.32
CA HIS E 163 22.17 -14.88 7.16
C HIS E 163 23.07 -15.00 5.96
N VAL E 164 22.47 -15.26 4.80
CA VAL E 164 23.15 -15.20 3.51
C VAL E 164 22.46 -14.12 2.70
N ILE E 165 23.23 -13.17 2.17
CA ILE E 165 22.71 -12.03 1.41
C ILE E 165 22.72 -12.43 -0.06
N VAL E 166 21.58 -12.35 -0.71
CA VAL E 166 21.47 -12.66 -2.14
C VAL E 166 20.66 -11.56 -2.82
N GLN E 167 20.86 -11.41 -4.13
CA GLN E 167 20.20 -10.34 -4.90
C GLN E 167 18.81 -10.77 -5.35
N SER E 168 18.72 -12.02 -5.81
CA SER E 168 17.53 -12.58 -6.44
C SER E 168 17.56 -14.12 -6.33
N PRO E 169 16.46 -14.78 -6.74
CA PRO E 169 16.48 -16.24 -6.81
C PRO E 169 17.43 -16.83 -7.85
N GLN E 170 17.90 -16.03 -8.81
CA GLN E 170 18.79 -16.52 -9.87
C GLN E 170 20.23 -16.84 -9.41
N ASP E 171 20.62 -16.37 -8.22
CA ASP E 171 22.01 -16.56 -7.73
C ASP E 171 22.31 -18.07 -7.68
N PRO E 172 23.34 -18.53 -8.43
CA PRO E 172 23.77 -19.94 -8.43
C PRO E 172 23.85 -20.62 -7.06
N ILE E 173 24.24 -19.86 -6.05
CA ILE E 173 24.50 -20.38 -4.71
C ILE E 173 23.28 -20.96 -4.00
N ILE E 174 22.07 -20.55 -4.38
CA ILE E 174 20.85 -21.02 -3.71
C ILE E 174 20.61 -22.49 -4.07
N ALA E 175 20.76 -22.82 -5.36
CA ALA E 175 20.71 -24.20 -5.83
C ALA E 175 21.87 -25.03 -5.29
N THR E 176 23.09 -24.47 -5.37
CA THR E 176 24.29 -25.13 -4.84
C THR E 176 24.16 -25.50 -3.35
N VAL E 177 23.70 -24.56 -2.52
CA VAL E 177 23.59 -24.77 -1.06
C VAL E 177 22.39 -25.65 -0.67
N SER E 178 21.30 -25.59 -1.45
CA SER E 178 20.12 -26.45 -1.24
C SER E 178 20.42 -27.95 -1.46
N LYS E 179 21.29 -28.25 -2.43
CA LYS E 179 21.66 -29.62 -2.78
C LYS E 179 22.65 -30.26 -1.77
N LEU E 180 23.33 -29.45 -0.98
CA LEU E 180 24.22 -29.94 0.09
C LEU E 180 23.45 -30.19 1.39
N THR E 181 22.59 -29.24 1.77
CA THR E 181 21.68 -29.40 2.92
C THR E 181 20.31 -28.78 2.62
N GLU E 200 20.12 -23.13 11.52
CA GLU E 200 20.01 -22.86 10.09
C GLU E 200 20.00 -21.35 9.76
N TRP E 201 20.47 -21.05 8.55
CA TRP E 201 20.62 -19.67 8.04
C TRP E 201 19.42 -19.28 7.19
N LYS E 202 19.18 -17.98 7.10
CA LYS E 202 18.12 -17.44 6.26
C LYS E 202 18.73 -16.74 5.04
N PHE E 203 18.11 -16.92 3.88
CA PHE E 203 18.47 -16.16 2.69
C PHE E 203 17.64 -14.88 2.70
N VAL E 204 18.33 -13.74 2.54
CA VAL E 204 17.68 -12.43 2.55
C VAL E 204 18.22 -11.50 1.45
N TYR E 205 17.42 -10.51 1.11
CA TYR E 205 17.85 -9.48 0.16
C TYR E 205 18.62 -8.38 0.89
N PRO E 206 19.49 -7.65 0.18
CA PRO E 206 20.30 -6.64 0.88
C PRO E 206 19.51 -5.62 1.66
N ILE E 207 18.24 -5.40 1.30
CA ILE E 207 17.34 -4.54 2.07
C ILE E 207 17.16 -4.91 3.54
N TRP E 208 17.47 -6.15 3.91
CA TRP E 208 17.61 -6.53 5.31
C TRP E 208 18.67 -5.67 6.02
N ILE E 209 19.84 -5.54 5.40
CA ILE E 209 20.90 -4.66 5.90
C ILE E 209 20.44 -3.19 5.87
N LEU E 210 19.85 -2.78 4.74
CA LEU E 210 19.57 -1.38 4.48
C LEU E 210 18.48 -0.80 5.34
N TYR E 211 17.48 -1.61 5.70
CA TYR E 211 16.42 -1.17 6.60
C TYR E 211 17.02 -0.83 7.96
N HIS E 212 17.83 -1.73 8.49
CA HIS E 212 18.47 -1.50 9.79
C HIS E 212 19.31 -0.24 9.77
N PHE E 213 20.03 0.00 8.68
CA PHE E 213 20.88 1.18 8.58
C PHE E 213 20.08 2.47 8.50
N LYS E 214 19.05 2.46 7.65
CA LYS E 214 18.25 3.65 7.40
C LYS E 214 17.31 3.99 8.55
N MET E 215 16.61 2.98 9.08
CA MET E 215 15.61 3.19 10.13
C MET E 215 16.15 3.12 11.57
N ALA E 216 17.24 2.36 11.77
CA ALA E 216 17.93 2.24 13.06
C ALA E 216 17.04 1.64 14.15
N LYS E 217 16.33 0.58 13.78
CA LYS E 217 15.48 -0.17 14.70
C LYS E 217 15.33 -1.58 14.14
N PRO E 218 14.89 -2.56 14.96
CA PRO E 218 14.78 -3.92 14.41
C PRO E 218 13.69 -4.07 13.34
N LEU E 219 13.92 -5.01 12.44
CA LEU E 219 13.07 -5.23 11.28
C LEU E 219 12.03 -6.27 11.68
N LYS E 220 10.76 -5.87 11.73
CA LYS E 220 9.67 -6.77 12.16
C LYS E 220 8.36 -6.59 11.39
N GLY E 221 7.55 -7.64 11.42
CA GLY E 221 6.24 -7.64 10.79
C GLY E 221 6.31 -7.94 9.30
N GLU E 222 5.45 -7.27 8.53
CA GLU E 222 5.32 -7.48 7.08
C GLU E 222 6.60 -7.06 6.34
N LEU E 223 7.15 -5.91 6.74
CA LEU E 223 8.40 -5.40 6.18
C LEU E 223 9.53 -6.44 6.29
N ALA E 224 9.61 -7.14 7.42
CA ALA E 224 10.63 -8.19 7.62
C ALA E 224 10.42 -9.38 6.69
N THR E 225 9.16 -9.67 6.36
CA THR E 225 8.82 -10.73 5.43
C THR E 225 9.23 -10.40 4.00
N LEU E 226 9.07 -9.14 3.62
CA LEU E 226 9.45 -8.67 2.29
C LEU E 226 10.97 -8.71 2.01
N CYS E 227 11.81 -8.75 3.05
CA CYS E 227 13.27 -8.92 2.89
C CYS E 227 13.71 -10.37 2.72
N GLU E 228 12.81 -11.34 2.92
CA GLU E 228 13.14 -12.76 2.77
C GLU E 228 13.19 -13.16 1.30
N LEU E 229 14.14 -14.05 0.98
CA LEU E 229 14.21 -14.65 -0.35
C LEU E 229 12.91 -15.37 -0.69
N ASP E 230 12.20 -14.84 -1.68
CA ASP E 230 10.99 -15.45 -2.22
C ASP E 230 11.37 -16.00 -3.59
N MET E 231 11.20 -17.31 -3.78
CA MET E 231 11.54 -17.96 -5.06
C MET E 231 10.59 -17.61 -6.21
N GLN E 232 9.45 -17.01 -5.89
CA GLN E 232 8.53 -16.47 -6.90
C GLN E 232 8.92 -15.07 -7.42
N ASP E 233 10.01 -14.46 -6.92
CA ASP E 233 10.52 -13.21 -7.51
C ASP E 233 11.36 -13.50 -8.75
N THR E 234 10.68 -13.87 -9.83
CA THR E 234 11.36 -14.28 -11.08
C THR E 234 11.82 -13.12 -11.96
N SER E 235 11.31 -11.90 -11.72
CA SER E 235 11.66 -10.71 -12.53
C SER E 235 12.13 -9.51 -11.72
N GLU E 236 12.88 -8.63 -12.37
CA GLU E 236 13.34 -7.38 -11.75
C GLU E 236 12.21 -6.54 -11.14
N GLU E 237 11.05 -6.52 -11.80
CA GLU E 237 9.91 -5.69 -11.37
C GLU E 237 9.46 -5.93 -9.91
N GLN E 238 9.43 -7.20 -9.49
CA GLN E 238 9.05 -7.53 -8.11
C GLN E 238 10.13 -7.11 -7.13
N LEU E 239 11.39 -7.32 -7.49
CA LEU E 239 12.51 -6.84 -6.68
C LEU E 239 12.43 -5.35 -6.44
N PHE E 240 12.21 -4.56 -7.50
CA PHE E 240 12.08 -3.11 -7.34
C PHE E 240 10.92 -2.76 -6.40
N ALA E 241 9.80 -3.48 -6.51
CA ALA E 241 8.63 -3.21 -5.66
C ALA E 241 8.92 -3.48 -4.17
N LYS E 242 9.63 -4.56 -3.88
CA LYS E 242 10.07 -4.85 -2.51
C LYS E 242 11.05 -3.83 -1.94
N TRP E 243 12.01 -3.41 -2.76
CA TRP E 243 12.93 -2.36 -2.35
C TRP E 243 12.20 -1.06 -2.01
N GLU E 244 11.26 -0.67 -2.86
CA GLU E 244 10.47 0.57 -2.64
C GLU E 244 9.56 0.49 -1.41
N GLU E 245 9.00 -0.70 -1.17
CA GLU E 245 8.13 -0.90 -0.01
C GLU E 245 8.96 -0.87 1.27
N VAL E 246 10.14 -1.48 1.26
CA VAL E 246 10.96 -1.60 2.46
C VAL E 246 11.76 -0.33 2.80
N ILE E 247 12.38 0.32 1.81
CA ILE E 247 13.22 1.50 2.10
C ILE E 247 12.88 2.80 1.35
N GLY E 248 11.85 2.81 0.52
CA GLY E 248 11.45 4.02 -0.22
C GLY E 248 10.66 5.04 0.61
N ASP E 249 10.70 6.29 0.12
CA ASP E 249 9.98 7.45 0.70
C ASP E 249 8.98 7.16 1.83
N SER E 253 12.34 8.15 10.88
CA SER E 253 12.11 7.69 12.25
C SER E 253 13.05 8.37 13.26
N SER E 254 12.56 8.54 14.48
CA SER E 254 13.27 9.29 15.53
C SER E 254 14.43 8.55 16.20
N SER E 255 14.51 7.22 16.03
CA SER E 255 15.65 6.44 16.52
C SER E 255 16.93 6.67 15.71
N GLN E 256 16.81 6.89 14.39
CA GLN E 256 17.99 7.24 13.55
C GLN E 256 18.51 8.63 13.90
N LEU E 257 17.59 9.54 14.23
CA LEU E 257 17.92 10.95 14.51
C LEU E 257 18.65 11.12 15.85
N THR E 258 18.29 10.37 16.88
CA THR E 258 19.01 10.48 18.18
C THR E 258 20.35 9.77 18.16
N LEU E 259 20.45 8.65 17.44
CA LEU E 259 21.71 7.92 17.29
C LEU E 259 22.73 8.65 16.36
N HIS E 260 22.23 9.35 15.33
CA HIS E 260 23.06 10.13 14.38
C HIS E 260 22.43 11.52 14.14
N PRO E 261 22.58 12.45 15.11
CA PRO E 261 21.87 13.74 15.09
C PRO E 261 22.34 14.84 14.14
N ASN E 262 23.49 14.68 13.49
CA ASN E 262 23.98 15.70 12.55
C ASN E 262 23.30 15.52 11.20
N LYS E 263 22.12 16.12 11.06
CA LYS E 263 21.33 15.99 9.83
C LYS E 263 21.76 16.96 8.71
N THR E 264 22.74 17.84 8.99
CA THR E 264 23.36 18.68 7.98
C THR E 264 24.83 18.31 7.70
N LEU E 265 25.19 17.06 7.98
CA LEU E 265 26.56 16.53 7.78
C LEU E 265 27.20 16.92 6.44
N PHE E 266 26.42 16.85 5.35
CA PHE E 266 26.93 17.11 3.99
C PHE E 266 26.47 18.43 3.37
N LYS E 267 25.97 19.34 4.20
CA LYS E 267 25.60 20.72 3.79
C LYS E 267 26.75 21.41 3.04
N ASN E 268 26.40 22.05 1.92
CA ASN E 268 27.36 22.73 1.03
C ASN E 268 28.33 21.82 0.26
N HIS E 269 28.09 20.51 0.25
CA HIS E 269 28.91 19.57 -0.52
C HIS E 269 28.04 18.94 -1.59
N HIS E 270 28.64 18.75 -2.75
CA HIS E 270 27.97 18.21 -3.93
C HIS E 270 28.85 17.08 -4.48
N PHE E 271 28.34 15.86 -4.43
CA PHE E 271 29.11 14.69 -4.80
C PHE E 271 28.86 14.33 -6.25
N ALA E 272 29.95 14.12 -7.00
CA ALA E 272 29.91 13.49 -8.31
C ALA E 272 30.11 11.98 -8.14
N ILE E 273 29.15 11.19 -8.62
CA ILE E 273 29.19 9.73 -8.47
C ILE E 273 29.71 9.10 -9.76
N SER E 274 30.88 8.49 -9.68
CA SER E 274 31.53 7.81 -10.81
C SER E 274 30.66 6.68 -11.39
N PRO E 275 30.69 6.48 -12.73
CA PRO E 275 30.00 5.33 -13.34
C PRO E 275 30.63 3.97 -13.06
N ASP E 276 31.87 3.93 -12.56
CA ASP E 276 32.50 2.65 -12.21
C ASP E 276 31.87 1.92 -11.00
N LEU E 277 30.95 2.57 -10.28
CA LEU E 277 30.20 1.89 -9.21
C LEU E 277 29.22 0.82 -9.73
N ASN E 278 28.41 1.19 -10.71
CA ASN E 278 27.50 0.25 -11.36
C ASN E 278 26.57 -0.47 -10.38
N PHE E 279 25.90 0.31 -9.54
CA PHE E 279 24.95 -0.25 -8.61
C PHE E 279 23.63 -0.65 -9.29
N PHE E 280 23.04 -1.72 -8.77
CA PHE E 280 21.63 -2.02 -8.92
C PHE E 280 20.89 -0.73 -8.62
N THR E 281 20.04 -0.30 -9.55
CA THR E 281 19.47 1.04 -9.54
C THR E 281 18.85 1.46 -8.18
N PRO E 282 18.04 0.61 -7.56
CA PRO E 282 17.51 0.97 -6.23
C PRO E 282 18.55 1.20 -5.10
N LEU E 283 19.68 0.49 -5.17
CA LEU E 283 20.82 0.75 -4.30
C LEU E 283 21.41 2.14 -4.57
N TYR E 284 21.53 2.52 -5.85
CA TYR E 284 21.95 3.88 -6.18
C TYR E 284 20.99 4.93 -5.60
N TRP E 285 19.68 4.66 -5.62
CA TRP E 285 18.72 5.54 -4.95
C TRP E 285 18.92 5.59 -3.44
N PHE E 286 19.21 4.45 -2.83
CA PHE E 286 19.53 4.40 -1.40
C PHE E 286 20.72 5.31 -1.04
N LEU E 287 21.79 5.25 -1.84
CA LEU E 287 22.99 6.07 -1.61
C LEU E 287 22.70 7.55 -1.85
N LYS E 288 22.06 7.85 -2.97
CA LYS E 288 21.61 9.20 -3.30
C LYS E 288 20.71 9.75 -2.21
N GLY E 289 19.79 8.92 -1.74
CA GLY E 289 18.87 9.31 -0.67
C GLY E 289 19.61 9.60 0.63
N PHE E 290 20.59 8.75 0.94
CA PHE E 290 21.44 8.90 2.12
C PHE E 290 22.20 10.24 2.13
N ILE E 291 22.82 10.60 1.02
CA ILE E 291 23.53 11.87 0.90
C ILE E 291 22.59 13.06 1.07
N GLU E 292 21.46 13.03 0.36
CA GLU E 292 20.51 14.15 0.39
C GLU E 292 19.81 14.31 1.74
N ASP E 293 19.54 13.21 2.43
CA ASP E 293 18.98 13.29 3.80
C ASP E 293 19.96 13.94 4.79
N LEU E 294 21.24 13.95 4.46
CA LEU E 294 22.25 14.70 5.21
C LEU E 294 22.64 16.02 4.55
N ASP E 295 21.73 16.56 3.73
CA ASP E 295 21.82 17.90 3.12
C ASP E 295 22.89 18.09 2.03
N GLY E 296 23.40 16.99 1.47
CA GLY E 296 24.31 17.04 0.33
C GLY E 296 23.56 16.98 -0.98
N LYS E 297 24.25 17.28 -2.07
CA LYS E 297 23.70 17.12 -3.40
C LYS E 297 24.51 16.05 -4.12
N VAL E 298 23.90 15.48 -5.15
CA VAL E 298 24.42 14.33 -5.87
C VAL E 298 24.21 14.53 -7.38
N THR E 299 25.26 14.31 -8.16
CA THR E 299 25.17 14.27 -9.63
C THR E 299 25.83 12.96 -10.10
N PRO E 300 25.09 12.13 -10.87
CA PRO E 300 25.72 10.94 -11.40
C PRO E 300 26.51 11.28 -12.65
N LEU E 301 27.70 10.73 -12.77
CA LEU E 301 28.48 10.83 -13.99
C LEU E 301 28.24 9.56 -14.79
N SER E 302 28.21 9.69 -16.10
CA SER E 302 28.13 8.53 -17.01
C SER E 302 29.34 8.52 -17.95
N PHE E 303 29.58 7.38 -18.59
CA PHE E 303 30.73 7.25 -19.49
C PHE E 303 30.65 8.21 -20.68
N SER E 304 29.43 8.51 -21.13
CA SER E 304 29.23 9.37 -22.30
C SER E 304 29.24 10.89 -22.04
N ASP E 305 29.26 11.31 -20.77
CA ASP E 305 29.25 12.73 -20.43
C ASP E 305 30.50 13.44 -20.95
N ASP E 306 30.33 14.68 -21.43
CA ASP E 306 31.43 15.64 -21.63
C ASP E 306 31.69 16.23 -20.25
N LEU E 307 32.84 15.89 -19.66
CA LEU E 307 33.13 16.24 -18.27
C LEU E 307 33.38 17.71 -18.05
N LYS E 308 33.94 18.39 -19.03
CA LYS E 308 34.25 19.83 -18.93
C LYS E 308 32.97 20.63 -18.65
N SER E 309 31.94 20.34 -19.43
CA SER E 309 30.67 21.05 -19.35
C SER E 309 29.93 20.75 -18.05
N VAL E 310 29.99 19.49 -17.59
CA VAL E 310 29.33 19.05 -16.35
C VAL E 310 29.86 19.87 -15.17
N TYR E 311 31.17 19.91 -15.02
CA TYR E 311 31.81 20.58 -13.86
C TYR E 311 31.66 22.11 -13.87
N GLN E 312 31.61 22.71 -15.06
CA GLN E 312 31.25 24.12 -15.19
C GLN E 312 29.75 24.35 -15.00
N ALA E 313 28.90 23.41 -15.44
CA ALA E 313 27.45 23.50 -15.20
C ALA E 313 27.07 23.38 -13.72
N PHE E 314 27.88 22.64 -12.95
CA PHE E 314 27.65 22.44 -11.52
C PHE E 314 28.93 22.77 -10.73
N PRO E 315 29.25 24.07 -10.60
CA PRO E 315 30.51 24.51 -9.97
C PRO E 315 30.62 24.25 -8.46
N ASP E 316 29.50 24.01 -7.77
CA ASP E 316 29.56 23.59 -6.37
C ASP E 316 30.01 22.11 -6.17
N ILE E 317 30.08 21.31 -7.24
CA ILE E 317 30.66 19.95 -7.14
C ILE E 317 32.08 20.06 -6.58
N ASP E 318 32.23 19.61 -5.34
CA ASP E 318 33.51 19.65 -4.61
C ASP E 318 33.97 18.24 -4.17
N CYS E 319 33.24 17.18 -4.51
CA CYS E 319 33.57 15.81 -4.12
C CYS E 319 33.37 14.83 -5.27
N TYR E 320 34.36 13.95 -5.47
CA TYR E 320 34.25 12.81 -6.37
C TYR E 320 34.20 11.53 -5.53
N ILE E 321 33.25 10.65 -5.86
CA ILE E 321 33.09 9.31 -5.26
C ILE E 321 33.21 8.27 -6.37
N GLY E 322 34.13 7.33 -6.21
CA GLY E 322 34.34 6.23 -7.17
C GLY E 322 34.97 4.99 -6.53
N HIS E 323 34.95 3.89 -7.26
CA HIS E 323 35.55 2.64 -6.78
C HIS E 323 37.07 2.58 -6.95
N SER E 324 37.54 2.92 -8.14
CA SER E 324 38.91 2.65 -8.59
C SER E 324 39.75 3.92 -8.78
N ALA E 325 40.95 3.92 -8.20
CA ALA E 325 41.92 5.01 -8.35
C ALA E 325 42.38 5.24 -9.80
N ASN E 326 42.33 4.19 -10.63
CA ASN E 326 42.77 4.25 -12.03
C ASN E 326 41.66 4.51 -13.05
N SER E 327 40.46 4.89 -12.59
CA SER E 327 39.38 5.28 -13.50
C SER E 327 39.80 6.47 -14.36
N PRO E 328 39.59 6.38 -15.70
CA PRO E 328 39.79 7.55 -16.59
C PRO E 328 38.90 8.75 -16.22
N ILE E 329 37.66 8.50 -15.81
CA ILE E 329 36.75 9.58 -15.37
C ILE E 329 37.41 10.36 -14.22
N LEU E 330 38.05 9.66 -13.29
CA LEU E 330 38.76 10.32 -12.16
C LEU E 330 40.00 11.09 -12.62
N GLU E 331 40.70 10.55 -13.62
CA GLU E 331 41.87 11.24 -14.19
C GLU E 331 41.45 12.56 -14.84
N LYS E 332 40.43 12.54 -15.70
CA LYS E 332 39.89 13.79 -16.28
C LYS E 332 39.28 14.73 -15.24
N THR E 333 38.65 14.19 -14.21
CA THR E 333 38.11 14.99 -13.11
C THR E 333 39.23 15.72 -12.35
N LYS E 334 40.28 14.99 -11.97
CA LYS E 334 41.45 15.59 -11.30
C LYS E 334 42.13 16.69 -12.12
N SER E 335 42.10 16.56 -13.44
CA SER E 335 42.67 17.55 -14.37
C SER E 335 41.85 18.86 -14.37
N ILE E 336 40.53 18.72 -14.46
CA ILE E 336 39.62 19.88 -14.47
C ILE E 336 39.50 20.51 -13.06
N LYS E 337 39.35 19.66 -12.04
CA LYS E 337 39.10 20.09 -10.66
C LYS E 337 40.22 19.59 -9.74
N PRO E 338 41.40 20.22 -9.82
CA PRO E 338 42.56 19.72 -9.07
C PRO E 338 42.43 19.72 -7.54
N GLU E 339 41.58 20.58 -6.99
CA GLU E 339 41.33 20.63 -5.53
C GLU E 339 40.15 19.75 -5.06
N ILE E 340 39.61 18.89 -5.92
CA ILE E 340 38.42 18.10 -5.59
C ILE E 340 38.72 17.00 -4.57
N HIS E 341 37.79 16.79 -3.65
CA HIS E 341 37.90 15.67 -2.72
C HIS E 341 37.69 14.37 -3.47
N VAL E 342 38.58 13.41 -3.28
CA VAL E 342 38.50 12.13 -3.97
C VAL E 342 38.37 11.01 -2.94
N GLY E 343 37.17 10.46 -2.83
CA GLY E 343 36.91 9.34 -1.95
C GLY E 343 36.15 8.19 -2.57
N ASN E 344 35.90 7.18 -1.75
CA ASN E 344 35.07 6.05 -2.16
C ASN E 344 33.76 6.07 -1.36
N VAL E 345 32.92 5.06 -1.54
CA VAL E 345 31.69 4.93 -0.77
C VAL E 345 31.94 4.78 0.74
N SER E 346 32.98 4.01 1.09
CA SER E 346 33.33 3.81 2.49
C SER E 346 33.61 5.13 3.19
N TRP E 347 34.22 6.07 2.47
CA TRP E 347 34.54 7.41 3.01
C TRP E 347 33.29 8.10 3.53
N LEU E 348 32.23 8.08 2.73
CA LEU E 348 30.95 8.69 3.11
C LEU E 348 30.44 8.12 4.45
N PHE E 349 30.46 6.79 4.56
CA PHE E 349 29.97 6.15 5.76
C PHE E 349 30.87 6.37 6.96
N TYR E 350 32.17 6.46 6.74
CA TYR E 350 33.11 6.84 7.80
C TYR E 350 32.84 8.26 8.30
N MET E 351 32.45 9.16 7.39
CA MET E 351 32.03 10.51 7.77
C MET E 351 30.73 10.49 8.56
N PHE E 352 29.80 9.61 8.19
CA PHE E 352 28.57 9.35 8.97
C PHE E 352 28.86 8.88 10.39
N ALA E 353 29.77 7.92 10.53
CA ALA E 353 30.12 7.38 11.86
C ALA E 353 30.76 8.43 12.76
N LEU E 354 31.70 9.20 12.23
CA LEU E 354 32.32 10.31 12.95
C LEU E 354 31.40 11.51 13.18
N GLN E 355 30.32 11.61 12.39
CA GLN E 355 29.39 12.75 12.45
C GLN E 355 30.04 14.08 12.11
N LYS E 356 31.05 14.04 11.22
CA LYS E 356 31.75 15.25 10.80
C LYS E 356 32.32 15.04 9.40
N PHE E 357 32.08 15.99 8.50
CA PHE E 357 32.76 15.98 7.23
C PHE E 357 34.26 16.06 7.48
N THR E 358 35.00 15.09 6.93
CA THR E 358 36.42 14.94 7.20
C THR E 358 37.11 14.66 5.87
N PRO E 359 38.06 15.53 5.45
CA PRO E 359 38.78 15.29 4.20
C PRO E 359 39.46 13.93 4.14
N VAL E 360 39.66 13.42 2.93
CA VAL E 360 40.16 12.07 2.76
C VAL E 360 41.56 11.88 3.38
N SER E 361 42.42 12.90 3.24
CA SER E 361 43.77 12.86 3.82
C SER E 361 43.83 12.72 5.36
N GLN E 362 42.76 13.09 6.06
CA GLN E 362 42.63 12.86 7.51
C GLN E 362 41.88 11.57 7.88
N CYS E 363 41.35 10.87 6.88
CA CYS E 363 40.78 9.53 7.07
C CYS E 363 41.85 8.45 6.81
N LYS E 364 41.42 7.21 6.70
CA LYS E 364 42.31 6.07 6.53
C LYS E 364 42.56 5.69 5.07
N LEU E 365 43.55 4.85 4.86
CA LEU E 365 43.87 4.34 3.51
C LEU E 365 42.71 3.67 2.76
N ILE E 366 41.86 2.96 3.50
CA ILE E 366 40.70 2.27 2.91
C ILE E 366 39.58 3.22 2.41
N HIS E 367 39.72 4.54 2.67
CA HIS E 367 38.72 5.54 2.23
C HIS E 367 39.05 6.24 0.89
N GLN E 368 40.15 5.83 0.26
CA GLN E 368 40.54 6.28 -1.08
C GLN E 368 39.99 5.31 -2.10
N PRO E 369 39.74 5.79 -3.33
CA PRO E 369 39.47 4.85 -4.41
C PRO E 369 40.62 3.82 -4.51
N PHE E 370 40.28 2.59 -4.82
CA PHE E 370 41.19 1.50 -4.55
C PHE E 370 42.31 1.42 -5.56
N HIS E 371 43.50 1.12 -5.07
CA HIS E 371 44.65 0.88 -5.93
C HIS E 371 44.41 -0.35 -6.79
N ALA E 372 45.12 -0.43 -7.91
CA ALA E 372 45.20 -1.65 -8.72
C ALA E 372 45.72 -2.85 -7.89
N LYS E 373 45.30 -4.05 -8.25
CA LYS E 373 45.72 -5.28 -7.58
C LYS E 373 47.25 -5.39 -7.50
N LEU E 374 47.75 -5.55 -6.29
CA LEU E 374 49.19 -5.57 -6.07
C LEU E 374 49.74 -7.00 -6.00
N PHE E 375 49.09 -7.84 -5.19
CA PHE E 375 49.52 -9.21 -4.93
C PHE E 375 48.51 -10.19 -5.51
N THR E 376 48.92 -11.45 -5.64
CA THR E 376 48.02 -12.57 -5.91
C THR E 376 47.81 -13.36 -4.62
N SER E 377 46.84 -14.28 -4.62
CA SER E 377 46.67 -15.28 -3.55
C SER E 377 47.97 -15.98 -3.21
N LYS E 378 48.66 -16.48 -4.24
CA LYS E 378 49.88 -17.25 -4.07
C LYS E 378 50.98 -16.44 -3.34
N GLU E 379 51.05 -15.13 -3.62
CA GLU E 379 51.97 -14.24 -2.90
C GLU E 379 51.44 -13.86 -1.52
N LEU E 380 50.12 -13.81 -1.35
CA LEU E 380 49.51 -13.22 -0.15
C LEU E 380 48.20 -13.91 0.23
N THR E 381 48.34 -15.03 0.95
CA THR E 381 47.23 -15.68 1.65
C THR E 381 47.59 -15.62 3.14
N VAL E 382 46.93 -14.74 3.88
CA VAL E 382 47.41 -14.39 5.23
C VAL E 382 46.48 -14.87 6.34
N ALA E 383 47.10 -15.22 7.46
CA ALA E 383 46.39 -15.45 8.70
C ALA E 383 46.81 -14.37 9.64
N TYR E 384 46.02 -14.17 10.70
CA TYR E 384 46.29 -13.13 11.68
C TYR E 384 45.95 -13.60 13.10
N THR E 385 46.40 -12.84 14.10
CA THR E 385 46.26 -13.21 15.51
C THR E 385 46.35 -12.01 16.47
N ASN E 386 45.42 -11.96 17.43
CA ASN E 386 45.33 -10.90 18.47
C ASN E 386 44.81 -9.56 17.93
N TYR E 387 44.06 -9.60 16.82
CA TYR E 387 43.38 -8.43 16.29
C TYR E 387 41.92 -8.54 16.72
N PHE E 388 41.39 -7.46 17.30
CA PHE E 388 40.06 -7.50 17.92
C PHE E 388 39.06 -6.54 17.26
N GLY E 389 37.82 -7.02 17.08
CA GLY E 389 36.69 -6.22 16.62
C GLY E 389 36.89 -5.59 15.24
N SER E 390 36.81 -4.26 15.21
CA SER E 390 36.99 -3.52 13.97
C SER E 390 38.39 -3.68 13.36
N GLN E 391 39.39 -4.05 14.16
CA GLN E 391 40.71 -4.36 13.63
C GLN E 391 40.72 -5.57 12.71
N ARG E 392 39.83 -6.54 12.98
CA ARG E 392 39.68 -7.72 12.12
C ARG E 392 39.03 -7.32 10.81
N PHE E 393 38.06 -6.41 10.88
CA PHE E 393 37.43 -5.87 9.68
C PHE E 393 38.48 -5.15 8.82
N TYR E 394 39.30 -4.32 9.45
CA TYR E 394 40.26 -3.50 8.74
C TYR E 394 41.35 -4.34 8.08
N ILE E 395 41.98 -5.22 8.85
CA ILE E 395 43.02 -6.11 8.34
C ILE E 395 42.51 -6.96 7.17
N GLN E 396 41.24 -7.42 7.24
CA GLN E 396 40.59 -8.16 6.14
C GLN E 396 40.35 -7.28 4.90
N ARG E 397 39.74 -6.12 5.09
CA ARG E 397 39.60 -5.13 4.02
C ARG E 397 40.94 -4.83 3.33
N LEU E 398 41.99 -4.66 4.12
CA LEU E 398 43.33 -4.31 3.62
C LEU E 398 43.96 -5.41 2.74
N VAL E 399 43.80 -6.66 3.17
CA VAL E 399 44.31 -7.81 2.41
C VAL E 399 43.57 -7.94 1.08
N GLU E 400 42.25 -7.78 1.15
CA GLU E 400 41.36 -7.77 -0.02
C GLU E 400 41.85 -6.77 -1.07
N ILE E 401 41.99 -5.50 -0.68
CA ILE E 401 42.38 -4.45 -1.61
C ILE E 401 43.85 -4.50 -2.00
N LEU E 402 44.67 -5.21 -1.23
CA LEU E 402 46.04 -5.55 -1.67
C LEU E 402 46.07 -6.57 -2.81
N GLY E 403 45.02 -7.40 -2.90
CA GLY E 403 44.90 -8.41 -3.95
C GLY E 403 44.91 -9.85 -3.43
N GLY E 404 45.14 -10.02 -2.13
CA GLY E 404 45.27 -11.33 -1.53
C GLY E 404 44.03 -11.89 -0.87
N LEU E 405 44.21 -13.04 -0.21
CA LEU E 405 43.16 -13.76 0.49
C LEU E 405 43.52 -13.77 1.98
N SER E 406 42.52 -13.74 2.84
CA SER E 406 42.75 -13.90 4.29
C SER E 406 41.95 -15.08 4.82
N THR E 407 42.50 -15.74 5.84
CA THR E 407 41.96 -16.99 6.40
C THR E 407 41.68 -16.86 7.90
N PRO E 408 40.61 -17.52 8.40
CA PRO E 408 40.30 -17.45 9.83
C PRO E 408 41.31 -18.23 10.71
N GLU E 409 41.82 -19.35 10.20
CA GLU E 409 42.77 -20.18 10.93
C GLU E 409 44.11 -20.33 10.19
N LEU E 410 45.13 -20.71 10.95
CA LEU E 410 46.49 -20.89 10.45
C LEU E 410 46.69 -22.31 9.94
N THR E 411 46.88 -22.46 8.63
CA THR E 411 47.31 -23.72 8.02
C THR E 411 48.58 -23.47 7.21
N ARG E 412 49.15 -24.53 6.65
CA ARG E 412 50.36 -24.43 5.81
C ARG E 412 50.10 -23.80 4.43
N LYS E 413 48.84 -23.67 4.04
CA LYS E 413 48.47 -22.84 2.87
C LYS E 413 48.84 -21.35 3.07
N ASN E 414 48.81 -20.85 4.31
CA ASN E 414 49.12 -19.45 4.59
C ASN E 414 50.55 -19.08 4.22
N THR E 415 50.71 -17.93 3.55
CA THR E 415 52.02 -17.37 3.17
C THR E 415 52.59 -16.47 4.24
N HIS E 416 51.71 -15.88 5.05
CA HIS E 416 52.09 -14.98 6.13
C HIS E 416 51.20 -15.17 7.35
N LEU E 417 51.79 -14.97 8.53
CA LEU E 417 51.02 -14.66 9.72
C LEU E 417 51.28 -13.19 9.99
N ILE E 418 50.21 -12.43 10.22
CA ILE E 418 50.33 -11.03 10.66
C ILE E 418 50.10 -10.97 12.17
N THR E 419 50.94 -10.23 12.89
CA THR E 419 50.86 -10.18 14.36
C THR E 419 51.34 -8.83 14.94
N LYS E 420 50.67 -8.38 16.00
CA LYS E 420 51.08 -7.21 16.80
C LYS E 420 52.10 -7.61 17.85
N SER E 421 52.05 -8.89 18.26
CA SER E 421 52.63 -9.35 19.52
C SER E 421 53.23 -10.74 19.37
N THR E 422 53.86 -11.22 20.45
CA THR E 422 54.44 -12.57 20.49
C THR E 422 53.56 -13.60 21.22
N ILE E 423 52.37 -13.20 21.69
CA ILE E 423 51.55 -14.10 22.50
C ILE E 423 50.57 -14.94 21.66
N GLY E 424 50.16 -16.07 22.24
CA GLY E 424 49.19 -16.97 21.61
C GLY E 424 49.82 -18.14 20.89
N LYS E 425 48.98 -19.14 20.58
CA LYS E 425 49.42 -20.37 19.94
C LYS E 425 49.82 -20.14 18.47
N LYS E 426 48.97 -19.42 17.73
CA LYS E 426 49.20 -19.11 16.31
C LYS E 426 50.59 -18.52 16.03
N PHE E 427 50.99 -17.54 16.83
CA PHE E 427 52.34 -16.95 16.71
C PHE E 427 53.43 -17.99 16.94
N LYS E 428 53.24 -18.82 17.97
CA LYS E 428 54.22 -19.84 18.34
C LYS E 428 54.36 -20.90 17.24
N VAL E 429 53.22 -21.35 16.69
CA VAL E 429 53.20 -22.34 15.60
C VAL E 429 53.82 -21.78 14.32
N ALA E 430 53.50 -20.53 13.97
CA ALA E 430 54.04 -19.88 12.78
C ALA E 430 55.52 -19.55 12.92
N LYS E 431 55.96 -19.25 14.14
CA LYS E 431 57.37 -18.98 14.41
C LYS E 431 58.25 -20.21 14.13
N LYS E 432 57.73 -21.41 14.42
CA LYS E 432 58.45 -22.67 14.12
C LYS E 432 58.45 -22.95 12.61
N TRP E 433 57.29 -22.79 11.98
CA TRP E 433 57.16 -22.94 10.54
C TRP E 433 58.05 -21.98 9.74
N SER E 434 58.35 -20.80 10.28
CA SER E 434 59.22 -19.85 9.59
C SER E 434 60.66 -20.35 9.41
N LEU E 435 61.09 -21.26 10.29
CA LEU E 435 62.43 -21.88 10.21
C LEU E 435 62.58 -22.95 9.10
N ASP E 436 61.46 -23.47 8.58
CA ASP E 436 61.44 -24.53 7.53
C ASP E 436 62.26 -24.18 6.25
N PRO E 437 62.57 -25.20 5.40
CA PRO E 437 63.67 -25.04 4.44
C PRO E 437 63.38 -24.20 3.19
N GLN E 438 62.36 -24.55 2.42
CA GLN E 438 62.00 -23.84 1.17
C GLN E 438 60.59 -23.23 1.23
N ASN E 439 59.59 -24.08 1.44
CA ASN E 439 58.18 -23.64 1.59
C ASN E 439 57.99 -23.00 2.98
N ALA E 440 58.32 -21.71 3.07
CA ALA E 440 58.44 -21.02 4.37
C ALA E 440 57.52 -19.80 4.49
N ILE E 441 56.46 -19.95 5.29
CA ILE E 441 55.65 -18.84 5.81
C ILE E 441 56.49 -17.74 6.50
N ILE E 442 56.05 -16.50 6.36
CA ILE E 442 56.74 -15.32 6.90
C ILE E 442 55.88 -14.72 8.01
N VAL E 443 56.50 -14.29 9.10
CA VAL E 443 55.81 -13.66 10.20
C VAL E 443 56.25 -12.21 10.21
N THR E 444 55.27 -11.30 10.20
CA THR E 444 55.52 -9.87 10.09
C THR E 444 54.35 -9.08 10.70
N ASN E 445 54.55 -7.80 10.98
CA ASN E 445 53.49 -6.98 11.55
C ASN E 445 52.57 -6.33 10.51
N HIS E 446 51.44 -5.80 10.97
CA HIS E 446 50.42 -5.18 10.11
C HIS E 446 50.93 -3.96 9.35
N MET E 447 51.98 -3.31 9.85
CA MET E 447 52.53 -2.14 9.20
C MET E 447 53.15 -2.47 7.83
N TRP E 448 53.53 -3.72 7.61
CA TRP E 448 53.92 -4.20 6.28
C TRP E 448 52.74 -4.07 5.29
N LEU E 449 51.56 -4.53 5.70
CA LEU E 449 50.38 -4.44 4.84
C LEU E 449 50.03 -2.98 4.53
N GLU E 450 50.04 -2.14 5.56
CA GLU E 450 49.69 -0.73 5.40
C GLU E 450 50.69 0.00 4.49
N GLN E 451 51.99 -0.13 4.77
CA GLN E 451 53.02 0.56 3.99
C GLN E 451 53.12 0.05 2.55
N CYS E 452 52.87 -1.25 2.35
CA CYS E 452 52.76 -1.83 1.01
C CYS E 452 51.67 -1.14 0.22
N TYR E 453 50.47 -1.03 0.82
CA TYR E 453 49.35 -0.36 0.15
C TYR E 453 49.65 1.12 -0.05
N MET E 454 50.18 1.79 0.97
CA MET E 454 50.43 3.23 0.87
C MET E 454 51.47 3.53 -0.21
N ASN E 455 52.60 2.83 -0.18
CA ASN E 455 53.62 2.98 -1.23
C ASN E 455 53.28 2.32 -2.58
N ASN E 456 52.28 1.43 -2.60
CA ASN E 456 51.88 0.66 -3.80
C ASN E 456 53.08 -0.16 -4.33
N SER E 457 53.65 -0.93 -3.42
CA SER E 457 54.95 -1.57 -3.61
C SER E 457 55.04 -2.85 -2.79
N LYS E 458 55.64 -3.88 -3.37
CA LYS E 458 55.87 -5.13 -2.65
C LYS E 458 57.13 -4.99 -1.84
N LEU E 459 56.95 -4.43 -0.64
CA LEU E 459 58.04 -4.27 0.32
C LEU E 459 58.44 -5.62 0.88
N ASN E 460 59.67 -5.69 1.40
CA ASN E 460 60.15 -6.92 2.04
C ASN E 460 59.61 -6.98 3.48
N PRO E 461 58.80 -8.02 3.80
CA PRO E 461 58.27 -8.14 5.16
C PRO E 461 59.31 -8.44 6.25
N LYS E 462 60.48 -8.96 5.85
CA LYS E 462 61.59 -9.25 6.77
C LYS E 462 62.45 -8.05 7.12
N ASP E 463 62.16 -6.88 6.53
CA ASP E 463 62.79 -5.62 6.97
C ASP E 463 62.50 -5.43 8.45
N SER E 464 63.37 -4.71 9.15
CA SER E 464 63.33 -4.69 10.62
C SER E 464 62.13 -3.93 11.22
N ARG E 465 61.70 -2.85 10.55
CA ARG E 465 60.51 -2.10 10.99
C ARG E 465 59.23 -2.95 10.98
N PHE E 466 59.17 -3.95 10.09
CA PHE E 466 58.04 -4.88 10.05
C PHE E 466 58.22 -6.17 10.87
N GLN E 467 59.34 -6.28 11.59
CA GLN E 467 59.58 -7.38 12.55
C GLN E 467 59.49 -6.89 14.03
N ASN E 468 58.99 -5.67 14.20
CA ASN E 468 58.67 -5.11 15.51
C ASN E 468 57.38 -5.77 15.99
N PHE E 469 57.49 -6.66 16.97
CA PHE E 469 56.34 -7.34 17.58
C PHE E 469 56.10 -6.88 19.02
N LYS E 470 56.51 -5.65 19.31
CA LYS E 470 56.21 -4.98 20.56
C LYS E 470 55.44 -3.69 20.23
N LEU E 471 54.40 -3.83 19.41
CA LEU E 471 53.61 -2.68 18.93
C LEU E 471 52.64 -2.14 19.99
N ASP E 472 52.28 -2.97 20.96
CA ASP E 472 51.44 -2.55 22.08
C ASP E 472 52.10 -1.48 22.97
N ASP E 473 53.42 -1.31 22.89
CA ASP E 473 54.12 -0.20 23.59
C ASP E 473 53.73 1.21 23.13
N ASN E 474 53.19 1.37 21.93
CA ASN E 474 52.74 2.68 21.44
C ASN E 474 51.38 2.57 20.76
N MET E 475 50.44 3.40 21.17
CA MET E 475 49.07 3.37 20.65
C MET E 475 49.01 3.90 19.20
N GLY E 476 49.97 4.74 18.82
CA GLY E 476 50.14 5.20 17.44
C GLY E 476 50.45 4.12 16.41
N TRP E 477 50.86 2.94 16.87
CA TRP E 477 51.07 1.78 15.99
C TRP E 477 49.84 0.87 15.81
N ASN E 478 48.68 1.26 16.35
CA ASN E 478 47.43 0.55 16.08
C ASN E 478 47.17 0.45 14.56
N ILE E 479 46.78 -0.73 14.11
CA ILE E 479 46.38 -0.90 12.72
C ILE E 479 45.31 0.14 12.35
N GLY E 480 45.51 0.78 11.19
CA GLY E 480 44.65 1.84 10.68
C GLY E 480 45.20 3.26 10.81
N GLN E 481 46.26 3.46 11.58
CA GLN E 481 46.84 4.81 11.75
C GLN E 481 47.79 5.28 10.63
N ILE E 482 48.34 4.36 9.84
CA ILE E 482 49.28 4.69 8.76
C ILE E 482 48.55 5.34 7.58
N GLY E 483 48.95 6.57 7.25
CA GLY E 483 48.35 7.35 6.17
C GLY E 483 47.21 8.27 6.60
N MET E 484 47.27 8.75 7.86
CA MET E 484 46.22 9.61 8.45
C MET E 484 46.62 11.08 8.59
N ASP E 485 47.87 11.38 8.92
CA ASP E 485 48.30 12.78 9.15
C ASP E 485 47.47 13.48 10.24
N SER F 1 32.67 -25.97 11.92
CA SER F 1 33.29 -26.41 10.62
C SER F 1 32.41 -26.09 9.40
N ILE F 2 33.05 -25.94 8.24
CA ILE F 2 32.42 -25.37 7.03
C ILE F 2 31.32 -26.23 6.39
N ILE F 3 30.53 -25.58 5.52
CA ILE F 3 29.54 -26.25 4.68
C ILE F 3 29.84 -25.90 3.21
N TYR F 4 29.73 -24.61 2.86
CA TYR F 4 30.17 -24.12 1.53
C TYR F 4 31.25 -23.06 1.65
N GLU F 5 32.29 -23.20 0.84
CA GLU F 5 33.42 -22.26 0.80
C GLU F 5 33.71 -21.92 -0.67
N PRO F 6 33.35 -20.69 -1.11
CA PRO F 6 33.46 -20.35 -2.54
C PRO F 6 34.90 -20.23 -3.00
N GLU F 7 35.11 -20.43 -4.30
CA GLU F 7 36.43 -20.29 -4.88
C GLU F 7 36.79 -18.80 -4.91
N PHE F 8 38.03 -18.49 -4.55
CA PHE F 8 38.52 -17.11 -4.56
C PHE F 8 38.77 -16.67 -6.00
N ASN F 9 38.14 -15.56 -6.41
CA ASN F 9 38.41 -14.94 -7.70
C ASN F 9 39.50 -13.88 -7.52
N GLU F 10 40.56 -14.00 -8.30
CA GLU F 10 41.74 -13.13 -8.18
C GLU F 10 41.46 -11.67 -8.54
N ASN F 11 40.52 -11.42 -9.45
CA ASN F 11 40.25 -10.06 -9.97
C ASN F 11 38.82 -9.56 -9.69
N TYR F 12 38.18 -10.10 -8.65
CA TYR F 12 36.79 -9.71 -8.32
C TYR F 12 36.65 -8.20 -8.02
N LEU F 13 37.56 -7.67 -7.21
CA LEU F 13 37.61 -6.24 -6.89
C LEU F 13 38.04 -5.30 -8.04
N TRP F 14 38.46 -5.83 -9.19
CA TRP F 14 38.84 -5.00 -10.36
C TRP F 14 38.10 -5.30 -11.69
N ALA F 15 37.29 -6.37 -11.75
CA ALA F 15 36.61 -6.81 -12.98
C ALA F 15 35.58 -5.81 -13.51
N GLU F 16 35.56 -5.63 -14.84
CA GLU F 16 34.63 -4.70 -15.52
C GLU F 16 33.63 -5.50 -16.34
N SER G 2 2.60 22.94 13.19
CA SER G 2 1.17 22.63 13.54
C SER G 2 0.96 22.53 15.05
N THR G 3 -0.31 22.46 15.44
CA THR G 3 -0.73 22.34 16.84
C THR G 3 -1.88 21.33 16.94
N SER G 4 -2.25 20.98 18.18
CA SER G 4 -3.34 20.04 18.46
C SER G 4 -3.71 20.09 19.95
N LEU G 5 -4.74 19.32 20.32
CA LEU G 5 -5.12 19.15 21.74
C LEU G 5 -4.62 17.80 22.34
N LEU G 6 -3.53 17.25 21.78
CA LEU G 6 -3.06 15.91 22.12
C LEU G 6 -2.78 15.73 23.61
N PHE G 7 -2.07 16.71 24.19
CA PHE G 7 -1.68 16.67 25.59
C PHE G 7 -2.54 17.54 26.49
N GLU G 8 -3.82 17.75 26.12
CA GLU G 8 -4.68 18.67 26.89
C GLU G 8 -4.86 18.18 28.32
N GLN G 9 -4.66 19.11 29.26
CA GLN G 9 -4.81 18.88 30.69
C GLN G 9 -3.78 17.90 31.33
N LEU G 10 -2.68 17.62 30.62
CA LEU G 10 -1.58 16.80 31.13
C LEU G 10 -0.38 17.67 31.50
N ASN G 11 0.36 17.21 32.51
CA ASN G 11 1.48 17.91 33.11
C ASN G 11 2.74 17.05 32.94
N PHE G 12 3.84 17.71 32.61
CA PHE G 12 5.08 17.04 32.27
C PHE G 12 6.21 17.61 33.10
N LEU G 13 7.06 16.74 33.64
CA LEU G 13 8.30 17.16 34.30
C LEU G 13 9.46 16.70 33.42
N ILE G 14 10.16 17.65 32.80
CA ILE G 14 11.34 17.34 32.01
C ILE G 14 12.52 17.44 32.95
N LEU G 15 13.29 16.35 33.03
CA LEU G 15 14.50 16.29 33.84
C LEU G 15 15.70 16.45 32.92
N VAL G 16 16.65 17.29 33.33
CA VAL G 16 17.82 17.62 32.53
C VAL G 16 19.04 17.17 33.31
N ALA G 17 19.77 16.21 32.74
CA ALA G 17 20.87 15.54 33.45
C ALA G 17 22.16 16.32 33.31
N ALA G 18 22.46 16.77 32.09
CA ALA G 18 23.65 17.57 31.79
C ALA G 18 23.26 18.88 31.11
N GLU G 19 24.15 19.87 31.19
CA GLU G 19 23.93 21.18 30.57
C GLU G 19 23.73 21.08 29.03
N ALA G 20 24.42 20.12 28.40
CA ALA G 20 24.27 19.84 26.96
C ALA G 20 22.89 19.29 26.55
N GLU G 21 22.10 18.81 27.51
CA GLU G 21 20.72 18.41 27.25
C GLU G 21 19.72 19.58 27.12
N LEU G 22 20.14 20.82 27.42
CA LEU G 22 19.22 21.98 27.34
C LEU G 22 18.51 22.18 25.98
N PRO G 23 19.24 22.07 24.84
CA PRO G 23 18.58 22.14 23.53
C PRO G 23 17.41 21.17 23.31
N ILE G 24 17.60 19.88 23.62
CA ILE G 24 16.52 18.89 23.47
C ILE G 24 15.38 19.14 24.47
N ALA G 25 15.72 19.56 25.70
CA ALA G 25 14.73 19.89 26.73
C ALA G 25 13.79 21.01 26.28
N HIS G 26 14.37 22.08 25.73
CA HIS G 26 13.60 23.23 25.21
C HIS G 26 12.78 22.84 23.99
N SER G 27 13.39 22.10 23.06
CA SER G 27 12.68 21.63 21.86
C SER G 27 11.52 20.67 22.17
N THR G 28 11.69 19.83 23.20
CA THR G 28 10.63 18.95 23.71
C THR G 28 9.53 19.75 24.42
N ARG G 29 9.91 20.69 25.28
CA ARG G 29 8.96 21.63 25.90
C ARG G 29 8.15 22.43 24.85
N LYS G 30 8.78 22.75 23.71
CA LYS G 30 8.11 23.42 22.60
C LYS G 30 7.05 22.51 21.97
N LEU G 31 7.44 21.27 21.69
CA LEU G 31 6.48 20.26 21.22
C LEU G 31 5.30 20.08 22.18
N LEU G 32 5.59 20.05 23.48
CA LEU G 32 4.56 19.85 24.50
C LEU G 32 3.56 21.01 24.60
N MET G 33 4.08 22.24 24.68
CA MET G 33 3.24 23.44 24.74
C MET G 33 2.39 23.65 23.48
N ASP G 34 2.99 23.49 22.31
CA ASP G 34 2.26 23.57 21.02
C ASP G 34 1.11 22.55 20.86
N ASN G 35 1.16 21.45 21.60
CA ASN G 35 0.08 20.46 21.58
C ASN G 35 -0.70 20.47 22.91
N SER G 36 -0.93 21.67 23.44
CA SER G 36 -1.86 21.96 24.53
C SER G 36 -1.55 21.38 25.91
N CYS G 37 -0.28 21.12 26.24
CA CYS G 37 0.05 20.64 27.59
C CYS G 37 -0.31 21.73 28.61
N ASN G 38 -0.84 21.32 29.77
CA ASN G 38 -1.30 22.26 30.80
C ASN G 38 -0.11 22.95 31.49
N ASN G 39 0.78 22.14 32.08
CA ASN G 39 1.98 22.62 32.76
C ASN G 39 3.20 21.85 32.22
N CYS G 40 4.37 22.47 32.30
CA CYS G 40 5.61 21.82 31.87
C CYS G 40 6.82 22.38 32.60
N GLN G 41 7.08 21.84 33.78
CA GLN G 41 8.28 22.16 34.55
C GLN G 41 9.52 21.58 33.86
N ILE G 42 10.64 22.31 33.97
CA ILE G 42 11.96 21.87 33.54
C ILE G 42 12.77 21.85 34.82
N TYR G 43 13.44 20.74 35.12
CA TYR G 43 14.23 20.63 36.35
C TYR G 43 15.65 20.16 36.04
N GLU G 44 16.63 21.01 36.33
CA GLU G 44 18.02 20.75 36.01
C GLU G 44 18.65 20.03 37.21
N LEU G 45 19.10 18.79 36.98
CA LEU G 45 19.63 17.92 38.07
C LEU G 45 21.04 18.31 38.48
N TYR G 46 21.87 18.60 37.47
CA TYR G 46 23.20 19.22 37.64
C TYR G 46 23.21 20.58 38.36
N ASN G 47 22.15 21.37 38.17
CA ASN G 47 22.08 22.77 38.65
C ASN G 47 21.63 22.95 40.12
N GLU G 48 21.42 21.85 40.84
CA GLU G 48 21.10 21.90 42.28
C GLU G 48 21.86 20.80 43.02
N ASN G 49 22.44 21.14 44.17
CA ASN G 49 23.12 20.16 45.02
C ASN G 49 22.06 19.28 45.69
N LEU G 50 21.84 18.10 45.09
CA LEU G 50 20.72 17.23 45.45
C LEU G 50 21.08 16.14 46.47
N LYS G 51 22.39 15.91 46.70
CA LYS G 51 22.85 14.95 47.73
C LYS G 51 22.63 15.55 49.12
N ASP G 52 22.49 14.67 50.13
CA ASP G 52 22.09 15.02 51.52
C ASP G 52 20.62 15.46 51.71
N VAL G 53 19.91 15.76 50.61
CA VAL G 53 18.48 16.01 50.64
C VAL G 53 17.76 14.67 50.53
N LYS G 54 16.84 14.40 51.46
CA LYS G 54 15.98 13.22 51.38
C LYS G 54 14.89 13.48 50.32
N THR G 55 15.13 13.01 49.09
CA THR G 55 14.19 13.22 47.97
C THR G 55 13.13 12.12 47.95
N ASP G 56 12.33 12.09 49.03
CA ASP G 56 11.32 11.05 49.22
C ASP G 56 9.99 11.53 48.61
N LYS G 57 8.89 10.84 48.92
CA LYS G 57 7.58 11.19 48.36
C LYS G 57 7.15 12.63 48.72
N ASP G 58 7.24 12.98 49.99
CA ASP G 58 6.83 14.31 50.46
C ASP G 58 7.68 15.44 49.86
N TRP G 59 8.97 15.19 49.66
CA TRP G 59 9.81 16.15 48.93
C TRP G 59 9.25 16.39 47.52
N PHE G 60 9.00 15.29 46.81
CA PHE G 60 8.53 15.33 45.42
C PHE G 60 7.18 16.03 45.28
N MET G 61 6.27 15.77 46.22
CA MET G 61 4.93 16.36 46.20
C MET G 61 4.99 17.86 46.53
N ASN G 62 5.84 18.26 47.48
CA ASN G 62 6.07 19.69 47.78
C ASN G 62 6.76 20.46 46.65
N LYS G 63 7.77 19.84 46.03
CA LYS G 63 8.54 20.51 44.99
C LYS G 63 7.77 20.64 43.68
N PHE G 64 7.14 19.56 43.23
CA PHE G 64 6.48 19.54 41.91
C PHE G 64 4.95 19.47 41.94
N GLY G 65 4.36 19.42 43.15
CA GLY G 65 2.89 19.39 43.30
C GLY G 65 2.36 20.71 43.86
N PRO G 66 1.16 20.73 44.46
CA PRO G 66 0.32 19.55 44.74
C PRO G 66 -0.27 18.84 43.52
N GLN G 67 -0.38 19.54 42.39
CA GLN G 67 -0.91 18.97 41.16
C GLN G 67 -0.05 17.79 40.69
N THR G 68 -0.69 16.79 40.08
CA THR G 68 0.03 15.61 39.64
C THR G 68 0.89 15.86 38.40
N VAL G 69 1.96 15.09 38.28
CA VAL G 69 2.77 15.00 37.08
C VAL G 69 2.33 13.73 36.37
N HIS G 70 1.99 13.86 35.09
CA HIS G 70 1.48 12.74 34.31
C HIS G 70 2.62 11.92 33.69
N PHE G 71 3.64 12.61 33.19
CA PHE G 71 4.84 12.00 32.62
C PHE G 71 6.09 12.73 33.09
N VAL G 72 7.11 11.96 33.47
CA VAL G 72 8.44 12.48 33.68
C VAL G 72 9.23 12.20 32.39
N ILE G 73 9.90 13.22 31.87
CA ILE G 73 10.66 13.08 30.62
C ILE G 73 12.15 13.14 30.94
N SER G 74 12.84 12.03 30.71
CA SER G 74 14.24 11.85 31.10
C SER G 74 14.85 10.76 30.23
N ASN G 75 16.11 10.94 29.86
CA ASN G 75 16.88 9.95 29.08
C ASN G 75 17.65 8.98 29.97
N THR G 76 17.46 9.11 31.29
CA THR G 76 18.12 8.28 32.28
C THR G 76 17.18 8.07 33.48
N ILE G 77 17.41 6.98 34.21
CA ILE G 77 16.80 6.77 35.54
C ILE G 77 17.71 7.23 36.69
N ASN G 78 18.88 7.81 36.38
CA ASN G 78 19.86 8.18 37.41
C ASN G 78 19.55 9.54 38.04
N PHE G 79 18.43 9.59 38.76
CA PHE G 79 18.10 10.69 39.65
C PHE G 79 17.57 10.08 40.95
N PRO G 80 17.80 10.74 42.10
CA PRO G 80 17.55 10.05 43.39
C PRO G 80 16.08 9.91 43.80
N PHE G 81 15.13 10.32 42.95
CA PHE G 81 13.70 10.18 43.23
C PHE G 81 12.99 9.30 42.18
N TYR G 82 13.76 8.51 41.43
CA TYR G 82 13.18 7.63 40.40
C TYR G 82 12.24 6.58 40.96
N LYS G 83 12.64 5.96 42.07
CA LYS G 83 11.86 4.87 42.68
C LYS G 83 10.53 5.38 43.22
N ILE G 84 10.58 6.52 43.89
CA ILE G 84 9.38 7.25 44.35
C ILE G 84 8.40 7.53 43.21
N VAL G 85 8.92 8.13 42.14
CA VAL G 85 8.16 8.46 40.93
C VAL G 85 7.54 7.23 40.25
N TYR G 86 8.39 6.27 39.90
CA TYR G 86 8.01 5.13 39.05
C TYR G 86 7.24 4.03 39.80
N PHE G 87 7.78 3.59 40.94
CA PHE G 87 7.24 2.45 41.67
C PHE G 87 6.13 2.82 42.66
N ASP G 88 6.24 3.98 43.30
CA ASP G 88 5.26 4.41 44.30
C ASP G 88 4.13 5.18 43.63
N LEU G 89 4.41 6.37 43.12
CA LEU G 89 3.36 7.21 42.51
C LEU G 89 2.82 6.71 41.15
N LEU G 90 3.51 5.76 40.54
CA LEU G 90 3.10 5.12 39.26
C LEU G 90 3.10 6.07 38.07
N ILE G 91 4.11 6.94 38.04
CA ILE G 91 4.27 7.95 36.99
C ILE G 91 5.25 7.41 35.94
N PRO G 92 4.83 7.35 34.67
CA PRO G 92 5.80 6.92 33.64
C PRO G 92 7.02 7.84 33.55
N VAL G 93 8.19 7.23 33.32
CA VAL G 93 9.43 7.93 33.01
C VAL G 93 9.78 7.50 31.59
N VAL G 94 9.80 8.46 30.66
CA VAL G 94 10.01 8.19 29.22
C VAL G 94 11.10 9.09 28.62
N SER G 95 11.74 8.59 27.56
CA SER G 95 12.68 9.40 26.81
C SER G 95 11.96 10.49 26.01
N HIS G 96 12.70 11.56 25.73
CA HIS G 96 12.24 12.67 24.88
C HIS G 96 11.56 12.17 23.58
N THR G 97 12.06 11.06 23.04
CA THR G 97 11.49 10.44 21.84
C THR G 97 10.01 10.03 21.97
N TRP G 98 9.54 9.79 23.20
CA TRP G 98 8.12 9.53 23.43
C TRP G 98 7.23 10.69 22.97
N VAL G 99 7.66 11.91 23.27
CA VAL G 99 6.93 13.11 22.87
C VAL G 99 6.94 13.28 21.36
N GLN G 100 8.13 13.18 20.76
CA GLN G 100 8.31 13.32 19.31
C GLN G 100 7.36 12.41 18.54
N ASP G 101 7.39 11.12 18.89
CA ASP G 101 6.61 10.09 18.19
C ASP G 101 5.12 10.17 18.43
N SER G 102 4.73 10.57 19.64
CA SER G 102 3.32 10.73 19.98
C SER G 102 2.70 11.86 19.13
N VAL G 103 3.41 12.99 19.05
CA VAL G 103 3.00 14.11 18.20
C VAL G 103 2.93 13.70 16.71
N LYS G 104 3.89 12.89 16.26
CA LYS G 104 3.91 12.38 14.88
C LYS G 104 2.69 11.48 14.63
N THR G 105 2.56 10.44 15.44
CA THR G 105 1.48 9.46 15.28
C THR G 105 0.08 9.96 15.75
N LYS G 106 0.03 11.12 16.41
CA LYS G 106 -1.25 11.76 16.84
C LYS G 106 -2.04 10.97 17.91
N ARG G 107 -1.33 10.22 18.75
CA ARG G 107 -1.95 9.54 19.90
C ARG G 107 -0.98 9.40 21.08
N HIS G 108 -1.54 9.14 22.26
CA HIS G 108 -0.76 8.82 23.45
C HIS G 108 -0.17 7.43 23.21
N LEU G 109 1.10 7.37 22.84
CA LEU G 109 1.77 6.08 22.61
C LEU G 109 2.05 5.37 23.92
N ARG G 110 2.10 4.05 23.85
CA ARG G 110 2.36 3.23 25.02
C ARG G 110 3.80 3.53 25.51
N THR G 111 3.94 3.74 26.81
CA THR G 111 5.18 4.27 27.40
C THR G 111 6.30 3.24 27.54
N ASN G 112 5.96 1.95 27.50
CA ASN G 112 6.90 0.87 27.86
C ASN G 112 8.20 0.91 27.07
N MET G 113 8.12 1.04 25.76
CA MET G 113 9.34 1.02 24.94
C MET G 113 10.24 2.25 25.05
N TYR G 114 9.73 3.32 25.65
CA TYR G 114 10.51 4.56 25.84
C TYR G 114 11.14 4.70 27.23
N SER G 115 10.98 3.67 28.08
CA SER G 115 11.60 3.64 29.40
C SER G 115 13.13 3.52 29.29
N PRO G 116 13.87 4.45 29.92
CA PRO G 116 15.33 4.34 29.96
C PRO G 116 15.90 3.43 31.05
N ASN G 117 15.05 2.68 31.77
CA ASN G 117 15.52 1.67 32.73
C ASN G 117 16.19 0.49 31.99
N PRO G 118 17.52 0.27 32.19
CA PRO G 118 18.16 -0.90 31.56
C PRO G 118 17.68 -2.27 32.06
N PHE G 119 17.00 -2.34 33.21
CA PHE G 119 16.34 -3.58 33.67
C PHE G 119 15.06 -3.90 32.87
N HIS G 120 14.52 -2.93 32.15
CA HIS G 120 13.33 -3.18 31.32
C HIS G 120 13.69 -3.86 30.01
N LEU G 121 14.06 -5.13 30.12
CA LEU G 121 14.56 -5.91 29.02
C LEU G 121 13.43 -6.40 28.12
N LEU G 122 12.22 -6.48 28.65
CA LEU G 122 11.08 -6.95 27.87
C LEU G 122 10.18 -5.81 27.45
N ARG G 123 10.71 -4.58 27.48
CA ARG G 123 9.98 -3.37 27.05
C ARG G 123 9.24 -3.47 25.69
N ASP G 124 9.77 -4.27 24.76
CA ASP G 124 9.18 -4.43 23.41
C ASP G 124 8.24 -5.63 23.26
N CYS G 125 7.97 -6.35 24.36
CA CYS G 125 7.15 -7.56 24.33
C CYS G 125 5.72 -7.29 24.75
N GLN G 126 4.78 -7.96 24.06
CA GLN G 126 3.37 -8.03 24.43
C GLN G 126 3.10 -9.51 24.77
N VAL G 127 2.75 -9.80 26.02
CA VAL G 127 2.78 -11.17 26.52
C VAL G 127 1.41 -11.63 26.99
N TYR G 128 0.94 -12.76 26.46
CA TYR G 128 -0.28 -13.42 26.95
C TYR G 128 0.10 -14.61 27.84
N ILE G 129 -0.39 -14.63 29.08
CA ILE G 129 -0.13 -15.74 30.00
C ILE G 129 -1.36 -16.67 29.99
N SER G 130 -1.18 -17.90 29.53
CA SER G 130 -2.30 -18.83 29.42
C SER G 130 -2.74 -19.29 30.82
N LYS G 131 -3.95 -18.90 31.22
CA LYS G 131 -4.53 -19.34 32.49
C LYS G 131 -4.88 -20.84 32.56
N SER G 132 -4.95 -21.52 31.43
CA SER G 132 -5.13 -22.97 31.38
C SER G 132 -3.83 -23.74 31.66
N SER G 133 -2.67 -23.06 31.61
CA SER G 133 -1.37 -23.64 32.04
C SER G 133 -1.03 -23.45 33.54
N PHE G 134 -1.65 -22.48 34.20
CA PHE G 134 -1.14 -22.01 35.51
C PHE G 134 -2.27 -21.87 36.52
N ASN G 135 -1.93 -22.07 37.79
CA ASN G 135 -2.85 -21.75 38.86
C ASN G 135 -2.76 -20.25 39.17
N LYS G 136 -3.82 -19.75 39.79
CA LYS G 136 -3.94 -18.37 40.24
C LYS G 136 -2.63 -17.70 40.69
N CYS G 137 -1.86 -18.38 41.54
CA CYS G 137 -0.70 -17.78 42.17
C CYS G 137 0.47 -17.66 41.21
N GLU G 138 0.67 -18.71 40.42
CA GLU G 138 1.64 -18.71 39.34
C GLU G 138 1.37 -17.57 38.37
N TYR G 139 0.10 -17.36 38.03
CA TYR G 139 -0.32 -16.31 37.11
C TYR G 139 0.01 -14.93 37.67
N ILE G 140 -0.23 -14.71 38.94
CA ILE G 140 0.13 -13.43 39.55
C ILE G 140 1.65 -13.22 39.54
N LEU G 141 2.43 -14.23 39.94
CA LEU G 141 3.90 -14.12 39.96
C LEU G 141 4.47 -13.84 38.57
N TYR G 142 4.01 -14.57 37.55
CA TYR G 142 4.49 -14.30 36.17
C TYR G 142 4.11 -12.91 35.66
N SER G 143 2.89 -12.45 35.95
CA SER G 143 2.42 -11.11 35.58
C SER G 143 3.27 -10.03 36.25
N ASP G 144 3.45 -10.17 37.57
CA ASP G 144 4.26 -9.20 38.31
C ASP G 144 5.69 -9.07 37.80
N LEU G 145 6.30 -10.19 37.43
CA LEU G 145 7.70 -10.18 36.99
C LEU G 145 7.85 -9.64 35.57
N LEU G 146 6.91 -9.96 34.69
CA LEU G 146 6.89 -9.36 33.38
C LEU G 146 6.74 -7.83 33.46
N HIS G 147 5.81 -7.36 34.30
CA HIS G 147 5.64 -5.92 34.50
C HIS G 147 6.92 -5.25 35.04
N LEU G 148 7.61 -5.92 35.95
CA LEU G 148 8.86 -5.42 36.51
C LEU G 148 9.96 -5.35 35.45
N LEU G 149 9.87 -6.19 34.42
CA LEU G 149 10.79 -6.17 33.28
C LEU G 149 10.32 -5.30 32.10
N GLY G 150 9.29 -4.48 32.29
CA GLY G 150 8.86 -3.51 31.28
C GLY G 150 7.89 -4.01 30.22
N GLY G 151 7.55 -5.30 30.22
CA GLY G 151 6.60 -5.83 29.23
C GLY G 151 5.17 -5.37 29.41
N THR G 152 4.35 -5.58 28.39
CA THR G 152 2.92 -5.31 28.42
C THR G 152 2.18 -6.65 28.52
N LEU G 153 1.28 -6.78 29.51
CA LEU G 153 0.35 -7.92 29.61
C LEU G 153 -0.91 -7.68 28.80
N VAL G 154 -1.39 -8.73 28.12
CA VAL G 154 -2.63 -8.67 27.33
C VAL G 154 -3.49 -9.90 27.61
N ASN G 155 -4.82 -9.71 27.67
CA ASN G 155 -5.78 -10.81 27.93
C ASN G 155 -6.35 -11.41 26.63
N TYR G 156 -5.61 -11.30 25.54
CA TYR G 156 -6.00 -11.86 24.24
C TYR G 156 -4.73 -12.19 23.44
N ILE G 157 -4.88 -13.03 22.42
CA ILE G 157 -3.82 -13.28 21.45
C ILE G 157 -4.18 -12.51 20.18
N SER G 158 -3.27 -11.66 19.72
CA SER G 158 -3.45 -10.89 18.48
C SER G 158 -2.18 -10.96 17.64
N ASN G 159 -2.23 -10.34 16.45
CA ASN G 159 -1.05 -10.17 15.60
C ASN G 159 0.05 -9.31 16.26
N ARG G 160 -0.33 -8.49 17.23
CA ARG G 160 0.63 -7.71 18.05
C ARG G 160 1.33 -8.50 19.17
N THR G 161 0.79 -9.65 19.56
CA THR G 161 1.34 -10.47 20.65
C THR G 161 2.70 -11.08 20.27
N THR G 162 3.73 -10.82 21.09
CA THR G 162 5.07 -11.34 20.85
C THR G 162 5.32 -12.71 21.49
N HIS G 163 4.62 -13.00 22.59
CA HIS G 163 4.88 -14.21 23.39
C HIS G 163 3.61 -14.75 24.04
N VAL G 164 3.42 -16.06 23.95
CA VAL G 164 2.45 -16.78 24.77
C VAL G 164 3.20 -17.66 25.78
N ILE G 165 2.86 -17.50 27.07
CA ILE G 165 3.53 -18.26 28.13
C ILE G 165 2.71 -19.52 28.43
N VAL G 166 3.37 -20.67 28.39
CA VAL G 166 2.76 -21.97 28.63
C VAL G 166 3.66 -22.78 29.55
N GLN G 167 3.07 -23.73 30.28
CA GLN G 167 3.80 -24.54 31.25
C GLN G 167 4.41 -25.76 30.59
N SER G 168 3.64 -26.39 29.70
CA SER G 168 4.04 -27.59 29.01
C SER G 168 3.25 -27.74 27.71
N PRO G 169 3.61 -28.75 26.87
CA PRO G 169 2.81 -29.15 25.70
C PRO G 169 1.41 -29.70 25.99
N GLN G 170 1.09 -30.03 27.24
CA GLN G 170 -0.28 -30.45 27.62
C GLN G 170 -1.33 -29.32 27.60
N ASP G 171 -0.91 -28.06 27.57
CA ASP G 171 -1.85 -26.92 27.62
C ASP G 171 -2.81 -26.96 26.40
N PRO G 172 -4.14 -27.00 26.65
CA PRO G 172 -5.16 -26.96 25.59
C PRO G 172 -5.01 -25.82 24.57
N ILE G 173 -4.59 -24.64 25.03
CA ILE G 173 -4.46 -23.46 24.17
C ILE G 173 -3.50 -23.61 22.96
N ILE G 174 -2.53 -24.53 23.08
CA ILE G 174 -1.61 -24.82 21.99
C ILE G 174 -2.42 -25.34 20.81
N ALA G 175 -3.20 -26.39 21.08
CA ALA G 175 -4.08 -27.01 20.08
C ALA G 175 -5.17 -26.05 19.61
N THR G 176 -5.82 -25.35 20.54
CA THR G 176 -6.90 -24.40 20.20
C THR G 176 -6.46 -23.36 19.18
N VAL G 177 -5.31 -22.74 19.43
CA VAL G 177 -4.76 -21.68 18.57
C VAL G 177 -4.15 -22.23 17.26
N SER G 178 -3.66 -23.47 17.29
CA SER G 178 -3.22 -24.18 16.07
C SER G 178 -4.36 -24.29 15.05
N LYS G 179 -5.55 -24.62 15.56
CA LYS G 179 -6.79 -24.73 14.77
C LYS G 179 -7.11 -23.46 13.98
N LEU G 180 -6.95 -22.30 14.62
CA LEU G 180 -7.43 -21.02 14.10
C LEU G 180 -6.47 -20.40 13.08
N THR G 181 -5.17 -20.69 13.19
CA THR G 181 -4.18 -20.36 12.15
C THR G 181 -3.22 -21.54 11.94
N ARG G 199 0.71 -16.79 13.80
CA ARG G 199 1.47 -15.84 13.01
C ARG G 199 2.88 -15.59 13.61
N GLU G 200 3.06 -14.53 14.41
CA GLU G 200 4.40 -14.10 14.91
C GLU G 200 4.71 -14.36 16.39
N TRP G 201 3.69 -14.66 17.20
CA TRP G 201 3.91 -14.98 18.62
C TRP G 201 4.73 -16.27 18.79
N LYS G 202 5.60 -16.28 19.79
CA LYS G 202 6.37 -17.47 20.13
C LYS G 202 5.78 -18.09 21.41
N PHE G 203 5.59 -19.41 21.42
CA PHE G 203 5.25 -20.11 22.65
C PHE G 203 6.51 -20.27 23.47
N VAL G 204 6.49 -19.84 24.72
CA VAL G 204 7.64 -19.98 25.60
C VAL G 204 7.27 -20.52 26.99
N TYR G 205 8.24 -21.10 27.69
CA TYR G 205 8.07 -21.49 29.06
C TYR G 205 8.32 -20.28 29.96
N PRO G 206 7.79 -20.29 31.20
CA PRO G 206 8.00 -19.16 32.13
C PRO G 206 9.46 -18.81 32.38
N ILE G 207 10.36 -19.78 32.23
CA ILE G 207 11.79 -19.51 32.29
C ILE G 207 12.30 -18.41 31.33
N TRP G 208 11.57 -18.18 30.22
CA TRP G 208 11.78 -16.98 29.40
C TRP G 208 11.70 -15.70 30.26
N ILE G 209 10.67 -15.59 31.09
CA ILE G 209 10.55 -14.45 32.01
C ILE G 209 11.65 -14.48 33.10
N LEU G 210 11.74 -15.62 33.78
CA LEU G 210 12.59 -15.78 34.96
C LEU G 210 14.08 -15.54 34.72
N TYR G 211 14.60 -15.95 33.54
CA TYR G 211 16.01 -15.71 33.20
C TYR G 211 16.29 -14.20 33.19
N HIS G 212 15.45 -13.46 32.47
CA HIS G 212 15.61 -12.02 32.37
C HIS G 212 15.56 -11.35 33.71
N PHE G 213 14.69 -11.82 34.60
CA PHE G 213 14.60 -11.26 35.95
C PHE G 213 15.82 -11.63 36.78
N LYS G 214 16.21 -12.90 36.76
CA LYS G 214 17.34 -13.36 37.57
C LYS G 214 18.70 -12.85 37.05
N MET G 215 18.92 -12.95 35.75
CA MET G 215 20.22 -12.63 35.16
C MET G 215 20.35 -11.18 34.68
N ALA G 216 19.23 -10.46 34.59
CA ALA G 216 19.22 -9.03 34.23
C ALA G 216 20.03 -8.75 32.96
N LYS G 217 19.75 -9.53 31.93
CA LYS G 217 20.42 -9.41 30.63
C LYS G 217 19.59 -10.18 29.61
N PRO G 218 19.77 -9.88 28.31
CA PRO G 218 18.97 -10.58 27.32
C PRO G 218 19.26 -12.07 27.23
N LEU G 219 18.24 -12.83 26.83
CA LEU G 219 18.30 -14.29 26.76
C LEU G 219 18.78 -14.61 25.33
N LYS G 220 19.93 -15.28 25.22
CA LYS G 220 20.54 -15.58 23.91
C LYS G 220 21.19 -16.97 23.87
N GLY G 221 21.53 -17.42 22.67
CA GLY G 221 22.21 -18.70 22.46
C GLY G 221 21.30 -19.89 22.64
N GLU G 222 21.86 -20.96 23.18
CA GLU G 222 21.13 -22.22 23.41
C GLU G 222 20.13 -22.11 24.56
N LEU G 223 20.44 -21.28 25.55
CA LEU G 223 19.52 -21.05 26.66
C LEU G 223 18.19 -20.45 26.21
N ALA G 224 18.22 -19.59 25.19
CA ALA G 224 16.98 -19.10 24.55
C ALA G 224 16.22 -20.20 23.83
N THR G 225 16.95 -21.13 23.23
CA THR G 225 16.34 -22.28 22.58
C THR G 225 15.63 -23.18 23.61
N LEU G 226 16.27 -23.40 24.75
CA LEU G 226 15.67 -24.21 25.83
C LEU G 226 14.38 -23.63 26.49
N CYS G 227 14.16 -22.31 26.39
CA CYS G 227 12.90 -21.67 26.84
C CYS G 227 11.75 -21.77 25.80
N GLU G 228 12.00 -22.35 24.63
CA GLU G 228 10.96 -22.50 23.61
C GLU G 228 10.12 -23.74 23.90
N LEU G 229 8.82 -23.63 23.65
CA LEU G 229 7.92 -24.77 23.67
C LEU G 229 8.51 -25.84 22.77
N ASP G 230 8.73 -27.02 23.34
CA ASP G 230 9.20 -28.20 22.61
C ASP G 230 8.15 -29.28 22.88
N MET G 231 7.54 -29.77 21.81
CA MET G 231 6.40 -30.71 21.91
C MET G 231 6.77 -32.13 22.33
N GLN G 232 8.07 -32.43 22.37
CA GLN G 232 8.56 -33.68 22.99
C GLN G 232 8.83 -33.59 24.52
N ASP G 233 8.65 -32.42 25.13
CA ASP G 233 8.62 -32.32 26.61
C ASP G 233 7.28 -32.83 27.16
N THR G 234 7.07 -34.15 27.15
CA THR G 234 5.78 -34.76 27.54
C THR G 234 5.77 -35.35 28.96
N SER G 235 6.86 -35.17 29.69
CA SER G 235 6.97 -35.62 31.08
C SER G 235 7.40 -34.47 31.99
N GLU G 236 7.01 -34.55 33.26
CA GLU G 236 7.46 -33.60 34.27
C GLU G 236 8.99 -33.54 34.35
N GLU G 237 9.63 -34.71 34.26
CA GLU G 237 11.09 -34.79 34.36
C GLU G 237 11.87 -33.93 33.36
N GLN G 238 11.40 -33.91 32.11
CA GLN G 238 12.05 -33.13 31.06
C GLN G 238 11.87 -31.61 31.27
N LEU G 239 10.70 -31.22 31.77
CA LEU G 239 10.45 -29.83 32.13
C LEU G 239 11.39 -29.38 33.25
N PHE G 240 11.56 -30.22 34.29
CA PHE G 240 12.51 -29.91 35.37
C PHE G 240 13.91 -29.70 34.82
N ALA G 241 14.33 -30.56 33.88
CA ALA G 241 15.69 -30.48 33.30
C ALA G 241 15.94 -29.17 32.56
N LYS G 242 14.92 -28.69 31.85
CA LYS G 242 14.97 -27.40 31.13
C LYS G 242 15.07 -26.21 32.07
N TRP G 243 14.25 -26.19 33.12
CA TRP G 243 14.34 -25.18 34.17
C TRP G 243 15.71 -25.17 34.86
N GLU G 244 16.24 -26.34 35.21
CA GLU G 244 17.53 -26.41 35.91
C GLU G 244 18.68 -25.95 35.02
N GLU G 245 18.60 -26.24 33.72
CA GLU G 245 19.67 -25.81 32.82
C GLU G 245 19.62 -24.29 32.59
N VAL G 246 18.42 -23.70 32.59
CA VAL G 246 18.25 -22.28 32.30
C VAL G 246 18.42 -21.37 33.52
N ILE G 247 17.79 -21.70 34.66
CA ILE G 247 17.92 -20.84 35.86
C ILE G 247 18.50 -21.49 37.10
N GLY G 248 18.92 -22.74 37.02
CA GLY G 248 19.58 -23.40 38.14
C GLY G 248 20.99 -22.89 38.35
N ASP G 249 21.75 -23.58 39.20
CA ASP G 249 23.06 -23.11 39.66
C ASP G 249 24.07 -22.84 38.53
N LYS G 250 23.95 -21.65 37.94
CA LYS G 250 24.73 -21.23 36.75
C LYS G 250 24.81 -19.71 36.62
N GLN G 256 23.21 -7.26 38.22
CA GLN G 256 22.70 -7.60 39.55
C GLN G 256 23.31 -6.65 40.59
N LEU G 257 24.64 -6.60 40.63
CA LEU G 257 25.42 -5.80 41.59
C LEU G 257 25.19 -4.29 41.46
N THR G 258 24.89 -3.81 40.24
CA THR G 258 24.64 -2.38 40.00
C THR G 258 23.17 -2.06 39.79
N LEU G 259 22.36 -3.01 39.31
CA LEU G 259 20.93 -2.77 39.05
C LEU G 259 20.06 -2.89 40.31
N HIS G 260 20.37 -3.85 41.19
CA HIS G 260 19.66 -4.03 42.47
C HIS G 260 20.67 -4.33 43.59
N PRO G 261 21.49 -3.32 43.96
CA PRO G 261 22.69 -3.53 44.78
C PRO G 261 22.46 -4.01 46.21
N ASN G 262 21.31 -3.69 46.80
CA ASN G 262 21.04 -4.09 48.18
C ASN G 262 20.90 -5.62 48.27
N LYS G 263 22.02 -6.26 48.58
CA LYS G 263 22.09 -7.72 48.75
C LYS G 263 21.72 -8.19 50.14
N THR G 264 21.47 -7.25 51.07
CA THR G 264 20.99 -7.58 52.41
C THR G 264 19.58 -7.02 52.65
N LEU G 265 18.80 -6.92 51.56
CA LEU G 265 17.43 -6.37 51.61
C LEU G 265 16.59 -7.05 52.69
N PHE G 266 16.67 -8.39 52.73
CA PHE G 266 15.94 -9.25 53.68
C PHE G 266 16.80 -9.83 54.82
N LYS G 267 17.91 -9.17 55.15
CA LYS G 267 18.66 -9.51 56.36
C LYS G 267 17.77 -9.41 57.61
N ASN G 268 17.85 -10.45 58.45
CA ASN G 268 17.06 -10.60 59.68
C ASN G 268 15.55 -10.84 59.47
N HIS G 269 15.14 -11.14 58.24
CA HIS G 269 13.75 -11.54 57.98
C HIS G 269 13.70 -13.02 57.63
N HIS G 270 12.71 -13.69 58.20
CA HIS G 270 12.49 -15.10 57.96
C HIS G 270 11.04 -15.24 57.50
N PHE G 271 10.88 -15.64 56.23
CA PHE G 271 9.59 -15.78 55.57
C PHE G 271 9.05 -17.20 55.69
N ALA G 272 7.80 -17.29 56.13
CA ALA G 272 7.02 -18.52 56.11
C ALA G 272 6.15 -18.49 54.86
N ILE G 273 6.29 -19.52 54.03
CA ILE G 273 5.65 -19.58 52.71
C ILE G 273 4.41 -20.45 52.82
N SER G 274 3.25 -19.86 52.58
CA SER G 274 1.98 -20.58 52.65
C SER G 274 1.87 -21.69 51.60
N PRO G 275 1.27 -22.83 51.97
CA PRO G 275 1.02 -23.86 50.96
C PRO G 275 -0.05 -23.51 49.95
N ASP G 276 -0.86 -22.47 50.18
CA ASP G 276 -1.85 -21.99 49.17
C ASP G 276 -1.21 -21.38 47.90
N LEU G 277 0.10 -21.11 47.91
CA LEU G 277 0.82 -20.73 46.68
C LEU G 277 0.80 -21.87 45.67
N ASN G 278 1.14 -23.08 46.12
CA ASN G 278 1.04 -24.29 45.29
C ASN G 278 1.78 -24.17 43.95
N PHE G 279 3.02 -23.71 44.03
CA PHE G 279 3.84 -23.51 42.82
C PHE G 279 4.41 -24.81 42.28
N PHE G 280 4.59 -24.83 40.96
CA PHE G 280 5.48 -25.77 40.29
C PHE G 280 6.80 -25.76 41.05
N THR G 281 7.29 -26.94 41.44
CA THR G 281 8.38 -27.04 42.39
C THR G 281 9.62 -26.20 42.00
N PRO G 282 10.03 -26.24 40.72
CA PRO G 282 11.11 -25.33 40.28
C PRO G 282 10.85 -23.82 40.46
N LEU G 283 9.58 -23.40 40.37
CA LEU G 283 9.21 -22.00 40.63
C LEU G 283 9.37 -21.65 42.10
N TYR G 284 9.01 -22.58 42.99
CA TYR G 284 9.31 -22.42 44.41
C TYR G 284 10.83 -22.27 44.66
N TRP G 285 11.64 -23.02 43.92
CA TRP G 285 13.11 -22.91 44.05
C TRP G 285 13.62 -21.55 43.59
N PHE G 286 13.08 -21.05 42.48
CA PHE G 286 13.35 -19.68 42.08
C PHE G 286 13.04 -18.65 43.18
N LEU G 287 11.85 -18.74 43.78
CA LEU G 287 11.43 -17.82 44.82
C LEU G 287 12.27 -17.93 46.09
N LYS G 288 12.53 -19.17 46.52
CA LYS G 288 13.38 -19.46 47.67
C LYS G 288 14.78 -18.86 47.51
N GLY G 289 15.37 -19.08 46.33
CA GLY G 289 16.70 -18.58 46.01
C GLY G 289 16.75 -17.06 46.00
N PHE G 290 15.76 -16.46 45.36
CA PHE G 290 15.60 -15.00 45.31
C PHE G 290 15.62 -14.38 46.71
N ILE G 291 14.86 -14.96 47.64
CA ILE G 291 14.85 -14.51 49.03
C ILE G 291 16.21 -14.71 49.71
N GLU G 292 16.78 -15.91 49.57
CA GLU G 292 18.10 -16.25 50.17
C GLU G 292 19.26 -15.41 49.61
N ASP G 293 19.20 -15.11 48.31
CA ASP G 293 20.13 -14.21 47.63
C ASP G 293 20.16 -12.76 48.17
N LEU G 294 19.05 -12.35 48.79
CA LEU G 294 18.95 -11.07 49.49
C LEU G 294 19.04 -11.26 51.01
N ASP G 295 19.67 -12.35 51.44
CA ASP G 295 19.98 -12.64 52.84
C ASP G 295 18.76 -12.91 53.73
N GLY G 296 17.66 -13.36 53.12
CA GLY G 296 16.48 -13.81 53.86
C GLY G 296 16.53 -15.30 54.12
N LYS G 297 15.74 -15.74 55.08
CA LYS G 297 15.52 -17.16 55.31
C LYS G 297 14.09 -17.52 54.93
N VAL G 298 13.90 -18.79 54.57
CA VAL G 298 12.65 -19.32 54.02
C VAL G 298 12.30 -20.64 54.71
N THR G 299 11.05 -20.75 55.15
CA THR G 299 10.49 -21.98 55.66
C THR G 299 9.17 -22.26 54.90
N PRO G 300 9.07 -23.40 54.21
CA PRO G 300 7.81 -23.75 53.58
C PRO G 300 6.84 -24.32 54.61
N LEU G 301 5.59 -23.88 54.57
CA LEU G 301 4.55 -24.46 55.41
C LEU G 301 3.80 -25.48 54.58
N SER G 302 3.24 -26.50 55.23
CA SER G 302 2.33 -27.42 54.56
C SER G 302 1.07 -27.66 55.37
N PHE G 303 0.05 -28.20 54.71
CA PHE G 303 -1.26 -28.43 55.34
C PHE G 303 -1.21 -29.45 56.48
N SER G 304 -0.22 -30.35 56.46
CA SER G 304 -0.01 -31.33 57.53
C SER G 304 0.80 -30.83 58.74
N ASP G 305 1.60 -29.78 58.56
CA ASP G 305 2.38 -29.20 59.68
C ASP G 305 1.49 -28.84 60.87
N ASP G 306 1.92 -29.19 62.08
CA ASP G 306 1.38 -28.59 63.30
C ASP G 306 2.08 -27.24 63.44
N LEU G 307 1.31 -26.16 63.29
CA LEU G 307 1.90 -24.83 63.19
C LEU G 307 2.59 -24.35 64.47
N LYS G 308 2.11 -24.78 65.63
CA LYS G 308 2.75 -24.41 66.92
C LYS G 308 4.18 -24.88 66.99
N SER G 309 4.44 -26.14 66.64
CA SER G 309 5.81 -26.68 66.63
C SER G 309 6.73 -26.02 65.60
N VAL G 310 6.20 -25.70 64.41
CA VAL G 310 7.01 -25.01 63.38
C VAL G 310 7.44 -23.61 63.84
N TYR G 311 6.47 -22.81 64.31
CA TYR G 311 6.76 -21.44 64.80
C TYR G 311 7.56 -21.45 66.12
N GLN G 312 7.42 -22.51 66.92
CA GLN G 312 8.28 -22.70 68.10
C GLN G 312 9.71 -23.08 67.69
N ALA G 313 9.86 -23.96 66.70
CA ALA G 313 11.20 -24.40 66.24
C ALA G 313 11.97 -23.36 65.43
N PHE G 314 11.26 -22.37 64.89
CA PHE G 314 11.87 -21.29 64.10
C PHE G 314 11.30 -19.98 64.62
N PRO G 315 11.78 -19.56 65.81
CA PRO G 315 11.19 -18.41 66.48
C PRO G 315 11.49 -17.06 65.81
N ASP G 316 12.48 -17.01 64.92
CA ASP G 316 12.81 -15.79 64.19
C ASP G 316 11.91 -15.53 62.96
N ILE G 317 10.92 -16.42 62.69
CA ILE G 317 9.93 -16.16 61.66
C ILE G 317 9.17 -14.87 61.97
N ASP G 318 9.23 -13.91 61.05
CA ASP G 318 8.58 -12.60 61.25
C ASP G 318 7.73 -12.15 60.04
N CYS G 319 7.57 -13.02 59.04
CA CYS G 319 6.85 -12.71 57.81
C CYS G 319 6.11 -13.95 57.31
N TYR G 320 4.91 -13.74 56.77
CA TYR G 320 4.09 -14.77 56.13
C TYR G 320 3.79 -14.34 54.72
N ILE G 321 4.11 -15.19 53.76
CA ILE G 321 3.76 -14.99 52.36
C ILE G 321 2.69 -16.01 51.94
N GLY G 322 1.56 -15.51 51.44
CA GLY G 322 0.48 -16.35 50.96
C GLY G 322 -0.38 -15.65 49.93
N HIS G 323 -1.21 -16.44 49.26
CA HIS G 323 -2.12 -15.91 48.26
C HIS G 323 -3.38 -15.23 48.82
N SER G 324 -4.09 -15.95 49.70
CA SER G 324 -5.46 -15.61 50.08
C SER G 324 -5.54 -15.07 51.50
N ALA G 325 -6.39 -14.06 51.70
CA ALA G 325 -6.61 -13.47 53.02
C ALA G 325 -7.37 -14.39 53.94
N ASN G 326 -8.11 -15.33 53.37
CA ASN G 326 -9.01 -16.22 54.11
C ASN G 326 -8.43 -17.60 54.37
N SER G 327 -7.11 -17.77 54.18
CA SER G 327 -6.48 -19.05 54.37
C SER G 327 -6.59 -19.50 55.82
N PRO G 328 -7.03 -20.76 56.07
CA PRO G 328 -7.05 -21.22 57.47
C PRO G 328 -5.64 -21.25 58.06
N ILE G 329 -4.62 -21.49 57.23
CA ILE G 329 -3.21 -21.44 57.67
C ILE G 329 -2.87 -20.03 58.17
N LEU G 330 -3.25 -19.02 57.41
CA LEU G 330 -3.01 -17.62 57.84
C LEU G 330 -3.71 -17.30 59.16
N GLU G 331 -4.92 -17.84 59.36
CA GLU G 331 -5.70 -17.55 60.57
C GLU G 331 -5.06 -18.13 61.83
N LYS G 332 -4.60 -19.38 61.76
CA LYS G 332 -3.80 -19.99 62.82
C LYS G 332 -2.47 -19.29 63.06
N THR G 333 -1.85 -18.82 61.98
CA THR G 333 -0.60 -18.07 62.07
C THR G 333 -0.79 -16.77 62.86
N LYS G 334 -1.80 -15.97 62.50
CA LYS G 334 -2.09 -14.72 63.23
C LYS G 334 -2.36 -14.94 64.73
N SER G 335 -3.00 -16.06 65.05
CA SER G 335 -3.27 -16.46 66.45
C SER G 335 -2.00 -16.76 67.26
N ILE G 336 -0.98 -17.32 66.62
CA ILE G 336 0.27 -17.73 67.27
C ILE G 336 1.33 -16.62 67.25
N LYS G 337 1.39 -15.88 66.14
CA LYS G 337 2.36 -14.81 65.90
C LYS G 337 1.59 -13.52 65.57
N PRO G 338 1.06 -12.84 66.60
CA PRO G 338 0.12 -11.73 66.33
C PRO G 338 0.72 -10.48 65.64
N GLU G 339 2.03 -10.25 65.78
CA GLU G 339 2.70 -9.13 65.09
C GLU G 339 3.43 -9.54 63.79
N ILE G 340 3.04 -10.67 63.19
CA ILE G 340 3.65 -11.15 61.94
C ILE G 340 3.29 -10.23 60.76
N HIS G 341 4.28 -9.93 59.92
CA HIS G 341 4.07 -9.23 58.65
C HIS G 341 3.32 -10.20 57.71
N VAL G 342 2.18 -9.76 57.17
CA VAL G 342 1.31 -10.59 56.32
C VAL G 342 1.29 -10.02 54.91
N GLY G 343 2.08 -10.60 54.01
CA GLY G 343 2.14 -10.13 52.63
C GLY G 343 1.86 -11.23 51.63
N ASN G 344 1.93 -10.87 50.35
CA ASN G 344 1.81 -11.82 49.26
C ASN G 344 3.14 -11.76 48.50
N VAL G 345 3.23 -12.54 47.43
CA VAL G 345 4.44 -12.57 46.60
C VAL G 345 4.73 -11.20 45.92
N SER G 346 3.69 -10.46 45.58
CA SER G 346 3.85 -9.12 45.01
C SER G 346 4.62 -8.18 45.95
N TRP G 347 4.32 -8.27 47.24
CA TRP G 347 4.99 -7.51 48.28
C TRP G 347 6.50 -7.70 48.27
N LEU G 348 6.97 -8.94 48.10
CA LEU G 348 8.41 -9.24 48.00
C LEU G 348 9.07 -8.47 46.87
N PHE G 349 8.44 -8.50 45.71
CA PHE G 349 8.98 -7.90 44.51
C PHE G 349 8.85 -6.39 44.51
N TYR G 350 7.85 -5.87 45.20
CA TYR G 350 7.71 -4.42 45.38
C TYR G 350 8.84 -3.88 46.28
N MET G 351 9.17 -4.61 47.35
CA MET G 351 10.31 -4.28 48.21
C MET G 351 11.65 -4.32 47.47
N PHE G 352 11.79 -5.28 46.57
CA PHE G 352 12.95 -5.38 45.67
C PHE G 352 13.07 -4.16 44.75
N ALA G 353 11.95 -3.72 44.17
CA ALA G 353 11.94 -2.53 43.31
C ALA G 353 12.32 -1.25 44.09
N LEU G 354 11.76 -1.07 45.28
CA LEU G 354 12.10 0.07 46.15
C LEU G 354 13.46 -0.05 46.83
N GLN G 355 14.02 -1.27 46.87
CA GLN G 355 15.30 -1.56 47.48
C GLN G 355 15.30 -1.33 48.98
N LYS G 356 14.15 -1.58 49.60
CA LYS G 356 13.97 -1.31 51.03
C LYS G 356 12.85 -2.18 51.59
N PHE G 357 13.14 -2.89 52.68
CA PHE G 357 12.11 -3.65 53.40
C PHE G 357 11.10 -2.64 53.92
N THR G 358 9.83 -2.86 53.60
CA THR G 358 8.77 -1.91 53.84
C THR G 358 7.55 -2.67 54.38
N PRO G 359 7.14 -2.40 55.63
CA PRO G 359 5.91 -3.01 56.17
C PRO G 359 4.72 -2.90 55.22
N VAL G 360 3.85 -3.90 55.29
CA VAL G 360 2.76 -4.08 54.34
C VAL G 360 1.79 -2.90 54.42
N SER G 361 1.51 -2.45 55.64
CA SER G 361 0.71 -1.22 55.88
C SER G 361 1.25 0.04 55.19
N GLN G 362 2.57 0.11 54.99
CA GLN G 362 3.20 1.20 54.20
C GLN G 362 3.25 0.94 52.69
N CYS G 363 2.84 -0.25 52.26
CA CYS G 363 2.82 -0.60 50.84
C CYS G 363 1.39 -0.39 50.31
N LYS G 364 1.08 -0.97 49.16
CA LYS G 364 -0.22 -0.80 48.52
C LYS G 364 -1.19 -1.93 48.82
N LEU G 365 -2.45 -1.67 48.53
CA LEU G 365 -3.54 -2.64 48.70
C LEU G 365 -3.31 -3.98 48.01
N ILE G 366 -2.72 -3.93 46.82
CA ILE G 366 -2.43 -5.14 46.05
C ILE G 366 -1.33 -6.03 46.65
N HIS G 367 -0.66 -5.57 47.73
CA HIS G 367 0.43 -6.32 48.36
C HIS G 367 0.03 -7.10 49.61
N GLN G 368 -1.25 -7.06 49.99
CA GLN G 368 -1.76 -7.96 51.03
C GLN G 368 -2.27 -9.23 50.35
N PRO G 369 -2.36 -10.34 51.09
CA PRO G 369 -3.05 -11.52 50.55
C PRO G 369 -4.50 -11.19 50.14
N PHE G 370 -4.94 -11.70 49.01
CA PHE G 370 -6.15 -11.17 48.36
C PHE G 370 -7.45 -11.44 49.14
N HIS G 371 -8.34 -10.45 49.13
CA HIS G 371 -9.68 -10.62 49.69
C HIS G 371 -10.44 -11.67 48.90
N ALA G 372 -11.50 -12.20 49.49
CA ALA G 372 -12.48 -13.02 48.74
C ALA G 372 -13.09 -12.23 47.57
N LYS G 373 -13.71 -12.97 46.65
CA LYS G 373 -14.37 -12.39 45.48
C LYS G 373 -15.46 -11.44 45.95
N LEU G 374 -15.31 -10.15 45.65
CA LEU G 374 -16.31 -9.14 46.01
C LEU G 374 -17.47 -9.03 44.99
N PHE G 375 -17.12 -8.86 43.71
CA PHE G 375 -18.05 -8.64 42.61
C PHE G 375 -18.06 -9.81 41.63
N THR G 376 -19.08 -9.89 40.79
CA THR G 376 -19.07 -10.74 39.57
C THR G 376 -18.82 -9.87 38.31
N SER G 377 -18.44 -10.51 37.19
CA SER G 377 -18.42 -9.88 35.85
C SER G 377 -19.68 -9.10 35.55
N LYS G 378 -20.82 -9.72 35.80
CA LYS G 378 -22.10 -9.10 35.56
C LYS G 378 -22.20 -7.76 36.29
N GLU G 379 -21.67 -7.68 37.51
CA GLU G 379 -21.65 -6.41 38.27
C GLU G 379 -20.49 -5.47 37.93
N LEU G 380 -19.35 -6.03 37.51
CA LEU G 380 -18.11 -5.25 37.31
C LEU G 380 -17.38 -5.71 36.05
N THR G 381 -17.74 -5.12 34.91
CA THR G 381 -16.99 -5.27 33.67
C THR G 381 -16.63 -3.85 33.24
N VAL G 382 -15.37 -3.45 33.45
CA VAL G 382 -15.00 -2.03 33.39
C VAL G 382 -14.11 -1.69 32.18
N ALA G 383 -14.29 -0.46 31.70
CA ALA G 383 -13.36 0.17 30.80
C ALA G 383 -12.77 1.35 31.55
N TYR G 384 -11.64 1.85 31.05
CA TYR G 384 -10.93 2.95 31.69
C TYR G 384 -10.21 3.81 30.67
N THR G 385 -9.90 5.03 31.07
CA THR G 385 -9.39 6.03 30.15
C THR G 385 -8.40 6.94 30.83
N ASN G 386 -7.39 7.35 30.07
CA ASN G 386 -6.32 8.25 30.54
C ASN G 386 -5.53 7.69 31.73
N TYR G 387 -5.39 6.37 31.82
CA TYR G 387 -4.50 5.75 32.79
C TYR G 387 -3.23 5.33 32.03
N PHE G 388 -2.08 5.75 32.56
CA PHE G 388 -0.81 5.61 31.85
C PHE G 388 0.22 4.72 32.54
N GLY G 389 0.62 3.67 31.83
CA GLY G 389 1.84 2.93 32.10
C GLY G 389 1.62 1.89 33.18
N SER G 390 2.27 2.09 34.32
CA SER G 390 2.07 1.25 35.48
C SER G 390 0.68 1.43 36.10
N GLN G 391 0.04 2.58 35.85
CA GLN G 391 -1.38 2.77 36.22
C GLN G 391 -2.33 1.83 35.47
N ARG G 392 -1.99 1.44 34.24
CA ARG G 392 -2.79 0.46 33.48
C ARG G 392 -2.70 -0.94 34.08
N PHE G 393 -1.50 -1.32 34.50
CA PHE G 393 -1.28 -2.60 35.17
C PHE G 393 -1.98 -2.58 36.53
N TYR G 394 -1.90 -1.46 37.24
CA TYR G 394 -2.44 -1.40 38.58
C TYR G 394 -3.98 -1.50 38.60
N ILE G 395 -4.63 -0.88 37.65
CA ILE G 395 -6.08 -0.88 37.58
C ILE G 395 -6.64 -2.25 37.13
N GLN G 396 -5.91 -2.92 36.24
CA GLN G 396 -6.29 -4.26 35.78
C GLN G 396 -6.14 -5.30 36.91
N ARG G 397 -5.07 -5.18 37.70
CA ARG G 397 -4.84 -6.02 38.88
C ARG G 397 -5.97 -5.81 39.90
N LEU G 398 -6.30 -4.54 40.16
CA LEU G 398 -7.35 -4.14 41.10
C LEU G 398 -8.74 -4.68 40.70
N VAL G 399 -9.13 -4.51 39.44
CA VAL G 399 -10.40 -5.02 38.95
C VAL G 399 -10.47 -6.54 39.09
N GLU G 400 -9.36 -7.19 38.80
CA GLU G 400 -9.23 -8.64 38.85
C GLU G 400 -9.49 -9.18 40.25
N ILE G 401 -8.75 -8.65 41.22
CA ILE G 401 -8.88 -9.06 42.61
C ILE G 401 -10.21 -8.66 43.28
N LEU G 402 -10.91 -7.67 42.70
CA LEU G 402 -12.28 -7.32 43.09
C LEU G 402 -13.31 -8.34 42.59
N GLY G 403 -12.91 -9.16 41.61
CA GLY G 403 -13.74 -10.24 41.08
C GLY G 403 -14.31 -9.99 39.69
N GLY G 404 -14.05 -8.80 39.15
CA GLY G 404 -14.56 -8.41 37.84
C GLY G 404 -13.61 -8.62 36.68
N LEU G 405 -13.93 -7.92 35.59
CA LEU G 405 -13.25 -8.03 34.31
C LEU G 405 -12.94 -6.62 33.83
N SER G 406 -11.76 -6.41 33.26
CA SER G 406 -11.46 -5.13 32.60
C SER G 406 -11.29 -5.38 31.11
N THR G 407 -11.78 -4.45 30.29
CA THR G 407 -11.76 -4.54 28.83
C THR G 407 -10.93 -3.41 28.22
N PRO G 408 -10.17 -3.70 27.15
CA PRO G 408 -9.25 -2.70 26.58
C PRO G 408 -9.96 -1.47 25.97
N GLU G 409 -11.18 -1.65 25.48
CA GLU G 409 -11.95 -0.57 24.85
C GLU G 409 -13.41 -0.54 25.31
N LEU G 410 -13.99 0.65 25.25
CA LEU G 410 -15.38 0.89 25.69
C LEU G 410 -16.38 0.28 24.73
N THR G 411 -17.24 -0.60 25.23
CA THR G 411 -18.36 -1.18 24.47
C THR G 411 -19.61 -1.21 25.35
N ARG G 412 -20.71 -1.75 24.82
CA ARG G 412 -22.00 -1.73 25.52
C ARG G 412 -22.08 -2.72 26.68
N LYS G 413 -21.30 -3.80 26.62
CA LYS G 413 -21.22 -4.76 27.73
C LYS G 413 -20.51 -4.23 29.00
N ASN G 414 -19.89 -3.06 28.94
CA ASN G 414 -19.30 -2.43 30.13
C ASN G 414 -20.36 -1.91 31.11
N THR G 415 -20.19 -2.24 32.38
CA THR G 415 -21.02 -1.73 33.47
C THR G 415 -20.52 -0.38 33.98
N HIS G 416 -19.23 -0.10 33.78
CA HIS G 416 -18.58 1.12 34.31
C HIS G 416 -17.51 1.67 33.38
N LEU G 417 -17.34 2.98 33.40
CA LEU G 417 -16.12 3.62 32.90
C LEU G 417 -15.38 4.23 34.08
N ILE G 418 -14.14 3.80 34.28
CA ILE G 418 -13.29 4.39 35.32
C ILE G 418 -12.50 5.55 34.70
N THR G 419 -12.41 6.69 35.40
CA THR G 419 -11.71 7.86 34.86
C THR G 419 -11.23 8.84 35.95
N LYS G 420 -10.11 9.51 35.68
CA LYS G 420 -9.52 10.55 36.56
C LYS G 420 -10.01 11.95 36.20
N SER G 421 -10.54 12.10 34.99
CA SER G 421 -10.75 13.41 34.36
C SER G 421 -11.89 13.37 33.34
N THR G 422 -12.18 14.54 32.75
CA THR G 422 -13.24 14.68 31.75
C THR G 422 -12.76 14.69 30.29
N ILE G 423 -11.49 14.38 30.05
CA ILE G 423 -10.93 14.48 28.67
C ILE G 423 -11.07 13.19 27.88
N GLY G 424 -11.02 13.32 26.56
CA GLY G 424 -11.03 12.18 25.65
C GLY G 424 -12.41 11.72 25.27
N LYS G 425 -12.46 10.86 24.25
CA LYS G 425 -13.72 10.38 23.65
C LYS G 425 -14.49 9.42 24.55
N LYS G 426 -13.79 8.47 25.19
CA LYS G 426 -14.45 7.44 26.01
C LYS G 426 -15.38 8.07 27.05
N PHE G 427 -14.85 9.06 27.76
CA PHE G 427 -15.63 9.81 28.74
C PHE G 427 -16.89 10.36 28.10
N LYS G 428 -16.71 11.11 27.00
CA LYS G 428 -17.82 11.75 26.30
C LYS G 428 -18.89 10.75 25.83
N VAL G 429 -18.44 9.62 25.29
CA VAL G 429 -19.37 8.56 24.83
C VAL G 429 -20.10 7.95 26.02
N ALA G 430 -19.34 7.54 27.04
CA ALA G 430 -19.92 6.88 28.22
C ALA G 430 -20.83 7.81 29.04
N LYS G 431 -20.50 9.10 29.07
CA LYS G 431 -21.35 10.10 29.74
C LYS G 431 -22.77 10.17 29.13
N LYS G 432 -22.87 10.07 27.81
CA LYS G 432 -24.18 10.02 27.14
C LYS G 432 -24.92 8.70 27.40
N TRP G 433 -24.20 7.59 27.33
CA TRP G 433 -24.77 6.28 27.72
C TRP G 433 -25.23 6.23 29.18
N SER G 434 -24.60 7.03 30.05
CA SER G 434 -25.00 7.09 31.47
C SER G 434 -26.41 7.63 31.69
N LEU G 435 -26.84 8.55 30.82
CA LEU G 435 -28.19 9.11 30.92
C LEU G 435 -29.31 8.16 30.46
N ASP G 436 -28.97 7.05 29.80
CA ASP G 436 -29.95 6.01 29.43
C ASP G 436 -30.82 5.62 30.64
N PRO G 437 -32.13 5.41 30.42
CA PRO G 437 -33.03 5.11 31.52
C PRO G 437 -32.93 3.67 32.06
N GLN G 438 -32.61 2.69 31.20
CA GLN G 438 -32.67 1.27 31.57
C GLN G 438 -31.32 0.65 31.97
N ASN G 439 -30.48 0.30 30.99
CA ASN G 439 -29.25 -0.49 31.23
C ASN G 439 -28.04 0.46 31.30
N ALA G 440 -28.04 1.32 32.33
CA ALA G 440 -27.11 2.46 32.41
C ALA G 440 -25.71 2.09 32.88
N ILE G 441 -24.73 2.26 32.00
CA ILE G 441 -23.32 2.28 32.38
C ILE G 441 -23.10 3.42 33.39
N ILE G 442 -22.23 3.18 34.38
CA ILE G 442 -21.92 4.20 35.38
C ILE G 442 -20.51 4.72 35.14
N VAL G 443 -20.35 6.04 35.18
CA VAL G 443 -19.05 6.67 35.07
C VAL G 443 -18.64 7.06 36.48
N THR G 444 -17.44 6.62 36.87
CA THR G 444 -16.92 6.85 38.23
C THR G 444 -15.39 6.89 38.23
N ASN G 445 -14.79 7.37 39.32
CA ASN G 445 -13.32 7.45 39.44
C ASN G 445 -12.66 6.21 40.07
N HIS G 446 -11.34 6.10 39.94
CA HIS G 446 -10.60 4.92 40.41
C HIS G 446 -10.68 4.71 41.92
N MET G 447 -10.92 5.78 42.67
CA MET G 447 -11.08 5.69 44.12
C MET G 447 -12.31 4.85 44.52
N TRP G 448 -13.31 4.75 43.64
CA TRP G 448 -14.39 3.80 43.85
C TRP G 448 -13.86 2.38 43.96
N LEU G 449 -13.08 1.95 42.97
CA LEU G 449 -12.41 0.63 42.99
C LEU G 449 -11.59 0.42 44.27
N GLU G 450 -10.72 1.40 44.56
CA GLU G 450 -9.82 1.29 45.70
C GLU G 450 -10.56 1.18 47.04
N GLN G 451 -11.56 2.03 47.25
CA GLN G 451 -12.32 2.03 48.49
C GLN G 451 -13.20 0.78 48.59
N CYS G 452 -13.70 0.29 47.47
CA CYS G 452 -14.42 -0.98 47.48
C CYS G 452 -13.55 -2.10 48.02
N TYR G 453 -12.29 -2.15 47.57
CA TYR G 453 -11.38 -3.22 47.97
C TYR G 453 -10.92 -3.01 49.42
N MET G 454 -10.58 -1.77 49.78
CA MET G 454 -10.10 -1.50 51.15
C MET G 454 -11.16 -1.79 52.22
N ASN G 455 -12.41 -1.38 51.97
CA ASN G 455 -13.53 -1.64 52.89
C ASN G 455 -14.20 -3.00 52.66
N ASN G 456 -13.77 -3.73 51.64
CA ASN G 456 -14.36 -5.01 51.26
C ASN G 456 -15.89 -4.90 51.26
N SER G 457 -16.37 -3.94 50.48
CA SER G 457 -17.78 -3.59 50.42
C SER G 457 -18.17 -3.00 49.07
N LYS G 458 -19.32 -3.42 48.53
CA LYS G 458 -19.85 -2.92 47.26
C LYS G 458 -20.41 -1.51 47.41
N LEU G 459 -19.51 -0.54 47.49
CA LEU G 459 -19.89 0.87 47.64
C LEU G 459 -20.65 1.34 46.42
N ASN G 460 -21.30 2.50 46.57
CA ASN G 460 -22.09 3.12 45.52
C ASN G 460 -21.18 4.00 44.65
N PRO G 461 -21.04 3.69 43.36
CA PRO G 461 -20.18 4.53 42.51
C PRO G 461 -20.70 5.94 42.20
N LYS G 462 -21.92 6.26 42.61
CA LYS G 462 -22.52 7.58 42.42
C LYS G 462 -22.36 8.52 43.61
N ASP G 463 -21.78 8.05 44.73
CA ASP G 463 -21.42 8.93 45.85
C ASP G 463 -20.49 10.04 45.33
N SER G 464 -20.65 11.24 45.87
CA SER G 464 -19.98 12.42 45.32
C SER G 464 -18.46 12.37 45.40
N ARG G 465 -17.91 11.68 46.40
CA ARG G 465 -16.46 11.47 46.48
C ARG G 465 -15.91 10.73 45.25
N PHE G 466 -16.72 9.83 44.69
CA PHE G 466 -16.36 9.06 43.50
C PHE G 466 -16.76 9.68 42.16
N GLN G 467 -17.43 10.84 42.19
CA GLN G 467 -17.76 11.60 40.97
C GLN G 467 -16.81 12.76 40.75
N ASN G 468 -15.85 12.93 41.67
CA ASN G 468 -14.77 13.90 41.53
C ASN G 468 -13.89 13.49 40.34
N PHE G 469 -14.03 14.22 39.23
CA PHE G 469 -13.16 14.08 38.06
C PHE G 469 -12.21 15.27 37.95
N LYS G 470 -11.72 15.76 39.09
CA LYS G 470 -10.68 16.78 39.16
C LYS G 470 -9.50 16.23 39.99
N LEU G 471 -9.26 14.93 39.89
CA LEU G 471 -8.21 14.29 40.70
C LEU G 471 -6.77 14.73 40.36
N ASP G 472 -6.55 15.12 39.09
CA ASP G 472 -5.25 15.64 38.61
C ASP G 472 -4.70 16.82 39.44
N ASP G 473 -5.59 17.55 40.10
CA ASP G 473 -5.21 18.65 40.99
C ASP G 473 -4.52 18.25 42.31
N ASN G 474 -4.50 16.95 42.63
CA ASN G 474 -3.75 16.46 43.80
C ASN G 474 -3.03 15.12 43.58
N MET G 475 -1.72 15.13 43.80
CA MET G 475 -0.88 13.96 43.56
C MET G 475 -1.24 12.81 44.51
N GLY G 476 -1.62 13.16 45.74
CA GLY G 476 -2.17 12.22 46.73
C GLY G 476 -3.34 11.34 46.27
N TRP G 477 -4.13 11.83 45.32
CA TRP G 477 -5.25 11.06 44.72
C TRP G 477 -4.85 10.15 43.54
N ASN G 478 -3.55 10.03 43.23
CA ASN G 478 -3.07 9.07 42.21
C ASN G 478 -3.51 7.65 42.56
N ILE G 479 -3.93 6.89 41.57
CA ILE G 479 -4.28 5.49 41.76
C ILE G 479 -3.09 4.72 42.40
N GLY G 480 -3.41 3.88 43.38
CA GLY G 480 -2.41 3.18 44.17
C GLY G 480 -1.99 3.83 45.48
N GLN G 481 -2.39 5.08 45.72
CA GLN G 481 -2.09 5.76 46.98
C GLN G 481 -3.06 5.46 48.13
N ILE G 482 -4.30 5.10 47.83
CA ILE G 482 -5.26 4.76 48.88
C ILE G 482 -4.83 3.50 49.59
N GLY G 483 -4.62 3.61 50.91
CA GLY G 483 -4.28 2.48 51.78
C GLY G 483 -2.88 2.53 52.37
N MET G 484 -2.07 3.49 51.91
CA MET G 484 -0.68 3.62 52.35
C MET G 484 -0.59 4.38 53.67
N ASP G 485 0.15 3.79 54.62
CA ASP G 485 0.30 4.27 56.02
C ASP G 485 -0.95 3.98 56.87
N SER H 1 -6.51 -6.31 15.86
CA SER H 1 -6.86 -7.50 15.02
C SER H 1 -6.69 -8.83 15.79
N ILE H 2 -7.73 -9.20 16.56
CA ILE H 2 -7.69 -10.38 17.45
C ILE H 2 -7.73 -11.74 16.75
N ILE H 3 -7.13 -12.74 17.41
CA ILE H 3 -7.14 -14.14 16.95
C ILE H 3 -7.75 -15.10 17.99
N TYR H 4 -7.39 -14.95 19.27
CA TYR H 4 -8.00 -15.74 20.34
C TYR H 4 -8.21 -14.90 21.59
N GLU H 5 -9.42 -14.98 22.15
CA GLU H 5 -9.77 -14.33 23.40
C GLU H 5 -10.40 -15.41 24.29
N PRO H 6 -9.81 -15.70 25.46
CA PRO H 6 -10.32 -16.78 26.31
C PRO H 6 -11.59 -16.40 27.05
N GLU H 7 -12.29 -17.41 27.54
CA GLU H 7 -13.54 -17.23 28.28
C GLU H 7 -13.20 -16.87 29.71
N PHE H 8 -13.82 -15.82 30.24
CA PHE H 8 -13.54 -15.36 31.62
C PHE H 8 -14.02 -16.38 32.66
N ASN H 9 -13.14 -16.75 33.57
CA ASN H 9 -13.45 -17.65 34.68
C ASN H 9 -13.70 -16.80 35.94
N GLU H 10 -14.95 -16.80 36.41
CA GLU H 10 -15.38 -16.03 37.58
C GLU H 10 -14.53 -16.28 38.81
N ASN H 11 -14.14 -17.53 39.04
CA ASN H 11 -13.48 -17.94 40.30
C ASN H 11 -12.00 -18.38 40.19
N TYR H 12 -11.33 -18.02 39.08
CA TYR H 12 -9.93 -18.39 38.85
C TYR H 12 -8.98 -18.00 39.99
N LEU H 13 -9.15 -16.78 40.49
CA LEU H 13 -8.28 -16.25 41.55
C LEU H 13 -8.54 -16.84 42.94
N TRP H 14 -9.66 -17.54 43.13
CA TRP H 14 -10.02 -18.19 44.42
C TRP H 14 -10.18 -19.72 44.38
N ALA H 15 -10.01 -20.35 43.22
CA ALA H 15 -10.28 -21.78 43.06
C ALA H 15 -9.19 -22.67 43.70
N GLU H 16 -9.62 -23.83 44.23
CA GLU H 16 -8.74 -24.81 44.87
C GLU H 16 -8.71 -26.11 44.07
#